data_6IEK
#
_entry.id   6IEK
#
_cell.length_a   97.756
_cell.length_b   108.070
_cell.length_c   107.418
_cell.angle_alpha   90.00
_cell.angle_beta   90.34
_cell.angle_gamma   90.00
#
_symmetry.space_group_name_H-M   'P 1 21 1'
#
loop_
_entity.id
_entity.type
_entity.pdbx_description
1 polymer NSmGnGc
2 polymer 'Heavy chain of Fab R12'
3 polymer 'Light chain of Fab R12'
4 water water
#
loop_
_entity_poly.entity_id
_entity_poly.type
_entity_poly.pdbx_seq_one_letter_code
_entity_poly.pdbx_strand_id
1 'polypeptide(L)'
;EDPHLRNRPGKGHNYIDGMTQEDATCKPVTYAGACSSFDVLLEKGKFPLFQSYAHHRTLLEAVHDTIIAKADPPSCDLQS
AHGNPCMKEKLVMKTHCPNDYQSAHYLNNDGKMASVKCPPKYELTEDCNFCRQMTGASLKKGSYPLQDLFCQSSEDDGSK
LKTKMKGVCEVGVQALKKCDGQLSTAHEVVPFAVFKNSKKVYLDKLDLKTEENLLPDSFVCFEHKGQYKGTIDSGQTKRE
LKSFDISQCPKIGGHGSKKCTGDAAFCSAYECTAQYANAYCSHANGSGIVQIQVSGVWKKPLCVGYERVVVKRELS
;
A,D
2 'polypeptide(L)'
;QVQLVQSGAEVKKPGASVKVSCKVSGYTLTELSMHWVRQAPGKGLEWMGGFDREDGETIYAQKFQGRVTMTEDTSTDTAY
MELSSLRSEDTAVYYCAIDPIRYNWNYGDYWGQGTLVTVSSASTKGPSVFPLAPSSKSTSGGTAALGCLVKDYFPEPVTV
SWNSGALTSGVHTFPAVLQSSGLYSLSSVVTVPSSSLGTQTYICNVNHKPSNTKVDKKVEPKSCDK
;
B,E
3 'polypeptide(L)'
;LPVLTQPPSSSASPGESARLTCTLPSDISVSSYNIYWYQQKPGSPPRFLLYYYSDSDKGQGSGVPSRFSGSKDASDNTGI
LLISGLQSEDEADYYCMIWPSNAWVFGGGTKLTVLGQPKAAPSVTLFPPSSEELQANKATLVCLISDFYPGAVTVAWKAD
SSPVKAGVETTTPSKQSNNKYAASSYLSLTPEQWKSHRSYSCQVTHEGSTVEKTVAPTE
;
C,F
#
# COMPACT_ATOMS: atom_id res chain seq x y z
N GLU A 1 -5.03 21.29 8.78
CA GLU A 1 -5.38 19.90 9.10
C GLU A 1 -5.01 19.00 7.93
N ASP A 2 -4.02 18.10 8.16
CA ASP A 2 -3.38 17.43 7.05
C ASP A 2 -4.30 16.43 6.34
N PRO A 3 -4.79 15.37 6.99
CA PRO A 3 -5.64 14.42 6.24
C PRO A 3 -7.06 14.92 6.02
N HIS A 4 -7.52 15.89 6.81
CA HIS A 4 -8.86 16.43 6.66
C HIS A 4 -8.99 17.38 5.48
N LEU A 5 -7.90 17.66 4.76
CA LEU A 5 -8.00 18.41 3.52
C LEU A 5 -8.77 17.65 2.45
N ARG A 6 -8.86 16.32 2.57
CA ARG A 6 -9.68 15.52 1.68
C ARG A 6 -11.13 15.46 2.13
N ASN A 7 -11.43 15.93 3.34
CA ASN A 7 -12.82 16.10 3.79
C ASN A 7 -13.32 17.42 3.19
N ARG A 8 -13.91 17.32 2.01
CA ARG A 8 -14.17 18.49 1.18
C ARG A 8 -15.45 19.21 1.60
N PRO A 9 -15.51 20.52 1.39
CA PRO A 9 -16.78 21.24 1.58
C PRO A 9 -17.75 20.91 0.46
N GLY A 10 -19.03 21.10 0.76
CA GLY A 10 -20.05 20.79 -0.22
C GLY A 10 -20.09 19.30 -0.51
N LYS A 11 -20.35 18.97 -1.79
CA LYS A 11 -20.35 17.56 -2.18
C LYS A 11 -18.94 16.98 -2.30
N GLY A 12 -17.97 17.80 -2.71
CA GLY A 12 -16.63 17.31 -2.89
C GLY A 12 -16.38 16.59 -4.20
N HIS A 13 -17.14 16.94 -5.24
CA HIS A 13 -16.98 16.30 -6.54
C HIS A 13 -15.86 16.97 -7.31
N ASN A 14 -14.87 16.18 -7.71
CA ASN A 14 -13.70 16.68 -8.45
C ASN A 14 -13.52 15.90 -9.74
N TYR A 15 -14.62 15.75 -10.49
CA TYR A 15 -14.61 15.12 -11.80
C TYR A 15 -15.13 16.10 -12.83
N ILE A 16 -14.64 15.96 -14.06
CA ILE A 16 -15.16 16.75 -15.17
C ILE A 16 -16.29 15.95 -15.81
N ASP A 17 -17.20 16.68 -16.47
CA ASP A 17 -18.50 16.11 -16.84
C ASP A 17 -18.37 14.91 -17.78
N GLY A 18 -17.39 14.92 -18.66
CA GLY A 18 -17.25 13.87 -19.66
C GLY A 18 -16.31 12.74 -19.31
N MET A 19 -15.79 12.70 -18.08
CA MET A 19 -14.83 11.68 -17.66
C MET A 19 -15.27 11.18 -16.28
N THR A 20 -15.95 10.04 -16.25
CA THR A 20 -16.58 9.53 -15.03
C THR A 20 -15.97 8.23 -14.54
N GLN A 21 -14.84 7.79 -15.11
CA GLN A 21 -14.24 6.53 -14.70
C GLN A 21 -13.53 6.62 -13.35
N GLU A 22 -13.33 7.82 -12.82
CA GLU A 22 -12.74 8.02 -11.50
C GLU A 22 -13.79 8.31 -10.44
N ASP A 23 -15.08 8.12 -10.75
CA ASP A 23 -16.14 8.54 -9.84
C ASP A 23 -16.06 7.84 -8.49
N ALA A 24 -15.46 6.65 -8.44
CA ALA A 24 -15.39 5.90 -7.19
C ALA A 24 -14.55 6.62 -6.14
N THR A 25 -13.56 7.41 -6.58
CA THR A 25 -12.67 8.10 -5.67
C THR A 25 -12.64 9.61 -5.87
N CYS A 26 -13.33 10.13 -6.89
CA CYS A 26 -13.45 11.57 -7.09
C CYS A 26 -14.85 12.09 -6.84
N LYS A 27 -15.86 11.22 -6.76
CA LYS A 27 -17.25 11.60 -6.57
C LYS A 27 -17.78 10.81 -5.38
N PRO A 28 -17.51 11.26 -4.15
CA PRO A 28 -16.72 12.46 -3.84
C PRO A 28 -15.27 12.16 -3.51
N VAL A 29 -14.47 13.22 -3.37
CA VAL A 29 -13.12 13.09 -2.84
C VAL A 29 -13.21 13.00 -1.32
N THR A 30 -12.58 11.98 -0.75
CA THR A 30 -12.64 11.76 0.69
C THR A 30 -11.30 11.17 1.15
N TYR A 31 -11.29 10.63 2.36
CA TYR A 31 -10.04 10.17 2.97
C TYR A 31 -9.39 9.05 2.17
N ALA A 32 -10.19 8.16 1.60
CA ALA A 32 -9.67 7.00 0.89
C ALA A 32 -9.67 7.25 -0.62
N GLY A 33 -8.65 6.73 -1.30
CA GLY A 33 -8.57 6.75 -2.74
C GLY A 33 -7.69 7.88 -3.26
N ALA A 34 -7.45 7.83 -4.57
CA ALA A 34 -6.69 8.84 -5.28
C ALA A 34 -7.56 9.47 -6.36
N CYS A 35 -7.30 10.74 -6.64
CA CYS A 35 -8.07 11.50 -7.63
C CYS A 35 -7.11 12.33 -8.45
N SER A 36 -7.00 12.03 -9.75
CA SER A 36 -6.07 12.74 -10.61
C SER A 36 -6.43 14.22 -10.78
N SER A 37 -7.70 14.58 -10.59
CA SER A 37 -8.12 15.97 -10.73
C SER A 37 -8.00 16.77 -9.44
N PHE A 38 -7.71 16.12 -8.32
CA PHE A 38 -7.65 16.81 -7.03
C PHE A 38 -6.30 16.73 -6.35
N ASP A 39 -5.64 15.56 -6.38
CA ASP A 39 -4.37 15.40 -5.67
C ASP A 39 -3.30 16.36 -6.17
N VAL A 40 -3.46 16.90 -7.38
CA VAL A 40 -2.48 17.84 -7.93
C VAL A 40 -2.39 19.08 -7.05
N LEU A 41 -3.50 19.50 -6.46
CA LEU A 41 -3.55 20.74 -5.70
C LEU A 41 -2.87 20.65 -4.34
N LEU A 42 -2.64 19.44 -3.84
CA LEU A 42 -2.06 19.25 -2.52
C LEU A 42 -0.56 18.95 -2.54
N GLU A 43 0.05 18.92 -3.72
CA GLU A 43 1.50 18.78 -3.82
C GLU A 43 2.18 20.03 -3.29
N LYS A 44 2.94 19.88 -2.22
CA LYS A 44 3.63 21.02 -1.62
C LYS A 44 4.66 21.59 -2.59
N GLY A 45 4.55 22.89 -2.84
CA GLY A 45 5.31 23.55 -3.90
C GLY A 45 4.46 23.96 -5.08
N LYS A 46 3.22 23.51 -5.15
CA LYS A 46 2.29 23.87 -6.21
C LYS A 46 1.00 24.40 -5.61
N PHE A 47 0.34 25.28 -6.36
CA PHE A 47 -0.92 25.90 -5.96
C PHE A 47 -0.85 26.51 -4.55
N PRO A 48 -0.03 27.53 -4.35
CA PRO A 48 0.10 28.10 -3.00
C PRO A 48 -1.16 28.77 -2.50
N LEU A 49 -1.94 29.42 -3.38
CA LEU A 49 -3.14 30.11 -2.93
C LEU A 49 -4.19 29.13 -2.44
N PHE A 50 -4.42 28.05 -3.20
CA PHE A 50 -5.41 27.06 -2.77
C PHE A 50 -4.95 26.36 -1.50
N GLN A 51 -3.65 26.09 -1.37
CA GLN A 51 -3.15 25.41 -0.19
C GLN A 51 -3.28 26.25 1.07
N SER A 52 -3.41 27.58 0.94
CA SER A 52 -3.69 28.45 2.07
C SER A 52 -5.19 28.66 2.30
N TYR A 53 -6.03 28.18 1.37
CA TYR A 53 -7.48 28.21 1.50
C TYR A 53 -8.06 26.86 1.14
N ALA A 54 -7.41 25.79 1.60
CA ALA A 54 -7.73 24.44 1.13
C ALA A 54 -9.09 23.95 1.58
N HIS A 55 -9.65 24.53 2.64
CA HIS A 55 -10.99 24.15 3.07
C HIS A 55 -12.08 24.83 2.28
N HIS A 56 -11.72 25.56 1.23
CA HIS A 56 -12.67 26.12 0.28
C HIS A 56 -12.73 25.22 -0.96
N ARG A 57 -13.58 25.60 -1.90
CA ARG A 57 -13.90 24.73 -3.02
C ARG A 57 -12.89 24.87 -4.16
N THR A 58 -12.65 23.76 -4.84
CA THR A 58 -11.92 23.77 -6.10
C THR A 58 -12.85 24.21 -7.23
N LEU A 59 -12.28 24.38 -8.42
CA LEU A 59 -13.09 24.82 -9.55
C LEU A 59 -14.11 23.75 -9.94
N LEU A 60 -13.69 22.48 -9.98
CA LEU A 60 -14.62 21.40 -10.25
C LEU A 60 -15.69 21.31 -9.17
N GLU A 61 -15.30 21.49 -7.90
CA GLU A 61 -16.26 21.45 -6.82
C GLU A 61 -17.28 22.57 -6.94
N ALA A 62 -16.84 23.77 -7.33
CA ALA A 62 -17.76 24.89 -7.51
C ALA A 62 -18.71 24.66 -8.66
N VAL A 63 -18.28 23.90 -9.69
CA VAL A 63 -19.13 23.65 -10.84
C VAL A 63 -20.26 22.70 -10.47
N HIS A 64 -19.94 21.60 -9.79
CA HIS A 64 -20.94 20.63 -9.39
C HIS A 64 -21.79 21.08 -8.21
N ASP A 65 -21.37 22.12 -7.50
CA ASP A 65 -22.17 22.72 -6.43
C ASP A 65 -23.01 23.89 -6.91
N THR A 66 -23.17 24.05 -8.23
CA THR A 66 -23.96 25.10 -8.87
C THR A 66 -23.41 26.50 -8.62
N ILE A 67 -22.21 26.61 -8.07
CA ILE A 67 -21.63 27.93 -7.83
C ILE A 67 -21.08 28.54 -9.12
N ILE A 68 -20.39 27.73 -9.92
CA ILE A 68 -19.83 28.17 -11.19
C ILE A 68 -20.50 27.37 -12.32
N ALA A 69 -20.79 28.06 -13.41
CA ALA A 69 -21.48 27.45 -14.55
C ALA A 69 -20.49 26.99 -15.61
N LYS A 70 -20.94 26.07 -16.45
CA LYS A 70 -20.11 25.54 -17.53
C LYS A 70 -20.19 26.45 -18.75
N ALA A 71 -19.13 26.46 -19.55
CA ALA A 71 -19.11 27.23 -20.77
C ALA A 71 -20.09 26.65 -21.78
N ASP A 72 -20.50 27.48 -22.74
CA ASP A 72 -21.49 27.04 -23.73
C ASP A 72 -20.99 25.82 -24.50
N PRO A 73 -19.79 25.81 -25.08
CA PRO A 73 -19.12 24.53 -25.31
C PRO A 73 -18.31 24.15 -24.08
N PRO A 74 -18.65 23.04 -23.41
CA PRO A 74 -17.97 22.72 -22.15
C PRO A 74 -16.55 22.22 -22.33
N SER A 75 -16.12 21.90 -23.54
CA SER A 75 -14.77 21.43 -23.78
C SER A 75 -14.39 21.71 -25.23
N CYS A 76 -13.20 22.25 -25.42
CA CYS A 76 -12.70 22.56 -26.76
C CYS A 76 -11.83 21.41 -27.27
N ASP A 77 -12.00 21.06 -28.53
CA ASP A 77 -11.25 19.97 -29.16
C ASP A 77 -10.02 20.57 -29.85
N LEU A 78 -8.84 20.31 -29.29
CA LEU A 78 -7.61 20.87 -29.84
C LEU A 78 -7.37 20.38 -31.26
N GLN A 79 -7.50 19.06 -31.48
CA GLN A 79 -7.24 18.48 -32.79
C GLN A 79 -8.53 18.50 -33.61
N SER A 80 -8.89 19.70 -34.04
CA SER A 80 -9.99 19.94 -34.96
C SER A 80 -9.51 21.00 -35.95
N ALA A 81 -10.46 21.59 -36.68
CA ALA A 81 -10.09 22.70 -37.56
C ALA A 81 -9.55 23.87 -36.75
N HIS A 82 -10.19 24.18 -35.62
CA HIS A 82 -9.86 25.38 -34.86
C HIS A 82 -9.57 25.13 -33.39
N GLY A 83 -10.39 24.33 -32.70
CA GLY A 83 -10.42 24.36 -31.25
C GLY A 83 -10.71 25.78 -30.77
N ASN A 84 -11.47 26.51 -31.57
CA ASN A 84 -11.59 27.97 -31.53
C ASN A 84 -11.99 28.54 -30.17
N PRO A 85 -13.12 28.14 -29.56
CA PRO A 85 -13.64 28.90 -28.42
C PRO A 85 -12.65 29.08 -27.28
N CYS A 86 -11.74 28.12 -27.08
CA CYS A 86 -10.72 28.24 -26.06
C CYS A 86 -9.35 28.61 -26.61
N MET A 87 -9.14 28.50 -27.92
CA MET A 87 -7.81 28.65 -28.49
C MET A 87 -7.25 30.05 -28.27
N LYS A 88 -8.01 31.08 -28.66
CA LYS A 88 -7.54 32.45 -28.46
C LYS A 88 -7.36 32.77 -26.98
N GLU A 89 -8.19 32.17 -26.12
CA GLU A 89 -8.07 32.42 -24.69
C GLU A 89 -6.96 31.61 -24.05
N LYS A 90 -6.66 30.42 -24.58
CA LYS A 90 -5.61 29.59 -24.00
C LYS A 90 -4.22 30.07 -24.39
N LEU A 91 -4.08 30.68 -25.57
CA LEU A 91 -2.76 31.09 -26.04
C LEU A 91 -2.20 32.24 -25.22
N VAL A 92 -3.07 33.10 -24.68
CA VAL A 92 -2.59 34.18 -23.81
C VAL A 92 -2.22 33.69 -22.42
N MET A 93 -2.53 32.43 -22.09
CA MET A 93 -2.16 31.83 -20.82
C MET A 93 -0.86 31.05 -20.99
N LYS A 94 0.06 31.21 -20.04
CA LYS A 94 1.28 30.41 -19.98
C LYS A 94 1.06 29.34 -18.92
N THR A 95 0.83 28.11 -19.37
CA THR A 95 0.49 27.01 -18.49
C THR A 95 1.52 25.89 -18.64
N HIS A 96 1.52 24.98 -17.67
CA HIS A 96 2.36 23.79 -17.71
C HIS A 96 1.54 22.60 -17.25
N CYS A 97 1.27 21.67 -18.17
CA CYS A 97 0.48 20.47 -17.88
C CYS A 97 1.40 19.28 -17.71
N PRO A 98 1.23 18.48 -16.66
CA PRO A 98 1.98 17.23 -16.54
C PRO A 98 1.56 16.24 -17.62
N ASN A 99 2.28 15.13 -17.68
CA ASN A 99 2.05 14.14 -18.71
C ASN A 99 0.74 13.38 -18.46
N ASP A 100 0.30 12.66 -19.50
CA ASP A 100 -0.77 11.68 -19.43
C ASP A 100 -2.14 12.29 -19.11
N TYR A 101 -2.34 13.58 -19.36
CA TYR A 101 -3.60 14.23 -19.09
C TYR A 101 -4.38 14.43 -20.39
N GLN A 102 -5.64 14.02 -20.39
CA GLN A 102 -6.52 14.18 -21.54
C GLN A 102 -7.31 15.47 -21.51
N SER A 103 -7.51 16.05 -20.33
CA SER A 103 -8.33 17.24 -20.18
C SER A 103 -7.67 18.21 -19.22
N ALA A 104 -7.95 19.50 -19.42
CA ALA A 104 -7.50 20.57 -18.52
C ALA A 104 -8.56 21.65 -18.50
N HIS A 105 -8.92 22.10 -17.30
CA HIS A 105 -10.01 23.05 -17.12
C HIS A 105 -9.47 24.35 -16.52
N TYR A 106 -10.16 25.44 -16.83
CA TYR A 106 -9.77 26.76 -16.34
C TYR A 106 -11.01 27.64 -16.24
N LEU A 107 -10.87 28.75 -15.52
CA LEU A 107 -11.93 29.74 -15.38
C LEU A 107 -11.90 30.68 -16.57
N ASN A 108 -13.02 30.77 -17.28
CA ASN A 108 -13.08 31.59 -18.48
C ASN A 108 -13.06 33.07 -18.13
N ASN A 109 -12.89 33.91 -19.16
CA ASN A 109 -13.05 35.34 -18.99
C ASN A 109 -14.50 35.72 -18.69
N ASP A 110 -15.44 34.81 -18.96
CA ASP A 110 -16.85 35.02 -18.65
C ASP A 110 -17.22 34.56 -17.25
N GLY A 111 -16.24 34.17 -16.43
CA GLY A 111 -16.55 33.63 -15.13
C GLY A 111 -17.14 32.24 -15.16
N LYS A 112 -16.90 31.48 -16.23
CA LYS A 112 -17.40 30.13 -16.38
C LYS A 112 -16.23 29.18 -16.55
N MET A 113 -16.53 27.88 -16.53
CA MET A 113 -15.51 26.85 -16.63
C MET A 113 -15.43 26.35 -18.07
N ALA A 114 -14.28 26.57 -18.71
CA ALA A 114 -13.97 25.97 -19.99
C ALA A 114 -13.01 24.81 -19.80
N SER A 115 -12.97 23.93 -20.79
CA SER A 115 -12.10 22.76 -20.74
C SER A 115 -11.38 22.61 -22.07
N VAL A 116 -10.14 22.15 -22.01
CA VAL A 116 -9.35 21.80 -23.19
C VAL A 116 -9.13 20.30 -23.17
N LYS A 117 -9.41 19.64 -24.29
CA LYS A 117 -9.50 18.19 -24.30
C LYS A 117 -8.85 17.63 -25.56
N CYS A 118 -8.61 16.32 -25.54
CA CYS A 118 -7.90 15.62 -26.60
C CYS A 118 -8.51 14.24 -26.78
N PRO A 119 -8.22 13.58 -27.90
CA PRO A 119 -8.80 12.25 -28.17
C PRO A 119 -8.35 11.23 -27.14
N PRO A 120 -8.99 10.06 -27.10
CA PRO A 120 -8.86 9.18 -25.91
C PRO A 120 -7.45 8.68 -25.62
N LYS A 121 -6.50 8.75 -26.56
CA LYS A 121 -5.15 8.26 -26.29
C LYS A 121 -4.09 9.32 -26.61
N TYR A 122 -4.43 10.59 -26.45
CA TYR A 122 -3.48 11.68 -26.59
C TYR A 122 -3.21 12.29 -25.21
N GLU A 123 -1.99 12.80 -25.03
CA GLU A 123 -1.63 13.57 -23.84
C GLU A 123 -1.55 15.04 -24.19
N LEU A 124 -1.82 15.89 -23.20
CA LEU A 124 -1.64 17.32 -23.38
C LEU A 124 -0.15 17.64 -23.37
N THR A 125 0.27 18.49 -24.31
CA THR A 125 1.65 18.92 -24.36
C THR A 125 2.00 19.71 -23.10
N GLU A 126 3.29 19.95 -22.91
CA GLU A 126 3.76 20.60 -21.69
C GLU A 126 3.23 22.02 -21.54
N ASP A 127 2.74 22.62 -22.63
CA ASP A 127 2.15 23.96 -22.57
C ASP A 127 0.64 23.94 -22.70
N CYS A 128 0.02 22.76 -22.68
CA CYS A 128 -1.44 22.57 -22.76
C CYS A 128 -2.04 23.20 -24.01
N ASN A 129 -1.25 23.36 -25.08
CA ASN A 129 -1.74 23.98 -26.30
C ASN A 129 -1.96 22.99 -27.44
N PHE A 130 -1.45 21.77 -27.34
CA PHE A 130 -1.58 20.79 -28.41
C PHE A 130 -1.81 19.42 -27.80
N CYS A 131 -2.28 18.49 -28.63
CA CYS A 131 -2.46 17.10 -28.24
C CYS A 131 -1.29 16.27 -28.75
N ARG A 132 -0.52 15.70 -27.83
CA ARG A 132 0.55 14.79 -28.18
C ARG A 132 0.16 13.37 -27.85
N GLN A 133 0.60 12.44 -28.69
CA GLN A 133 0.29 11.04 -28.53
C GLN A 133 0.84 10.49 -27.21
N MET A 134 0.16 9.46 -26.70
CA MET A 134 0.45 8.98 -25.36
C MET A 134 1.78 8.23 -25.33
N THR A 135 2.70 8.69 -24.48
CA THR A 135 3.94 7.99 -24.17
C THR A 135 3.97 7.60 -22.70
N GLY A 136 2.80 7.39 -22.11
CA GLY A 136 2.67 6.70 -20.85
C GLY A 136 2.09 5.31 -21.07
N ALA A 137 1.85 4.62 -19.96
CA ALA A 137 1.19 3.32 -20.05
C ALA A 137 -0.31 3.48 -20.24
N SER A 138 -0.90 4.50 -19.63
CA SER A 138 -2.32 4.79 -19.76
C SER A 138 -2.57 6.22 -19.30
N LEU A 139 -3.69 6.77 -19.74
CA LEU A 139 -4.05 8.13 -19.39
C LEU A 139 -4.67 8.20 -18.00
N LYS A 140 -4.57 9.36 -17.38
CA LYS A 140 -5.33 9.63 -16.18
C LYS A 140 -6.82 9.72 -16.53
N LYS A 141 -7.66 9.52 -15.51
CA LYS A 141 -9.10 9.56 -15.72
C LYS A 141 -9.70 10.95 -15.50
N GLY A 142 -8.90 11.92 -15.08
CA GLY A 142 -9.44 13.22 -14.74
C GLY A 142 -8.88 14.39 -15.54
N SER A 143 -9.06 15.60 -15.01
CA SER A 143 -8.66 16.82 -15.67
C SER A 143 -7.72 17.62 -14.77
N TYR A 144 -6.77 18.32 -15.40
CA TYR A 144 -5.76 19.04 -14.64
C TYR A 144 -6.16 20.50 -14.47
N PRO A 145 -6.14 21.02 -13.24
CA PRO A 145 -6.46 22.44 -13.03
C PRO A 145 -5.34 23.34 -13.53
N LEU A 146 -5.67 24.23 -14.47
CA LEU A 146 -4.66 25.10 -15.05
C LEU A 146 -4.30 26.26 -14.13
N GLN A 147 -5.22 26.68 -13.27
CA GLN A 147 -5.02 27.86 -12.43
C GLN A 147 -4.99 27.47 -10.96
N ASP A 148 -4.37 28.33 -10.16
CA ASP A 148 -4.35 28.20 -8.71
C ASP A 148 -5.44 29.10 -8.16
N LEU A 149 -6.55 28.50 -7.72
CA LEU A 149 -7.69 29.27 -7.26
C LEU A 149 -8.47 28.49 -6.20
N PHE A 150 -9.34 29.21 -5.50
CA PHE A 150 -10.33 28.62 -4.62
C PHE A 150 -11.66 29.33 -4.87
N CYS A 151 -12.76 28.70 -4.46
CA CYS A 151 -14.08 29.22 -4.74
C CYS A 151 -14.96 29.13 -3.50
N GLN A 152 -16.09 29.84 -3.56
CA GLN A 152 -17.07 29.85 -2.48
C GLN A 152 -18.39 30.29 -3.08
N SER A 153 -19.46 30.15 -2.29
CA SER A 153 -20.77 30.65 -2.67
C SER A 153 -20.90 32.14 -2.31
N SER A 154 -21.66 32.87 -3.12
CA SER A 154 -21.84 34.30 -2.87
C SER A 154 -23.10 34.81 -3.56
N GLU A 155 -23.86 35.63 -2.84
CA GLU A 155 -24.98 36.38 -3.40
C GLU A 155 -24.62 37.84 -3.64
N ASP A 156 -23.40 38.26 -3.31
CA ASP A 156 -22.97 39.63 -3.56
C ASP A 156 -22.88 39.89 -5.06
N ASP A 157 -23.54 40.96 -5.51
CA ASP A 157 -23.60 41.27 -6.93
C ASP A 157 -22.38 42.08 -7.35
N GLY A 158 -21.73 41.66 -8.43
CA GLY A 158 -20.57 42.35 -8.94
C GLY A 158 -20.72 42.83 -10.37
N SER A 159 -21.97 43.06 -10.78
CA SER A 159 -22.23 43.53 -12.15
C SER A 159 -21.58 44.89 -12.41
N LYS A 160 -21.28 45.66 -11.38
CA LYS A 160 -20.64 46.95 -11.51
C LYS A 160 -19.12 46.87 -11.39
N LEU A 161 -18.55 45.68 -11.31
CA LEU A 161 -17.12 45.50 -11.10
C LEU A 161 -16.43 45.19 -12.42
N LYS A 162 -15.28 45.80 -12.64
CA LYS A 162 -14.51 45.62 -13.87
C LYS A 162 -13.03 45.84 -13.57
N THR A 163 -12.19 45.23 -14.41
CA THR A 163 -10.74 45.31 -14.25
C THR A 163 -10.26 46.75 -14.29
N LYS A 164 -9.48 47.12 -13.28
CA LYS A 164 -8.79 48.41 -13.23
C LYS A 164 -7.35 48.16 -12.85
N MET A 165 -6.41 48.44 -13.76
CA MET A 165 -5.00 48.19 -13.52
C MET A 165 -4.18 49.39 -13.99
N LYS A 166 -3.13 49.71 -13.23
CA LYS A 166 -2.35 50.91 -13.48
C LYS A 166 -1.51 50.75 -14.75
N GLY A 167 -1.76 51.63 -15.73
CA GLY A 167 -0.95 51.64 -16.94
C GLY A 167 -1.01 50.38 -17.76
N VAL A 168 -2.06 49.58 -17.62
CA VAL A 168 -2.20 48.32 -18.34
C VAL A 168 -3.11 48.53 -19.54
N CYS A 169 -2.63 48.16 -20.72
CA CYS A 169 -3.43 48.25 -21.93
C CYS A 169 -4.20 46.96 -22.21
N GLU A 170 -3.50 45.82 -22.20
CA GLU A 170 -4.12 44.52 -22.43
C GLU A 170 -3.60 43.54 -21.40
N VAL A 171 -4.51 42.84 -20.72
CA VAL A 171 -4.17 41.75 -19.81
C VAL A 171 -5.00 40.54 -20.21
N GLY A 172 -4.33 39.48 -20.66
CA GLY A 172 -5.05 38.32 -21.15
C GLY A 172 -5.82 38.66 -22.41
N VAL A 173 -7.11 38.33 -22.40
CA VAL A 173 -7.99 38.64 -23.53
C VAL A 173 -8.79 39.92 -23.31
N GLN A 174 -8.40 40.73 -22.34
CA GLN A 174 -9.12 41.95 -21.98
C GLN A 174 -8.30 43.16 -22.40
N ALA A 175 -8.91 44.03 -23.20
CA ALA A 175 -8.30 45.31 -23.59
C ALA A 175 -8.97 46.41 -22.77
N LEU A 176 -8.16 47.13 -21.99
CA LEU A 176 -8.68 48.15 -21.08
C LEU A 176 -8.61 49.56 -21.67
N LYS A 177 -7.72 49.82 -22.61
CA LYS A 177 -7.43 51.17 -23.07
C LYS A 177 -7.01 51.09 -24.52
N LYS A 178 -6.92 52.25 -25.16
CA LYS A 178 -6.29 52.41 -26.47
C LYS A 178 -4.88 52.96 -26.24
N CYS A 179 -3.88 52.10 -26.41
CA CYS A 179 -2.48 52.48 -26.24
C CYS A 179 -1.82 52.57 -27.60
N ASP A 180 -1.32 53.77 -27.95
CA ASP A 180 -0.69 53.99 -29.24
C ASP A 180 0.79 54.33 -29.15
N GLY A 181 1.35 54.48 -27.96
CA GLY A 181 2.78 54.31 -27.81
C GLY A 181 3.13 52.85 -27.98
N GLN A 182 4.42 52.56 -28.09
CA GLN A 182 4.82 51.17 -28.12
C GLN A 182 5.08 50.68 -26.70
N LEU A 183 4.82 49.40 -26.47
CA LEU A 183 4.46 48.92 -25.14
C LEU A 183 5.47 47.93 -24.59
N SER A 184 5.22 47.52 -23.35
CA SER A 184 6.01 46.51 -22.67
C SER A 184 5.15 45.26 -22.50
N THR A 185 5.64 44.13 -23.00
CA THR A 185 4.92 42.86 -22.96
C THR A 185 5.68 41.89 -22.07
N ALA A 186 4.93 41.10 -21.30
CA ALA A 186 5.55 40.11 -20.42
C ALA A 186 4.48 39.17 -19.89
N HIS A 187 4.94 38.00 -19.45
CA HIS A 187 4.09 37.01 -18.78
C HIS A 187 4.11 37.31 -17.28
N GLU A 188 2.98 37.75 -16.74
CA GLU A 188 2.87 38.15 -15.35
C GLU A 188 1.85 37.27 -14.63
N VAL A 189 2.18 36.88 -13.40
CA VAL A 189 1.23 36.19 -12.53
C VAL A 189 0.28 37.25 -11.98
N VAL A 190 -0.94 37.28 -12.52
CA VAL A 190 -1.92 38.32 -12.21
C VAL A 190 -3.05 37.69 -11.40
N PRO A 191 -3.40 38.24 -10.23
CA PRO A 191 -4.56 37.74 -9.51
C PRO A 191 -5.86 38.19 -10.14
N PHE A 192 -6.91 37.42 -9.92
CA PHE A 192 -8.22 37.75 -10.47
C PHE A 192 -9.30 37.24 -9.52
N ALA A 193 -10.53 37.67 -9.79
CA ALA A 193 -11.68 37.26 -8.99
C ALA A 193 -12.92 37.28 -9.87
N VAL A 194 -13.87 36.41 -9.55
CA VAL A 194 -15.13 36.31 -10.26
C VAL A 194 -16.26 36.58 -9.29
N PHE A 195 -17.21 37.42 -9.70
CA PHE A 195 -18.35 37.80 -8.88
C PHE A 195 -19.64 37.34 -9.55
N LYS A 196 -20.76 37.55 -8.86
CA LYS A 196 -22.02 36.91 -9.26
C LYS A 196 -22.43 37.29 -10.67
N ASN A 197 -22.42 38.59 -10.98
CA ASN A 197 -22.86 39.07 -12.27
C ASN A 197 -21.75 39.80 -13.03
N SER A 198 -20.51 39.34 -12.86
CA SER A 198 -19.35 39.99 -13.46
C SER A 198 -18.63 39.02 -14.40
N LYS A 199 -17.69 39.58 -15.15
CA LYS A 199 -16.71 38.79 -15.88
C LYS A 199 -15.51 38.55 -14.96
N LYS A 200 -14.42 38.04 -15.52
CA LYS A 200 -13.19 37.96 -14.76
C LYS A 200 -12.63 39.36 -14.51
N VAL A 201 -12.19 39.61 -13.28
CA VAL A 201 -11.73 40.93 -12.87
C VAL A 201 -10.28 40.78 -12.42
N TYR A 202 -9.35 41.24 -13.26
CA TYR A 202 -7.94 41.23 -12.89
C TYR A 202 -7.65 42.37 -11.92
N LEU A 203 -6.59 42.20 -11.13
CA LEU A 203 -6.26 43.15 -10.07
C LEU A 203 -4.77 43.38 -10.02
N ASP A 204 -4.38 44.62 -9.69
CA ASP A 204 -2.99 44.91 -9.36
C ASP A 204 -2.58 44.27 -8.04
N LYS A 205 -3.55 43.86 -7.23
CA LYS A 205 -3.37 43.58 -5.81
C LYS A 205 -4.28 42.45 -5.41
N LEU A 206 -3.80 41.59 -4.52
CA LEU A 206 -4.62 40.57 -3.90
C LEU A 206 -4.73 40.89 -2.41
N ASP A 207 -5.87 41.44 -2.01
CA ASP A 207 -6.14 41.82 -0.63
C ASP A 207 -7.35 41.03 -0.16
N LEU A 208 -7.10 39.99 0.64
CA LEU A 208 -8.14 39.09 1.10
C LEU A 208 -8.26 39.14 2.62
N LYS A 209 -9.45 38.85 3.12
CA LYS A 209 -9.71 38.76 4.55
C LYS A 209 -10.74 37.68 4.78
N THR A 210 -10.63 37.01 5.92
CA THR A 210 -11.50 35.90 6.26
C THR A 210 -12.18 36.16 7.60
N GLU A 211 -13.48 35.89 7.66
CA GLU A 211 -14.26 35.95 8.89
C GLU A 211 -14.61 34.52 9.28
N GLU A 212 -13.86 33.97 10.24
CA GLU A 212 -14.17 32.64 10.74
C GLU A 212 -15.45 32.66 11.55
N ASN A 213 -16.09 31.50 11.65
CA ASN A 213 -17.38 31.38 12.31
C ASN A 213 -17.56 29.96 12.80
N LEU A 214 -18.70 29.70 13.44
CA LEU A 214 -19.05 28.39 13.97
C LEU A 214 -20.27 27.80 13.27
N LEU A 215 -20.50 28.21 12.02
CA LEU A 215 -21.56 27.61 11.22
C LEU A 215 -21.15 26.23 10.76
N PRO A 216 -22.11 25.37 10.41
CA PRO A 216 -21.78 23.98 10.04
C PRO A 216 -20.72 23.84 8.96
N ASP A 217 -20.64 24.79 8.02
CA ASP A 217 -19.68 24.68 6.94
C ASP A 217 -18.24 24.84 7.39
N SER A 218 -18.00 25.27 8.63
CA SER A 218 -16.65 25.48 9.14
C SER A 218 -16.16 24.31 9.99
N PHE A 219 -16.80 23.15 9.88
CA PHE A 219 -16.45 21.98 10.68
C PHE A 219 -16.16 20.80 9.79
N VAL A 220 -15.17 20.00 10.19
CA VAL A 220 -14.90 18.70 9.57
C VAL A 220 -15.21 17.63 10.60
N CYS A 221 -16.21 16.80 10.31
CA CYS A 221 -16.60 15.70 11.19
C CYS A 221 -16.17 14.38 10.55
N PHE A 222 -15.64 13.48 11.37
CA PHE A 222 -15.10 12.24 10.84
C PHE A 222 -15.25 11.13 11.87
N GLU A 223 -15.17 9.89 11.39
CA GLU A 223 -15.31 8.71 12.23
C GLU A 223 -14.20 7.72 11.89
N HIS A 224 -13.82 6.93 12.88
CA HIS A 224 -12.80 5.90 12.71
C HIS A 224 -13.45 4.53 12.59
N LYS A 225 -12.97 3.73 11.64
CA LYS A 225 -13.51 2.41 11.41
C LYS A 225 -12.66 1.32 12.05
N GLU A 240 -8.22 4.51 7.96
CA GLU A 240 -9.50 4.03 8.47
C GLU A 240 -10.41 5.21 8.83
N LEU A 241 -10.14 6.35 8.21
CA LEU A 241 -10.95 7.55 8.43
C LEU A 241 -12.10 7.60 7.43
N LYS A 242 -13.23 8.12 7.89
CA LYS A 242 -14.42 8.23 7.07
C LYS A 242 -15.16 9.52 7.42
N SER A 243 -15.56 10.28 6.40
CA SER A 243 -16.21 11.55 6.62
C SER A 243 -17.56 11.37 7.30
N PHE A 244 -17.94 12.37 8.08
CA PHE A 244 -19.21 12.40 8.78
C PHE A 244 -19.85 13.76 8.56
N ASP A 245 -21.15 13.76 8.27
CA ASP A 245 -21.88 15.00 8.00
C ASP A 245 -22.46 15.55 9.29
N ILE A 246 -22.19 16.83 9.56
CA ILE A 246 -22.56 17.43 10.84
C ILE A 246 -24.06 17.61 10.99
N SER A 247 -24.83 17.49 9.90
CA SER A 247 -26.27 17.68 9.99
C SER A 247 -26.94 16.64 10.89
N GLN A 248 -26.28 15.51 11.14
CA GLN A 248 -26.81 14.50 12.04
C GLN A 248 -26.57 14.82 13.51
N CYS A 249 -25.77 15.84 13.80
CA CYS A 249 -25.44 16.19 15.18
C CYS A 249 -26.45 17.19 15.75
N PRO A 250 -26.88 16.99 16.99
CA PRO A 250 -27.81 17.95 17.61
C PRO A 250 -27.06 19.14 18.21
N LYS A 251 -27.59 20.33 17.97
CA LYS A 251 -27.06 21.52 18.61
C LYS A 251 -27.42 21.52 20.09
N ILE A 252 -26.84 22.47 20.82
CA ILE A 252 -27.16 22.62 22.24
C ILE A 252 -28.62 22.99 22.36
N GLY A 253 -29.40 22.13 23.01
CA GLY A 253 -30.83 22.29 23.04
C GLY A 253 -31.42 22.09 21.66
N GLY A 254 -31.23 20.91 21.09
CA GLY A 254 -31.65 20.65 19.73
C GLY A 254 -32.05 19.22 19.43
N HIS A 255 -31.99 18.86 18.15
CA HIS A 255 -32.47 17.57 17.65
C HIS A 255 -31.40 16.93 16.80
N GLY A 256 -31.18 15.62 17.01
CA GLY A 256 -30.14 14.92 16.28
C GLY A 256 -30.48 13.47 15.97
N SER A 257 -30.24 13.07 14.72
CA SER A 257 -30.42 11.67 14.33
C SER A 257 -29.28 10.79 14.80
N LYS A 258 -28.12 11.37 15.10
CA LYS A 258 -26.99 10.64 15.66
C LYS A 258 -26.45 11.40 16.86
N LYS A 259 -25.30 10.98 17.40
CA LYS A 259 -24.70 11.62 18.55
C LYS A 259 -23.22 11.82 18.31
N CYS A 260 -22.72 13.01 18.64
CA CYS A 260 -21.38 13.44 18.27
C CYS A 260 -20.65 14.07 19.44
N THR A 261 -19.36 14.33 19.23
CA THR A 261 -18.51 15.09 20.13
C THR A 261 -17.55 15.89 19.28
N GLY A 262 -16.68 16.68 19.91
CA GLY A 262 -15.74 17.47 19.14
C GLY A 262 -14.88 18.36 19.99
N ASP A 263 -14.27 19.35 19.33
CA ASP A 263 -13.36 20.27 19.96
C ASP A 263 -14.13 21.22 20.88
N ALA A 264 -13.41 22.18 21.47
CA ALA A 264 -14.07 23.19 22.27
C ALA A 264 -14.94 24.11 21.41
N ALA A 265 -14.58 24.27 20.13
CA ALA A 265 -15.40 25.08 19.23
C ALA A 265 -16.71 24.38 18.89
N PHE A 266 -16.67 23.08 18.62
CA PHE A 266 -17.87 22.33 18.28
C PHE A 266 -18.78 22.19 19.50
N CYS A 267 -18.20 21.91 20.68
CA CYS A 267 -18.99 21.73 21.88
C CYS A 267 -19.59 23.03 22.40
N SER A 268 -19.14 24.18 21.92
CA SER A 268 -19.70 25.45 22.32
C SER A 268 -21.06 25.72 21.70
N ALA A 269 -21.36 25.10 20.56
CA ALA A 269 -22.64 25.27 19.88
C ALA A 269 -23.44 23.98 19.75
N TYR A 270 -22.78 22.83 19.62
CA TYR A 270 -23.45 21.55 19.58
C TYR A 270 -23.28 20.83 20.92
N GLU A 271 -24.25 20.00 21.26
CA GLU A 271 -24.18 19.24 22.50
C GLU A 271 -23.20 18.09 22.33
N CYS A 272 -22.28 17.96 23.28
CA CYS A 272 -21.19 16.99 23.18
C CYS A 272 -21.38 15.87 24.18
N THR A 273 -20.92 14.66 23.78
CA THR A 273 -21.05 13.45 24.58
C THR A 273 -19.76 12.66 24.37
N ALA A 274 -18.86 12.68 25.36
CA ALA A 274 -17.52 12.14 25.14
C ALA A 274 -17.40 10.69 25.59
N GLN A 275 -18.49 9.93 25.51
CA GLN A 275 -18.42 8.48 25.59
C GLN A 275 -19.18 7.80 24.45
N TYR A 276 -20.33 8.35 24.06
CA TYR A 276 -21.26 7.69 23.16
C TYR A 276 -20.99 7.97 21.69
N ALA A 277 -20.05 8.85 21.38
CA ALA A 277 -20.05 9.57 20.12
C ALA A 277 -19.96 8.64 18.91
N ASN A 278 -20.71 8.97 17.87
CA ASN A 278 -20.58 8.31 16.58
C ASN A 278 -19.41 8.88 15.78
N ALA A 279 -19.10 10.16 15.97
CA ALA A 279 -18.06 10.82 15.21
C ALA A 279 -17.49 11.97 16.03
N TYR A 280 -16.48 12.63 15.47
CA TYR A 280 -15.80 13.75 16.10
C TYR A 280 -15.72 14.90 15.10
N CYS A 281 -16.05 16.11 15.55
CA CYS A 281 -16.05 17.29 14.70
C CYS A 281 -14.99 18.27 15.16
N SER A 282 -14.16 18.71 14.22
CA SER A 282 -13.15 19.74 14.47
C SER A 282 -13.47 20.98 13.66
N HIS A 283 -13.13 22.14 14.20
CA HIS A 283 -13.33 23.39 13.48
C HIS A 283 -12.23 23.54 12.43
N ALA A 284 -12.63 23.62 11.17
CA ALA A 284 -11.68 23.76 10.07
C ALA A 284 -11.15 25.19 10.07
N ASN A 285 -9.99 25.38 10.70
CA ASN A 285 -9.36 26.70 10.74
C ASN A 285 -8.84 27.08 9.37
N GLY A 286 -9.13 28.31 8.96
CA GLY A 286 -8.92 28.75 7.60
C GLY A 286 -10.20 28.85 6.80
N SER A 287 -11.24 28.10 7.18
CA SER A 287 -12.54 28.22 6.55
C SER A 287 -13.22 29.52 6.99
N GLY A 288 -14.44 29.71 6.52
CA GLY A 288 -15.16 30.96 6.72
C GLY A 288 -15.38 31.69 5.40
N ILE A 289 -15.97 32.86 5.51
CA ILE A 289 -16.33 33.66 4.33
C ILE A 289 -15.18 34.59 3.99
N VAL A 290 -14.74 34.54 2.74
CA VAL A 290 -13.61 35.32 2.25
C VAL A 290 -14.13 36.52 1.49
N GLN A 291 -13.51 37.68 1.72
CA GLN A 291 -13.85 38.92 1.02
C GLN A 291 -12.60 39.52 0.40
N ILE A 292 -12.78 40.16 -0.75
CA ILE A 292 -11.68 40.77 -1.49
C ILE A 292 -11.99 42.24 -1.71
N GLN A 293 -10.95 43.06 -1.78
CA GLN A 293 -11.09 44.49 -2.00
C GLN A 293 -10.90 44.79 -3.48
N VAL A 294 -11.90 45.40 -4.10
CA VAL A 294 -11.88 45.73 -5.52
C VAL A 294 -12.09 47.22 -5.66
N SER A 295 -11.02 47.94 -6.03
CA SER A 295 -11.05 49.39 -6.21
C SER A 295 -11.57 50.09 -4.97
N GLY A 296 -11.11 49.64 -3.80
CA GLY A 296 -11.47 50.27 -2.55
C GLY A 296 -12.79 49.85 -1.95
N VAL A 297 -13.31 48.69 -2.34
CA VAL A 297 -14.59 48.20 -1.83
C VAL A 297 -14.45 46.70 -1.56
N TRP A 298 -14.87 46.27 -0.38
CA TRP A 298 -14.85 44.86 -0.03
C TRP A 298 -16.05 44.15 -0.63
N LYS A 299 -15.80 43.07 -1.36
CA LYS A 299 -16.86 42.29 -1.99
C LYS A 299 -16.63 40.81 -1.72
N LYS A 300 -17.71 40.04 -1.78
CA LYS A 300 -17.68 38.61 -1.56
C LYS A 300 -17.59 37.89 -2.91
N PRO A 301 -16.40 37.43 -3.29
CA PRO A 301 -16.22 36.86 -4.63
C PRO A 301 -16.68 35.41 -4.70
N LEU A 302 -16.99 34.99 -5.93
CA LEU A 302 -17.29 33.59 -6.18
C LEU A 302 -16.00 32.76 -6.18
N CYS A 303 -14.97 33.25 -6.85
CA CYS A 303 -13.68 32.57 -6.89
C CYS A 303 -12.57 33.63 -6.87
N VAL A 304 -11.40 33.21 -6.39
CA VAL A 304 -10.20 34.05 -6.36
C VAL A 304 -9.03 33.19 -6.77
N GLY A 305 -8.20 33.69 -7.69
CA GLY A 305 -7.09 32.89 -8.16
C GLY A 305 -6.01 33.69 -8.85
N TYR A 306 -4.95 32.98 -9.23
CA TYR A 306 -3.85 33.50 -10.01
C TYR A 306 -3.78 32.79 -11.35
N GLU A 307 -3.16 33.45 -12.33
CA GLU A 307 -2.82 32.80 -13.59
C GLU A 307 -1.80 33.66 -14.31
N ARG A 308 -0.78 33.00 -14.88
CA ARG A 308 0.26 33.70 -15.64
C ARG A 308 -0.25 33.94 -17.06
N VAL A 309 -0.44 35.21 -17.41
CA VAL A 309 -1.00 35.58 -18.70
C VAL A 309 -0.25 36.79 -19.25
N VAL A 310 -0.43 37.02 -20.56
CA VAL A 310 0.27 38.09 -21.26
C VAL A 310 -0.32 39.44 -20.85
N VAL A 311 0.55 40.37 -20.45
CA VAL A 311 0.14 41.70 -20.03
C VAL A 311 0.92 42.72 -20.84
N LYS A 312 0.21 43.68 -21.43
CA LYS A 312 0.81 44.76 -22.22
C LYS A 312 0.62 46.07 -21.45
N ARG A 313 1.72 46.61 -20.92
CA ARG A 313 1.70 47.84 -20.16
C ARG A 313 2.39 48.96 -20.92
N GLU A 314 1.84 50.17 -20.83
CA GLU A 314 2.43 51.32 -21.49
C GLU A 314 3.64 51.82 -20.71
N LEU A 315 4.67 52.24 -21.43
CA LEU A 315 5.89 52.73 -20.80
C LEU A 315 5.84 54.24 -20.61
N GLN B 1 -20.19 -6.09 5.53
CA GLN B 1 -20.75 -7.07 4.60
C GLN B 1 -22.21 -6.74 4.29
N VAL B 2 -22.50 -6.54 3.01
CA VAL B 2 -23.82 -6.15 2.55
C VAL B 2 -24.62 -7.39 2.20
N GLN B 3 -25.92 -7.37 2.53
CA GLN B 3 -26.83 -8.47 2.22
C GLN B 3 -28.02 -7.91 1.45
N LEU B 4 -28.21 -8.38 0.23
CA LEU B 4 -29.27 -7.91 -0.64
C LEU B 4 -30.28 -9.04 -0.87
N VAL B 5 -31.50 -8.84 -0.40
CA VAL B 5 -32.58 -9.83 -0.51
C VAL B 5 -33.72 -9.20 -1.29
N GLN B 6 -34.13 -9.86 -2.37
CA GLN B 6 -35.23 -9.40 -3.20
C GLN B 6 -36.52 -10.15 -2.85
N SER B 7 -37.64 -9.62 -3.32
CA SER B 7 -38.94 -10.22 -3.07
C SER B 7 -39.13 -11.47 -3.93
N GLY B 8 -40.25 -12.16 -3.71
CA GLY B 8 -40.52 -13.41 -4.38
C GLY B 8 -40.96 -13.25 -5.82
N ALA B 9 -41.17 -14.39 -6.48
CA ALA B 9 -41.57 -14.41 -7.87
C ALA B 9 -42.94 -13.77 -8.05
N GLU B 10 -43.19 -13.25 -9.25
CA GLU B 10 -44.37 -12.46 -9.53
C GLU B 10 -45.05 -12.94 -10.80
N VAL B 11 -46.38 -12.78 -10.84
CA VAL B 11 -47.18 -13.02 -12.03
C VAL B 11 -48.10 -11.83 -12.20
N LYS B 12 -48.02 -11.17 -13.36
CA LYS B 12 -48.79 -9.95 -13.62
C LYS B 12 -49.44 -10.04 -14.98
N LYS B 13 -50.67 -9.55 -15.09
CA LYS B 13 -51.35 -9.49 -16.36
C LYS B 13 -50.73 -8.41 -17.25
N PRO B 14 -50.79 -8.59 -18.57
CA PRO B 14 -50.24 -7.57 -19.47
C PRO B 14 -50.95 -6.24 -19.29
N GLY B 15 -50.16 -5.16 -19.30
CA GLY B 15 -50.68 -3.83 -19.11
C GLY B 15 -50.63 -3.33 -17.68
N ALA B 16 -50.49 -4.22 -16.71
CA ALA B 16 -50.45 -3.85 -15.31
C ALA B 16 -49.02 -3.44 -14.92
N SER B 17 -48.79 -3.26 -13.63
CA SER B 17 -47.48 -2.88 -13.11
C SER B 17 -46.95 -3.95 -12.16
N VAL B 18 -45.63 -4.01 -12.04
CA VAL B 18 -44.95 -4.91 -11.13
C VAL B 18 -44.04 -4.10 -10.22
N LYS B 19 -43.93 -4.53 -8.95
CA LYS B 19 -43.18 -3.80 -7.94
C LYS B 19 -42.25 -4.78 -7.24
N VAL B 20 -40.94 -4.57 -7.41
CA VAL B 20 -39.92 -5.44 -6.84
C VAL B 20 -39.24 -4.70 -5.69
N SER B 21 -38.86 -5.45 -4.67
CA SER B 21 -38.17 -4.91 -3.51
C SER B 21 -36.73 -5.43 -3.46
N CYS B 22 -35.84 -4.65 -2.84
CA CYS B 22 -34.52 -5.14 -2.45
C CYS B 22 -34.21 -4.63 -1.05
N LYS B 23 -34.22 -5.55 -0.09
CA LYS B 23 -33.97 -5.22 1.32
C LYS B 23 -32.48 -5.28 1.60
N VAL B 24 -31.93 -4.18 2.08
CA VAL B 24 -30.50 -4.08 2.41
C VAL B 24 -30.33 -4.28 3.91
N SER B 25 -29.47 -5.21 4.28
CA SER B 25 -29.12 -5.45 5.67
C SER B 25 -27.62 -5.54 5.80
N GLY B 26 -27.12 -5.20 6.99
CA GLY B 26 -25.69 -5.09 7.21
C GLY B 26 -25.08 -3.80 6.72
N TYR B 27 -25.88 -2.92 6.11
CA TYR B 27 -25.41 -1.62 5.66
C TYR B 27 -26.60 -0.70 5.51
N THR B 28 -26.34 0.61 5.57
CA THR B 28 -27.37 1.62 5.48
C THR B 28 -27.67 1.93 4.02
N LEU B 29 -28.95 1.92 3.66
CA LEU B 29 -29.35 2.11 2.27
C LEU B 29 -29.00 3.52 1.78
N THR B 30 -29.11 4.53 2.66
CA THR B 30 -28.84 5.90 2.21
C THR B 30 -27.36 6.18 2.02
N GLU B 31 -26.51 5.14 1.99
CA GLU B 31 -25.11 5.28 1.59
C GLU B 31 -24.79 4.43 0.37
N LEU B 32 -25.81 3.92 -0.33
CA LEU B 32 -25.62 3.05 -1.48
C LEU B 32 -26.35 3.62 -2.69
N SER B 33 -25.74 3.50 -3.86
CA SER B 33 -26.36 3.86 -5.13
C SER B 33 -26.89 2.59 -5.76
N MET B 34 -28.20 2.38 -5.66
CA MET B 34 -28.82 1.13 -6.09
C MET B 34 -29.17 1.18 -7.58
N HIS B 35 -28.81 0.11 -8.28
CA HIS B 35 -29.11 -0.04 -9.70
C HIS B 35 -30.03 -1.24 -9.90
N TRP B 36 -30.57 -1.35 -11.12
CA TRP B 36 -31.48 -2.44 -11.47
C TRP B 36 -31.12 -2.98 -12.84
N VAL B 37 -30.90 -4.29 -12.91
CA VAL B 37 -30.56 -4.99 -14.14
C VAL B 37 -31.47 -6.19 -14.28
N ARG B 38 -32.05 -6.37 -15.46
CA ARG B 38 -32.95 -7.48 -15.74
C ARG B 38 -32.34 -8.41 -16.77
N GLN B 39 -32.87 -9.64 -16.81
CA GLN B 39 -32.35 -10.67 -17.70
C GLN B 39 -33.51 -11.55 -18.15
N ALA B 40 -33.89 -11.44 -19.41
CA ALA B 40 -34.87 -12.35 -19.98
C ALA B 40 -34.32 -13.77 -19.94
N PRO B 41 -35.18 -14.77 -19.73
CA PRO B 41 -34.69 -16.15 -19.59
C PRO B 41 -33.87 -16.61 -20.78
N GLY B 42 -32.66 -17.06 -20.51
CA GLY B 42 -31.76 -17.53 -21.55
C GLY B 42 -31.12 -16.45 -22.38
N LYS B 43 -31.26 -15.19 -21.99
CA LYS B 43 -30.73 -14.06 -22.75
C LYS B 43 -29.76 -13.26 -21.87
N GLY B 44 -29.30 -12.12 -22.39
CA GLY B 44 -28.27 -11.34 -21.74
C GLY B 44 -28.82 -10.39 -20.68
N LEU B 45 -27.89 -9.64 -20.08
CA LEU B 45 -28.23 -8.68 -19.04
C LEU B 45 -28.53 -7.32 -19.66
N GLU B 46 -29.48 -6.62 -19.05
CA GLU B 46 -29.92 -5.32 -19.56
C GLU B 46 -30.09 -4.34 -18.40
N TRP B 47 -29.43 -3.20 -18.48
CA TRP B 47 -29.53 -2.18 -17.45
C TRP B 47 -30.81 -1.39 -17.63
N MET B 48 -31.55 -1.21 -16.54
CA MET B 48 -32.83 -0.49 -16.58
C MET B 48 -32.77 0.89 -15.96
N GLY B 49 -31.97 1.09 -14.92
CA GLY B 49 -31.90 2.37 -14.27
C GLY B 49 -31.15 2.28 -12.97
N GLY B 50 -30.88 3.44 -12.39
CA GLY B 50 -30.17 3.52 -11.13
C GLY B 50 -30.34 4.88 -10.50
N PHE B 51 -30.05 4.94 -9.20
CA PHE B 51 -30.13 6.18 -8.44
C PHE B 51 -28.72 6.58 -8.00
N ASP B 52 -28.32 7.80 -8.39
CA ASP B 52 -27.02 8.35 -7.99
C ASP B 52 -27.22 9.12 -6.69
N ARG B 53 -26.69 8.57 -5.59
CA ARG B 53 -26.90 9.20 -4.29
C ARG B 53 -26.01 10.42 -4.09
N GLU B 54 -24.80 10.42 -4.67
CA GLU B 54 -23.97 11.62 -4.61
C GLU B 54 -24.61 12.77 -5.37
N ASP B 55 -25.39 12.46 -6.41
CA ASP B 55 -26.09 13.48 -7.18
C ASP B 55 -27.53 13.66 -6.76
N GLY B 56 -28.16 12.64 -6.17
CA GLY B 56 -29.56 12.72 -5.84
C GLY B 56 -30.49 12.68 -7.03
N GLU B 57 -30.04 12.13 -8.16
CA GLU B 57 -30.83 12.09 -9.38
C GLU B 57 -30.99 10.64 -9.83
N THR B 58 -32.19 10.32 -10.31
CA THR B 58 -32.51 9.00 -10.82
C THR B 58 -32.34 8.98 -12.33
N ILE B 59 -31.63 7.98 -12.83
CA ILE B 59 -31.36 7.83 -14.26
C ILE B 59 -32.02 6.55 -14.75
N TYR B 60 -32.64 6.63 -15.92
CA TYR B 60 -33.27 5.46 -16.55
C TYR B 60 -32.73 5.29 -17.97
N ALA B 61 -32.91 4.08 -18.49
CA ALA B 61 -32.62 3.82 -19.90
C ALA B 61 -33.81 4.19 -20.76
N GLN B 62 -33.54 4.50 -22.03
CA GLN B 62 -34.59 5.01 -22.91
C GLN B 62 -35.58 3.91 -23.30
N LYS B 63 -35.13 2.66 -23.39
CA LYS B 63 -36.04 1.58 -23.76
C LYS B 63 -37.19 1.44 -22.78
N PHE B 64 -37.05 1.93 -21.55
CA PHE B 64 -38.09 1.84 -20.54
C PHE B 64 -38.62 3.19 -20.09
N GLN B 65 -38.07 4.30 -20.59
CA GLN B 65 -38.39 5.62 -20.03
C GLN B 65 -39.88 5.89 -20.12
N GLY B 66 -40.50 6.17 -18.98
CA GLY B 66 -41.93 6.29 -18.86
C GLY B 66 -42.58 5.14 -18.13
N ARG B 67 -41.93 3.97 -18.10
CA ARG B 67 -42.49 2.78 -17.46
C ARG B 67 -41.81 2.39 -16.16
N VAL B 68 -40.51 2.66 -16.01
CA VAL B 68 -39.75 2.22 -14.85
C VAL B 68 -39.69 3.37 -13.84
N THR B 69 -40.03 3.08 -12.60
CA THR B 69 -39.99 4.04 -11.50
C THR B 69 -39.24 3.43 -10.33
N MET B 70 -38.39 4.23 -9.69
CA MET B 70 -37.54 3.75 -8.60
C MET B 70 -37.78 4.60 -7.36
N THR B 71 -38.18 3.95 -6.27
CA THR B 71 -38.40 4.59 -4.98
C THR B 71 -37.60 3.87 -3.91
N GLU B 72 -37.79 4.28 -2.66
CA GLU B 72 -37.07 3.66 -1.55
C GLU B 72 -37.77 3.98 -0.24
N ASP B 73 -37.54 3.13 0.75
CA ASP B 73 -38.03 3.32 2.12
C ASP B 73 -36.81 3.29 3.03
N THR B 74 -36.34 4.47 3.44
CA THR B 74 -35.11 4.55 4.22
C THR B 74 -35.27 3.93 5.60
N SER B 75 -36.49 3.91 6.14
CA SER B 75 -36.70 3.36 7.47
C SER B 75 -36.49 1.85 7.50
N THR B 76 -36.77 1.16 6.39
CA THR B 76 -36.61 -0.29 6.31
C THR B 76 -35.42 -0.70 5.46
N ASP B 77 -34.64 0.26 4.94
CA ASP B 77 -33.48 -0.03 4.09
C ASP B 77 -33.88 -0.85 2.88
N THR B 78 -35.04 -0.52 2.29
CA THR B 78 -35.60 -1.26 1.18
C THR B 78 -35.77 -0.36 -0.03
N ALA B 79 -35.23 -0.79 -1.17
CA ALA B 79 -35.40 -0.10 -2.43
C ALA B 79 -36.49 -0.79 -3.25
N TYR B 80 -37.20 -0.01 -4.06
CA TYR B 80 -38.30 -0.51 -4.86
C TYR B 80 -38.11 -0.14 -6.31
N MET B 81 -38.56 -1.02 -7.20
CA MET B 81 -38.52 -0.80 -8.65
C MET B 81 -39.88 -1.14 -9.21
N GLU B 82 -40.50 -0.18 -9.89
CA GLU B 82 -41.83 -0.35 -10.47
C GLU B 82 -41.75 -0.23 -11.99
N LEU B 83 -42.25 -1.25 -12.68
CA LEU B 83 -42.31 -1.27 -14.13
C LEU B 83 -43.77 -1.32 -14.55
N SER B 84 -44.19 -0.35 -15.37
CA SER B 84 -45.58 -0.20 -15.76
C SER B 84 -45.77 -0.57 -17.23
N SER B 85 -47.05 -0.69 -17.62
CA SER B 85 -47.44 -1.07 -18.97
C SER B 85 -46.72 -2.35 -19.40
N LEU B 86 -46.86 -3.39 -18.57
CA LEU B 86 -46.15 -4.64 -18.80
C LEU B 86 -46.60 -5.30 -20.09
N ARG B 87 -45.63 -5.87 -20.81
CA ARG B 87 -45.88 -6.62 -22.03
C ARG B 87 -45.23 -7.99 -21.90
N SER B 88 -45.52 -8.85 -22.88
CA SER B 88 -45.02 -10.23 -22.84
C SER B 88 -43.50 -10.29 -22.87
N GLU B 89 -42.85 -9.32 -23.52
CA GLU B 89 -41.41 -9.28 -23.61
C GLU B 89 -40.75 -8.83 -22.31
N ASP B 90 -41.53 -8.42 -21.30
CA ASP B 90 -40.99 -7.99 -20.03
C ASP B 90 -40.76 -9.14 -19.05
N THR B 91 -41.07 -10.38 -19.46
CA THR B 91 -40.81 -11.54 -18.61
C THR B 91 -39.31 -11.72 -18.45
N ALA B 92 -38.80 -11.57 -17.23
CA ALA B 92 -37.37 -11.62 -16.98
C ALA B 92 -37.15 -11.79 -15.49
N VAL B 93 -35.89 -12.02 -15.12
CA VAL B 93 -35.44 -12.01 -13.74
C VAL B 93 -34.83 -10.64 -13.46
N TYR B 94 -35.36 -9.95 -12.46
CA TYR B 94 -34.99 -8.57 -12.17
C TYR B 94 -34.05 -8.52 -10.97
N TYR B 95 -32.87 -7.94 -11.16
CA TYR B 95 -31.84 -7.88 -10.13
C TYR B 95 -31.67 -6.45 -9.63
N CYS B 96 -31.46 -6.32 -8.32
CA CYS B 96 -30.95 -5.10 -7.71
C CYS B 96 -29.45 -5.26 -7.58
N ALA B 97 -28.68 -4.22 -7.96
CA ALA B 97 -27.24 -4.37 -8.06
C ALA B 97 -26.53 -3.17 -7.44
N ILE B 98 -25.25 -3.39 -7.13
CA ILE B 98 -24.40 -2.42 -6.45
C ILE B 98 -23.07 -2.34 -7.19
N ASP B 99 -22.54 -1.12 -7.33
CA ASP B 99 -21.29 -0.91 -8.05
C ASP B 99 -20.14 -1.64 -7.38
N PRO B 100 -19.50 -2.62 -8.05
CA PRO B 100 -18.42 -3.36 -7.40
C PRO B 100 -17.14 -2.57 -7.20
N ILE B 101 -16.91 -1.51 -7.97
CA ILE B 101 -15.68 -0.75 -7.84
C ILE B 101 -15.76 0.21 -6.65
N ARG B 102 -16.82 1.01 -6.60
CA ARG B 102 -16.96 1.99 -5.51
C ARG B 102 -17.04 1.33 -4.15
N TYR B 103 -17.65 0.15 -4.08
CA TYR B 103 -17.88 -0.56 -2.82
C TYR B 103 -17.00 -1.80 -2.71
N ASN B 104 -15.73 -1.67 -3.12
CA ASN B 104 -14.79 -2.77 -3.03
C ASN B 104 -14.52 -3.21 -1.60
N TRP B 105 -14.92 -2.42 -0.60
CA TRP B 105 -14.82 -2.84 0.79
C TRP B 105 -15.81 -3.95 1.12
N ASN B 106 -16.89 -4.07 0.35
CA ASN B 106 -17.93 -5.04 0.66
C ASN B 106 -17.49 -6.45 0.28
N TYR B 107 -17.60 -7.37 1.24
CA TYR B 107 -17.33 -8.78 0.99
C TYR B 107 -18.61 -9.62 1.05
N GLY B 108 -19.77 -8.98 1.09
CA GLY B 108 -21.03 -9.69 1.03
C GLY B 108 -21.61 -9.72 -0.37
N ASP B 109 -22.88 -9.32 -0.49
CA ASP B 109 -23.57 -9.36 -1.78
C ASP B 109 -23.36 -8.06 -2.55
N TYR B 110 -23.17 -8.19 -3.86
CA TYR B 110 -23.25 -7.06 -4.77
C TYR B 110 -24.48 -7.09 -5.65
N TRP B 111 -25.10 -8.26 -5.79
CA TRP B 111 -26.36 -8.42 -6.52
C TRP B 111 -27.39 -9.04 -5.59
N GLY B 112 -28.67 -8.84 -5.93
CA GLY B 112 -29.71 -9.60 -5.30
C GLY B 112 -29.83 -10.98 -5.89
N GLN B 113 -30.57 -11.85 -5.20
CA GLN B 113 -30.76 -13.21 -5.70
C GLN B 113 -31.60 -13.26 -6.96
N GLY B 114 -32.39 -12.23 -7.22
CA GLY B 114 -33.19 -12.16 -8.42
C GLY B 114 -34.67 -12.31 -8.12
N THR B 115 -35.49 -11.68 -8.96
CA THR B 115 -36.95 -11.75 -8.85
C THR B 115 -37.52 -12.05 -10.23
N LEU B 116 -38.12 -13.22 -10.38
CA LEU B 116 -38.73 -13.60 -11.65
C LEU B 116 -40.13 -13.01 -11.76
N VAL B 117 -40.38 -12.30 -12.86
CA VAL B 117 -41.67 -11.68 -13.12
C VAL B 117 -42.19 -12.24 -14.44
N THR B 118 -43.31 -12.96 -14.38
CA THR B 118 -43.94 -13.54 -15.56
C THR B 118 -45.16 -12.70 -15.94
N VAL B 119 -45.25 -12.36 -17.22
CA VAL B 119 -46.34 -11.55 -17.75
C VAL B 119 -47.25 -12.46 -18.56
N SER B 120 -48.44 -12.73 -18.04
CA SER B 120 -49.41 -13.59 -18.72
C SER B 120 -50.80 -13.26 -18.21
N SER B 121 -51.78 -13.50 -19.07
CA SER B 121 -53.19 -13.28 -18.74
C SER B 121 -53.94 -14.57 -18.48
N ALA B 122 -53.28 -15.72 -18.58
CA ALA B 122 -53.94 -17.01 -18.42
C ALA B 122 -54.26 -17.28 -16.95
N SER B 123 -55.09 -18.31 -16.73
CA SER B 123 -55.48 -18.69 -15.38
C SER B 123 -55.76 -20.20 -15.35
N THR B 124 -54.75 -20.97 -14.98
CA THR B 124 -54.86 -22.41 -14.71
C THR B 124 -55.57 -23.13 -15.86
N LYS B 125 -54.87 -23.17 -16.99
CA LYS B 125 -55.35 -23.89 -18.17
C LYS B 125 -54.60 -25.21 -18.31
N GLY B 126 -55.35 -26.28 -18.62
CA GLY B 126 -54.76 -27.58 -18.86
C GLY B 126 -54.15 -27.68 -20.23
N PRO B 127 -53.15 -28.55 -20.39
CA PRO B 127 -52.43 -28.65 -21.66
C PRO B 127 -53.11 -29.55 -22.68
N SER B 128 -52.85 -29.23 -23.94
CA SER B 128 -53.19 -30.11 -25.05
C SER B 128 -51.95 -30.91 -25.43
N VAL B 129 -52.11 -32.22 -25.59
CA VAL B 129 -50.99 -33.12 -25.86
C VAL B 129 -51.14 -33.65 -27.28
N PHE B 130 -50.14 -33.40 -28.11
CA PHE B 130 -50.12 -33.85 -29.49
C PHE B 130 -48.92 -34.75 -29.74
N PRO B 131 -49.08 -35.80 -30.54
CA PRO B 131 -47.96 -36.72 -30.77
C PRO B 131 -47.00 -36.22 -31.83
N LEU B 132 -45.72 -36.53 -31.61
CA LEU B 132 -44.66 -36.27 -32.58
C LEU B 132 -44.28 -37.61 -33.19
N ALA B 133 -44.84 -37.92 -34.35
CA ALA B 133 -44.73 -39.24 -34.96
C ALA B 133 -43.48 -39.32 -35.83
N PRO B 134 -42.73 -40.43 -35.72
CA PRO B 134 -41.62 -40.67 -36.65
C PRO B 134 -42.07 -41.46 -37.88
N SER B 135 -41.82 -40.95 -39.09
CA SER B 135 -42.17 -41.77 -40.24
C SER B 135 -40.98 -42.54 -40.80
N SER B 136 -40.05 -41.84 -41.44
CA SER B 136 -38.73 -42.38 -41.74
C SER B 136 -37.68 -41.29 -41.66
N LYS B 137 -38.13 -40.03 -41.67
CA LYS B 137 -37.19 -38.91 -41.67
C LYS B 137 -36.51 -38.78 -40.32
N SER B 138 -37.15 -39.24 -39.25
CA SER B 138 -36.53 -39.27 -37.93
C SER B 138 -35.41 -40.29 -37.81
N THR B 139 -35.14 -41.05 -38.87
CA THR B 139 -34.21 -42.16 -38.82
C THR B 139 -32.85 -41.76 -39.40
N SER B 140 -31.79 -42.26 -38.76
CA SER B 140 -30.43 -42.16 -39.32
C SER B 140 -29.67 -43.40 -38.84
N GLY B 141 -29.70 -44.45 -39.66
CA GLY B 141 -28.99 -45.68 -39.36
C GLY B 141 -29.46 -46.40 -38.11
N GLY B 142 -30.77 -46.68 -38.03
CA GLY B 142 -31.31 -47.45 -36.93
C GLY B 142 -31.68 -46.65 -35.69
N THR B 143 -31.55 -45.34 -35.72
CA THR B 143 -31.95 -44.48 -34.61
C THR B 143 -33.10 -43.59 -35.08
N ALA B 144 -34.12 -43.45 -34.23
CA ALA B 144 -35.32 -42.72 -34.61
C ALA B 144 -35.82 -41.89 -33.44
N ALA B 145 -36.47 -40.77 -33.75
CA ALA B 145 -36.92 -39.81 -32.76
C ALA B 145 -38.44 -39.69 -32.78
N LEU B 146 -39.05 -39.76 -31.60
CA LEU B 146 -40.49 -39.54 -31.44
C LEU B 146 -40.71 -38.88 -30.09
N GLY B 147 -41.88 -38.26 -29.94
CA GLY B 147 -42.15 -37.59 -28.69
C GLY B 147 -43.58 -37.09 -28.60
N CYS B 148 -43.80 -36.28 -27.57
CA CYS B 148 -45.10 -35.66 -27.30
C CYS B 148 -44.93 -34.16 -27.18
N LEU B 149 -45.95 -33.42 -27.62
CA LEU B 149 -45.96 -31.97 -27.53
C LEU B 149 -46.99 -31.55 -26.48
N VAL B 150 -46.51 -31.10 -25.33
CA VAL B 150 -47.37 -30.59 -24.27
C VAL B 150 -47.47 -29.08 -24.43
N LYS B 151 -48.61 -28.62 -24.92
CA LYS B 151 -48.75 -27.25 -25.40
C LYS B 151 -49.87 -26.51 -24.67
N ASP B 152 -49.64 -25.21 -24.46
CA ASP B 152 -50.66 -24.27 -24.01
C ASP B 152 -51.23 -24.66 -22.64
N TYR B 153 -50.36 -24.65 -21.64
CA TYR B 153 -50.76 -24.88 -20.26
C TYR B 153 -50.27 -23.74 -19.39
N PHE B 154 -50.89 -23.62 -18.21
CA PHE B 154 -50.56 -22.59 -17.25
C PHE B 154 -51.16 -23.00 -15.91
N PRO B 155 -50.43 -22.84 -14.79
CA PRO B 155 -49.03 -22.43 -14.79
C PRO B 155 -48.09 -23.63 -14.80
N GLU B 156 -46.82 -23.40 -14.51
CA GLU B 156 -45.87 -24.49 -14.36
C GLU B 156 -46.18 -25.25 -13.07
N PRO B 157 -45.76 -26.52 -12.97
CA PRO B 157 -45.12 -27.33 -14.01
C PRO B 157 -46.00 -28.49 -14.51
N VAL B 158 -45.56 -29.12 -15.59
CA VAL B 158 -46.08 -30.41 -16.03
C VAL B 158 -44.97 -31.44 -15.92
N THR B 159 -45.35 -32.67 -15.60
CA THR B 159 -44.43 -33.78 -15.51
C THR B 159 -44.80 -34.82 -16.56
N VAL B 160 -43.80 -35.31 -17.28
CA VAL B 160 -43.99 -36.25 -18.38
C VAL B 160 -43.20 -37.51 -18.11
N SER B 161 -43.85 -38.66 -18.24
CA SER B 161 -43.20 -39.95 -18.20
C SER B 161 -43.61 -40.74 -19.43
N TRP B 162 -42.86 -41.82 -19.70
CA TRP B 162 -43.11 -42.67 -20.85
C TRP B 162 -43.36 -44.09 -20.38
N ASN B 163 -44.45 -44.69 -20.83
CA ASN B 163 -44.86 -46.03 -20.44
C ASN B 163 -44.97 -46.15 -18.93
N SER B 164 -45.52 -45.11 -18.30
CA SER B 164 -45.74 -45.06 -16.85
C SER B 164 -44.42 -45.23 -16.09
N GLY B 165 -43.37 -44.56 -16.58
CA GLY B 165 -42.08 -44.58 -15.92
C GLY B 165 -41.21 -45.78 -16.22
N ALA B 166 -41.71 -46.77 -16.95
CA ALA B 166 -40.91 -47.96 -17.25
C ALA B 166 -39.81 -47.64 -18.24
N LEU B 167 -40.10 -46.78 -19.23
CA LEU B 167 -39.12 -46.41 -20.25
C LEU B 167 -38.44 -45.11 -19.85
N THR B 168 -37.13 -45.17 -19.60
CA THR B 168 -36.38 -44.00 -19.17
C THR B 168 -35.16 -43.79 -20.06
N SER B 169 -34.61 -44.86 -20.61
CA SER B 169 -33.43 -44.77 -21.45
C SER B 169 -33.77 -44.09 -22.78
N GLY B 170 -32.95 -43.13 -23.18
CA GLY B 170 -33.19 -42.38 -24.39
C GLY B 170 -34.21 -41.27 -24.27
N VAL B 171 -34.77 -41.06 -23.08
CA VAL B 171 -35.82 -40.08 -22.86
C VAL B 171 -35.18 -38.74 -22.51
N HIS B 172 -35.75 -37.65 -23.03
CA HIS B 172 -35.35 -36.32 -22.64
C HIS B 172 -36.58 -35.42 -22.66
N THR B 173 -36.84 -34.76 -21.53
CA THR B 173 -37.93 -33.80 -21.40
C THR B 173 -37.32 -32.41 -21.26
N PHE B 174 -37.72 -31.50 -22.14
CA PHE B 174 -37.11 -30.19 -22.25
C PHE B 174 -37.78 -29.19 -21.30
N PRO B 175 -37.08 -28.13 -20.93
CA PRO B 175 -37.72 -27.04 -20.18
C PRO B 175 -38.78 -26.36 -21.03
N ALA B 176 -39.74 -25.75 -20.34
CA ALA B 176 -40.87 -25.14 -21.01
C ALA B 176 -40.46 -23.79 -21.62
N VAL B 177 -41.24 -23.37 -22.61
CA VAL B 177 -41.12 -22.05 -23.21
C VAL B 177 -42.41 -21.28 -22.95
N LEU B 178 -42.27 -19.99 -22.66
CA LEU B 178 -43.41 -19.11 -22.48
C LEU B 178 -43.66 -18.38 -23.80
N GLN B 179 -44.79 -18.67 -24.43
CA GLN B 179 -45.10 -18.09 -25.72
C GLN B 179 -45.73 -16.71 -25.55
N SER B 180 -45.88 -16.00 -26.67
CA SER B 180 -46.50 -14.68 -26.65
C SER B 180 -47.95 -14.74 -26.17
N SER B 181 -48.60 -15.90 -26.30
CA SER B 181 -49.96 -16.07 -25.82
C SER B 181 -50.05 -16.10 -24.29
N GLY B 182 -48.93 -16.09 -23.59
CA GLY B 182 -48.93 -16.21 -22.14
C GLY B 182 -49.07 -17.63 -21.64
N LEU B 183 -48.98 -18.62 -22.52
CA LEU B 183 -49.14 -20.02 -22.16
C LEU B 183 -47.81 -20.75 -22.33
N TYR B 184 -47.58 -21.74 -21.49
CA TYR B 184 -46.35 -22.53 -21.54
C TYR B 184 -46.48 -23.65 -22.56
N SER B 185 -45.35 -24.27 -22.88
CA SER B 185 -45.29 -25.36 -23.84
C SER B 185 -43.94 -26.04 -23.72
N LEU B 186 -43.95 -27.38 -23.75
CA LEU B 186 -42.70 -28.14 -23.78
C LEU B 186 -42.92 -29.41 -24.57
N SER B 187 -41.82 -30.10 -24.85
CA SER B 187 -41.84 -31.36 -25.58
C SER B 187 -40.96 -32.38 -24.86
N SER B 188 -41.44 -33.62 -24.81
CA SER B 188 -40.67 -34.74 -24.28
C SER B 188 -40.45 -35.73 -25.41
N VAL B 189 -39.20 -36.16 -25.57
CA VAL B 189 -38.81 -36.99 -26.72
C VAL B 189 -37.98 -38.16 -26.24
N VAL B 190 -38.08 -39.27 -26.97
CA VAL B 190 -37.29 -40.46 -26.72
C VAL B 190 -36.74 -40.96 -28.05
N THR B 191 -35.44 -41.26 -28.08
CA THR B 191 -34.78 -41.79 -29.26
C THR B 191 -34.74 -43.32 -29.15
N VAL B 192 -35.23 -43.99 -30.18
CA VAL B 192 -35.48 -45.43 -30.10
C VAL B 192 -34.87 -46.11 -31.31
N PRO B 193 -34.61 -47.41 -31.23
CA PRO B 193 -34.25 -48.17 -32.43
C PRO B 193 -35.40 -48.15 -33.42
N SER B 194 -35.09 -47.77 -34.67
CA SER B 194 -36.12 -47.61 -35.69
C SER B 194 -36.80 -48.93 -36.04
N SER B 195 -36.15 -50.06 -35.77
CA SER B 195 -36.78 -51.36 -36.03
C SER B 195 -37.89 -51.65 -35.03
N SER B 196 -37.75 -51.14 -33.79
CA SER B 196 -38.72 -51.41 -32.75
C SER B 196 -40.01 -50.61 -32.90
N LEU B 197 -40.16 -49.83 -33.98
CA LEU B 197 -41.36 -49.01 -34.13
C LEU B 197 -42.60 -49.87 -34.33
N GLY B 198 -42.49 -50.92 -35.15
CA GLY B 198 -43.60 -51.85 -35.28
C GLY B 198 -43.70 -52.89 -34.18
N THR B 199 -42.65 -53.01 -33.36
CA THR B 199 -42.59 -54.00 -32.30
C THR B 199 -42.96 -53.43 -30.93
N GLN B 200 -42.58 -52.20 -30.64
CA GLN B 200 -42.71 -51.64 -29.29
C GLN B 200 -43.82 -50.58 -29.23
N THR B 201 -44.25 -50.31 -28.01
CA THR B 201 -45.30 -49.34 -27.72
C THR B 201 -44.69 -48.15 -26.98
N TYR B 202 -45.14 -46.95 -27.33
CA TYR B 202 -44.64 -45.71 -26.73
C TYR B 202 -45.81 -44.82 -26.35
N ILE B 203 -46.05 -44.67 -25.05
CA ILE B 203 -47.12 -43.83 -24.52
C ILE B 203 -46.51 -42.83 -23.55
N CYS B 204 -46.71 -41.55 -23.81
CA CYS B 204 -46.27 -40.50 -22.90
C CYS B 204 -47.37 -40.19 -21.90
N ASN B 205 -46.99 -39.96 -20.65
CA ASN B 205 -47.92 -39.72 -19.56
C ASN B 205 -47.72 -38.29 -19.06
N VAL B 206 -48.63 -37.39 -19.45
CA VAL B 206 -48.55 -35.97 -19.14
C VAL B 206 -49.41 -35.67 -17.92
N ASN B 207 -48.86 -34.92 -16.97
CA ASN B 207 -49.56 -34.65 -15.72
C ASN B 207 -49.46 -33.17 -15.39
N HIS B 208 -50.60 -32.48 -15.39
CA HIS B 208 -50.68 -31.06 -15.02
C HIS B 208 -51.61 -30.94 -13.82
N LYS B 209 -51.03 -30.95 -12.63
CA LYS B 209 -51.78 -30.96 -11.37
C LYS B 209 -52.47 -29.64 -11.02
N PRO B 210 -51.92 -28.47 -11.35
CA PRO B 210 -52.69 -27.22 -11.13
C PRO B 210 -54.09 -27.25 -11.71
N SER B 211 -54.30 -27.93 -12.83
CA SER B 211 -55.62 -28.08 -13.43
C SER B 211 -56.19 -29.48 -13.28
N ASN B 212 -55.46 -30.38 -12.61
CA ASN B 212 -55.87 -31.77 -12.43
C ASN B 212 -56.15 -32.43 -13.78
N THR B 213 -55.14 -32.40 -14.64
CA THR B 213 -55.23 -32.91 -16.01
C THR B 213 -54.16 -33.98 -16.22
N LYS B 214 -54.58 -35.21 -16.44
CA LYS B 214 -53.70 -36.33 -16.76
C LYS B 214 -54.11 -36.89 -18.12
N VAL B 215 -53.19 -36.84 -19.08
CA VAL B 215 -53.44 -37.28 -20.45
C VAL B 215 -52.44 -38.37 -20.80
N ASP B 216 -52.91 -39.38 -21.54
CA ASP B 216 -52.05 -40.41 -22.11
C ASP B 216 -52.25 -40.40 -23.62
N LYS B 217 -51.14 -40.38 -24.36
CA LYS B 217 -51.18 -40.32 -25.81
C LYS B 217 -50.22 -41.35 -26.39
N LYS B 218 -50.76 -42.28 -27.18
CA LYS B 218 -49.94 -43.29 -27.86
C LYS B 218 -49.30 -42.67 -29.09
N VAL B 219 -47.97 -42.75 -29.18
CA VAL B 219 -47.23 -42.20 -30.30
C VAL B 219 -46.90 -43.35 -31.23
N GLU B 220 -47.66 -43.48 -32.31
CA GLU B 220 -47.45 -44.51 -33.32
C GLU B 220 -46.97 -43.89 -34.63
N PRO B 221 -46.29 -44.67 -35.47
CA PRO B 221 -45.75 -44.11 -36.72
C PRO B 221 -46.84 -43.57 -37.64
N LYS B 222 -46.41 -42.73 -38.57
CA LYS B 222 -47.31 -42.10 -39.52
C LYS B 222 -47.53 -43.00 -40.73
N SER B 223 -48.70 -42.86 -41.34
CA SER B 223 -49.06 -43.66 -42.51
C SER B 223 -48.18 -43.32 -43.71
N PRO C 2 -23.98 2.17 -27.36
CA PRO C 2 -22.83 1.39 -27.83
C PRO C 2 -23.05 -0.11 -27.66
N VAL C 3 -22.70 -0.91 -28.66
CA VAL C 3 -22.88 -2.35 -28.63
C VAL C 3 -21.55 -3.00 -28.27
N LEU C 4 -21.59 -3.95 -27.35
CA LEU C 4 -20.42 -4.75 -26.97
C LEU C 4 -20.63 -6.17 -27.45
N THR C 5 -19.78 -6.62 -28.36
CA THR C 5 -19.94 -7.94 -28.99
C THR C 5 -18.97 -8.92 -28.35
N GLN C 6 -19.52 -9.96 -27.74
CA GLN C 6 -18.76 -11.10 -27.26
C GLN C 6 -19.09 -12.33 -28.11
N PRO C 7 -18.11 -13.20 -28.34
CA PRO C 7 -18.41 -14.46 -29.04
C PRO C 7 -19.44 -15.26 -28.28
N PRO C 8 -20.44 -15.82 -28.97
CA PRO C 8 -21.51 -16.53 -28.26
C PRO C 8 -21.02 -17.70 -27.43
N SER C 9 -19.91 -18.34 -27.83
CA SER C 9 -19.38 -19.47 -27.08
C SER C 9 -17.88 -19.56 -27.29
N SER C 10 -17.22 -20.24 -26.35
CA SER C 10 -15.79 -20.49 -26.42
C SER C 10 -15.49 -21.71 -25.57
N SER C 11 -14.43 -22.43 -25.93
CA SER C 11 -14.09 -23.68 -25.26
C SER C 11 -12.59 -23.84 -25.16
N ALA C 12 -12.17 -24.54 -24.12
CA ALA C 12 -10.76 -24.87 -23.89
C ALA C 12 -10.70 -26.07 -22.95
N SER C 13 -9.57 -26.76 -22.99
CA SER C 13 -9.40 -27.97 -22.19
C SER C 13 -8.96 -27.62 -20.77
N PRO C 14 -9.22 -28.51 -19.81
CA PRO C 14 -8.76 -28.26 -18.44
C PRO C 14 -7.24 -28.13 -18.39
N GLY C 15 -6.78 -27.22 -17.52
CA GLY C 15 -5.37 -26.92 -17.41
C GLY C 15 -4.85 -25.89 -18.39
N GLU C 16 -5.56 -25.67 -19.50
CA GLU C 16 -5.15 -24.69 -20.49
C GLU C 16 -5.57 -23.30 -20.04
N SER C 17 -5.46 -22.32 -20.93
CA SER C 17 -5.84 -20.95 -20.65
C SER C 17 -6.93 -20.52 -21.62
N ALA C 18 -7.98 -19.90 -21.09
CA ALA C 18 -9.08 -19.38 -21.90
C ALA C 18 -8.94 -17.86 -22.02
N ARG C 19 -9.21 -17.36 -23.22
CA ARG C 19 -9.08 -15.94 -23.53
C ARG C 19 -10.39 -15.43 -24.11
N LEU C 20 -11.15 -14.69 -23.30
CA LEU C 20 -12.43 -14.15 -23.71
C LEU C 20 -12.29 -12.67 -24.06
N THR C 21 -12.87 -12.27 -25.18
CA THR C 21 -12.72 -10.93 -25.73
C THR C 21 -14.01 -10.14 -25.61
N CYS C 22 -13.87 -8.82 -25.50
CA CYS C 22 -15.00 -7.89 -25.43
C CYS C 22 -14.67 -6.72 -26.34
N THR C 23 -15.20 -6.75 -27.57
CA THR C 23 -14.87 -5.76 -28.58
C THR C 23 -15.83 -4.58 -28.52
N LEU C 24 -15.27 -3.37 -28.52
CA LEU C 24 -16.00 -2.12 -28.45
C LEU C 24 -16.23 -1.55 -29.86
N PRO C 25 -17.23 -0.70 -30.03
CA PRO C 25 -17.44 -0.08 -31.35
C PRO C 25 -16.27 0.80 -31.76
N SER C 26 -16.33 1.26 -33.01
CA SER C 26 -15.22 2.01 -33.60
C SER C 26 -15.16 3.46 -33.14
N ASP C 27 -16.23 4.00 -32.57
CA ASP C 27 -16.26 5.40 -32.17
C ASP C 27 -15.86 5.62 -30.73
N ILE C 28 -15.56 4.56 -29.97
CA ILE C 28 -15.04 4.69 -28.61
C ILE C 28 -13.78 3.84 -28.50
N SER C 29 -13.01 4.08 -27.45
CA SER C 29 -11.72 3.44 -27.27
C SER C 29 -11.69 2.64 -25.96
N VAL C 30 -11.11 1.45 -26.02
CA VAL C 30 -10.98 0.60 -24.84
C VAL C 30 -10.12 1.26 -23.77
N SER C 31 -9.21 2.15 -24.17
CA SER C 31 -8.29 2.79 -23.25
C SER C 31 -8.96 3.75 -22.29
N SER C 32 -10.21 4.13 -22.55
CA SER C 32 -10.87 5.17 -21.77
C SER C 32 -11.62 4.63 -20.56
N TYR C 33 -12.04 3.37 -20.57
CA TYR C 33 -13.04 2.88 -19.63
C TYR C 33 -12.49 1.77 -18.74
N ASN C 34 -12.99 1.74 -17.51
CA ASN C 34 -12.86 0.55 -16.68
C ASN C 34 -13.70 -0.57 -17.28
N ILE C 35 -13.14 -1.78 -17.30
CA ILE C 35 -13.78 -2.92 -17.93
C ILE C 35 -14.16 -3.92 -16.84
N TYR C 36 -15.46 -4.03 -16.56
CA TYR C 36 -15.96 -5.02 -15.64
C TYR C 36 -16.05 -6.38 -16.31
N TRP C 37 -15.84 -7.44 -15.53
CA TRP C 37 -16.01 -8.80 -16.00
C TRP C 37 -16.80 -9.57 -14.94
N TYR C 38 -17.85 -10.26 -15.39
CA TYR C 38 -18.73 -11.01 -14.50
C TYR C 38 -18.74 -12.48 -14.91
N GLN C 39 -18.94 -13.34 -13.92
CA GLN C 39 -19.16 -14.76 -14.13
C GLN C 39 -20.55 -15.12 -13.63
N GLN C 40 -21.36 -15.70 -14.50
CA GLN C 40 -22.73 -16.08 -14.15
C GLN C 40 -22.94 -17.56 -14.43
N LYS C 41 -23.41 -18.28 -13.42
CA LYS C 41 -23.80 -19.67 -13.48
C LYS C 41 -25.32 -19.79 -13.30
N PRO C 42 -25.94 -20.84 -13.85
CA PRO C 42 -27.41 -20.91 -13.84
C PRO C 42 -27.98 -20.91 -12.43
N GLY C 43 -29.15 -20.29 -12.29
CA GLY C 43 -29.83 -20.21 -11.03
C GLY C 43 -29.22 -19.26 -10.02
N SER C 44 -28.27 -18.42 -10.43
CA SER C 44 -27.58 -17.52 -9.52
C SER C 44 -27.34 -16.19 -10.22
N PRO C 45 -27.25 -15.09 -9.46
CA PRO C 45 -26.96 -13.79 -10.07
C PRO C 45 -25.53 -13.73 -10.57
N PRO C 46 -25.21 -12.76 -11.44
CA PRO C 46 -23.83 -12.62 -11.90
C PRO C 46 -22.90 -12.31 -10.74
N ARG C 47 -21.66 -12.79 -10.86
CA ARG C 47 -20.64 -12.62 -9.83
C ARG C 47 -19.51 -11.77 -10.38
N PHE C 48 -19.16 -10.70 -9.66
CA PHE C 48 -18.10 -9.81 -10.11
C PHE C 48 -16.75 -10.52 -10.04
N LEU C 49 -16.07 -10.60 -11.18
CA LEU C 49 -14.75 -11.22 -11.25
C LEU C 49 -13.65 -10.21 -10.92
N LEU C 50 -13.57 -9.14 -11.70
CA LEU C 50 -12.51 -8.14 -11.58
C LEU C 50 -12.81 -7.03 -12.57
N TYR C 51 -12.12 -5.91 -12.39
CA TYR C 51 -12.16 -4.80 -13.33
C TYR C 51 -10.73 -4.48 -13.78
N TYR C 52 -10.61 -4.05 -15.03
CA TYR C 52 -9.31 -3.67 -15.58
C TYR C 52 -9.44 -2.37 -16.35
N TYR C 53 -8.58 -1.41 -16.02
CA TYR C 53 -8.37 -0.19 -16.78
C TYR C 53 -6.94 -0.06 -17.27
N SER C 54 -5.97 -0.41 -16.43
CA SER C 54 -4.56 -0.42 -16.78
C SER C 54 -3.84 -1.30 -15.78
N ASP C 55 -2.53 -1.45 -15.97
CA ASP C 55 -1.73 -2.26 -15.05
C ASP C 55 -1.56 -1.60 -13.69
N SER C 56 -1.90 -0.31 -13.56
CA SER C 56 -1.88 0.37 -12.27
C SER C 56 -3.26 0.71 -11.74
N ASP C 57 -4.29 0.66 -12.58
CA ASP C 57 -5.67 0.89 -12.17
C ASP C 57 -6.45 -0.39 -12.48
N LYS C 58 -6.46 -1.31 -11.51
CA LYS C 58 -7.17 -2.57 -11.65
C LYS C 58 -7.48 -3.11 -10.26
N GLY C 59 -8.45 -4.00 -10.20
CA GLY C 59 -8.87 -4.57 -8.92
C GLY C 59 -9.51 -5.92 -9.13
N GLN C 60 -9.32 -6.79 -8.15
CA GLN C 60 -9.85 -8.15 -8.18
C GLN C 60 -11.07 -8.27 -7.29
N GLY C 61 -11.98 -9.16 -7.68
CA GLY C 61 -13.16 -9.41 -6.88
C GLY C 61 -12.86 -10.23 -5.65
N SER C 62 -13.72 -10.09 -4.65
CA SER C 62 -13.55 -10.82 -3.40
C SER C 62 -13.72 -12.32 -3.62
N GLY C 63 -12.76 -13.09 -3.15
CA GLY C 63 -12.80 -14.53 -3.33
C GLY C 63 -12.56 -15.00 -4.74
N VAL C 64 -12.05 -14.13 -5.62
CA VAL C 64 -11.77 -14.49 -7.00
C VAL C 64 -10.30 -14.89 -7.10
N PRO C 65 -9.99 -16.12 -7.50
CA PRO C 65 -8.58 -16.53 -7.58
C PRO C 65 -7.83 -15.74 -8.65
N SER C 66 -6.51 -15.65 -8.46
CA SER C 66 -5.67 -14.89 -9.38
C SER C 66 -5.53 -15.56 -10.74
N ARG C 67 -6.11 -16.75 -10.94
CA ARG C 67 -6.19 -17.33 -12.27
C ARG C 67 -6.90 -16.37 -13.22
N PHE C 68 -7.90 -15.65 -12.71
CA PHE C 68 -8.63 -14.66 -13.51
C PHE C 68 -7.84 -13.36 -13.54
N SER C 69 -7.54 -12.89 -14.75
CA SER C 69 -6.84 -11.62 -14.92
C SER C 69 -7.41 -10.92 -16.15
N GLY C 70 -7.18 -9.61 -16.22
CA GLY C 70 -7.72 -8.81 -17.31
C GLY C 70 -6.63 -7.99 -17.97
N SER C 71 -6.91 -7.58 -19.20
CA SER C 71 -6.00 -6.76 -19.99
C SER C 71 -6.78 -6.12 -21.13
N LYS C 72 -6.09 -5.32 -21.92
CA LYS C 72 -6.69 -4.66 -23.08
C LYS C 72 -5.79 -4.86 -24.29
N ASP C 73 -6.41 -4.78 -25.47
CA ASP C 73 -5.70 -4.83 -26.75
C ASP C 73 -6.19 -3.64 -27.58
N ALA C 74 -5.35 -2.60 -27.67
CA ALA C 74 -5.78 -1.36 -28.31
C ALA C 74 -5.99 -1.54 -29.81
N SER C 75 -5.14 -2.31 -30.47
CA SER C 75 -5.24 -2.46 -31.92
C SER C 75 -6.57 -3.09 -32.32
N ASP C 76 -7.10 -4.01 -31.52
CA ASP C 76 -8.38 -4.63 -31.80
C ASP C 76 -9.54 -3.98 -31.04
N ASN C 77 -9.25 -3.01 -30.16
CA ASN C 77 -10.28 -2.31 -29.39
C ASN C 77 -11.10 -3.30 -28.55
N THR C 78 -10.39 -4.21 -27.87
CA THR C 78 -11.01 -5.31 -27.16
C THR C 78 -10.62 -5.30 -25.69
N GLY C 79 -11.58 -5.59 -24.83
CA GLY C 79 -11.31 -5.93 -23.45
C GLY C 79 -11.19 -7.44 -23.31
N ILE C 80 -10.20 -7.87 -22.53
CA ILE C 80 -9.80 -9.28 -22.50
C ILE C 80 -9.87 -9.80 -21.07
N LEU C 81 -10.48 -10.96 -20.90
CA LEU C 81 -10.46 -11.69 -19.64
C LEU C 81 -9.68 -12.98 -19.86
N LEU C 82 -8.54 -13.11 -19.19
CA LEU C 82 -7.69 -14.29 -19.30
C LEU C 82 -7.86 -15.16 -18.07
N ILE C 83 -8.18 -16.44 -18.28
CA ILE C 83 -8.32 -17.42 -17.23
C ILE C 83 -7.24 -18.48 -17.46
N SER C 84 -6.22 -18.49 -16.61
CA SER C 84 -5.12 -19.44 -16.71
C SER C 84 -5.38 -20.64 -15.80
N GLY C 85 -4.86 -21.79 -16.21
CA GLY C 85 -5.12 -23.03 -15.49
C GLY C 85 -6.60 -23.32 -15.38
N LEU C 86 -7.26 -23.44 -16.53
CA LEU C 86 -8.71 -23.60 -16.56
C LEU C 86 -9.14 -24.87 -15.83
N GLN C 87 -10.16 -24.74 -14.99
CA GLN C 87 -10.67 -25.85 -14.19
C GLN C 87 -12.18 -25.99 -14.44
N SER C 88 -12.72 -27.10 -13.95
CA SER C 88 -14.09 -27.48 -14.30
C SER C 88 -15.12 -26.49 -13.80
N GLU C 89 -14.90 -25.89 -12.63
CA GLU C 89 -15.86 -24.95 -12.06
C GLU C 89 -15.93 -23.64 -12.83
N ASP C 90 -15.00 -23.39 -13.74
CA ASP C 90 -15.00 -22.16 -14.53
C ASP C 90 -15.98 -22.18 -15.69
N GLU C 91 -16.65 -23.32 -15.93
CA GLU C 91 -17.64 -23.41 -16.99
C GLU C 91 -18.87 -22.61 -16.59
N ALA C 92 -19.07 -21.47 -17.24
CA ALA C 92 -20.19 -20.58 -16.94
C ALA C 92 -20.29 -19.55 -18.06
N ASP C 93 -21.19 -18.58 -17.88
CA ASP C 93 -21.30 -17.46 -18.79
C ASP C 93 -20.47 -16.29 -18.25
N TYR C 94 -19.91 -15.51 -19.18
CA TYR C 94 -19.04 -14.40 -18.83
C TYR C 94 -19.48 -13.15 -19.58
N TYR C 95 -19.72 -12.07 -18.84
CA TYR C 95 -20.15 -10.81 -19.39
C TYR C 95 -19.11 -9.74 -19.12
N CYS C 96 -18.98 -8.80 -20.05
CA CYS C 96 -18.18 -7.60 -19.87
C CYS C 96 -19.11 -6.40 -19.75
N MET C 97 -18.61 -5.35 -19.11
CA MET C 97 -19.42 -4.16 -18.88
C MET C 97 -18.52 -2.93 -18.85
N ILE C 98 -18.99 -1.86 -19.48
CA ILE C 98 -18.34 -0.56 -19.42
C ILE C 98 -19.38 0.47 -18.98
N TRP C 99 -18.89 1.50 -18.28
CA TRP C 99 -19.75 2.53 -17.68
C TRP C 99 -19.34 3.89 -18.21
N PRO C 100 -19.60 4.16 -19.50
CA PRO C 100 -19.12 5.42 -20.10
C PRO C 100 -19.95 6.61 -19.69
N SER C 101 -21.25 6.40 -19.53
CA SER C 101 -22.19 7.46 -19.18
C SER C 101 -23.22 6.87 -18.21
N ASN C 102 -24.38 7.52 -18.10
CA ASN C 102 -25.37 7.06 -17.15
C ASN C 102 -26.03 5.79 -17.65
N ALA C 103 -25.28 4.69 -17.75
CA ALA C 103 -25.79 3.41 -18.24
C ALA C 103 -24.75 2.32 -18.05
N TRP C 104 -25.22 1.15 -17.59
CA TRP C 104 -24.41 -0.08 -17.58
C TRP C 104 -24.61 -0.80 -18.91
N VAL C 105 -23.55 -0.89 -19.72
CA VAL C 105 -23.61 -1.51 -21.04
C VAL C 105 -22.93 -2.86 -20.96
N PHE C 106 -23.70 -3.93 -21.13
CA PHE C 106 -23.21 -5.29 -21.05
C PHE C 106 -22.97 -5.88 -22.42
N GLY C 107 -21.98 -6.74 -22.53
CA GLY C 107 -21.79 -7.54 -23.72
C GLY C 107 -22.83 -8.63 -23.82
N GLY C 108 -22.86 -9.27 -24.99
CA GLY C 108 -23.84 -10.32 -25.24
C GLY C 108 -23.66 -11.54 -24.35
N GLY C 109 -22.48 -11.74 -23.79
CA GLY C 109 -22.22 -12.89 -22.95
C GLY C 109 -21.58 -14.02 -23.75
N THR C 110 -20.72 -14.77 -23.08
CA THR C 110 -19.98 -15.86 -23.71
C THR C 110 -20.10 -17.10 -22.84
N LYS C 111 -20.61 -18.19 -23.42
CA LYS C 111 -20.68 -19.47 -22.74
C LYS C 111 -19.34 -20.17 -22.87
N LEU C 112 -18.59 -20.25 -21.77
CA LEU C 112 -17.29 -20.90 -21.76
C LEU C 112 -17.46 -22.34 -21.30
N THR C 113 -17.09 -23.28 -22.16
CA THR C 113 -17.15 -24.71 -21.85
C THR C 113 -15.75 -25.24 -21.60
N VAL C 114 -15.49 -25.67 -20.37
CA VAL C 114 -14.30 -26.45 -20.10
C VAL C 114 -14.49 -27.82 -20.72
N LEU C 115 -13.63 -28.17 -21.68
CA LEU C 115 -13.88 -29.31 -22.55
C LEU C 115 -13.73 -30.59 -21.74
N GLY C 116 -14.87 -31.10 -21.24
CA GLY C 116 -14.87 -32.32 -20.46
C GLY C 116 -14.29 -33.46 -21.25
N GLN C 117 -15.01 -33.92 -22.29
CA GLN C 117 -14.50 -34.69 -23.41
C GLN C 117 -15.55 -34.76 -24.53
N PRO C 118 -15.22 -35.33 -25.69
CA PRO C 118 -15.20 -34.51 -26.91
C PRO C 118 -16.45 -34.39 -27.77
N LYS C 119 -16.82 -33.13 -28.02
CA LYS C 119 -17.09 -32.58 -29.35
C LYS C 119 -17.94 -33.49 -30.24
N ALA C 120 -19.20 -33.63 -29.86
CA ALA C 120 -20.18 -34.32 -30.70
C ALA C 120 -20.99 -33.31 -31.52
N ALA C 121 -21.26 -33.67 -32.78
CA ALA C 121 -22.10 -32.86 -33.65
C ALA C 121 -23.58 -33.15 -33.40
N PRO C 122 -24.45 -32.18 -33.66
CA PRO C 122 -25.87 -32.35 -33.28
C PRO C 122 -26.67 -33.13 -34.30
N SER C 123 -27.66 -33.86 -33.79
CA SER C 123 -28.64 -34.56 -34.60
C SER C 123 -29.95 -33.76 -34.59
N VAL C 124 -30.45 -33.44 -35.78
CA VAL C 124 -31.61 -32.57 -35.94
C VAL C 124 -32.77 -33.38 -36.48
N THR C 125 -33.95 -33.19 -35.87
CA THR C 125 -35.18 -33.79 -36.34
C THR C 125 -36.27 -32.72 -36.33
N LEU C 126 -36.91 -32.51 -37.47
CA LEU C 126 -37.97 -31.51 -37.61
C LEU C 126 -39.30 -32.22 -37.75
N PHE C 127 -40.25 -31.89 -36.87
CA PHE C 127 -41.56 -32.52 -36.88
C PHE C 127 -42.58 -31.59 -37.49
N PRO C 128 -43.32 -31.99 -38.51
CA PRO C 128 -44.42 -31.19 -39.01
C PRO C 128 -45.58 -31.21 -38.01
N PRO C 129 -46.60 -30.38 -38.19
CA PRO C 129 -47.74 -30.43 -37.28
C PRO C 129 -48.48 -31.76 -37.41
N SER C 130 -48.84 -32.34 -36.27
CA SER C 130 -49.61 -33.57 -36.28
C SER C 130 -51.02 -33.31 -36.78
N SER C 131 -51.65 -34.34 -37.34
CA SER C 131 -53.02 -34.21 -37.81
C SER C 131 -53.97 -33.85 -36.66
N GLU C 132 -53.62 -34.24 -35.43
CA GLU C 132 -54.44 -33.88 -34.29
C GLU C 132 -54.39 -32.38 -34.02
N GLU C 133 -53.23 -31.76 -34.18
CA GLU C 133 -53.10 -30.33 -33.90
C GLU C 133 -53.77 -29.49 -34.97
N LEU C 134 -53.59 -29.85 -36.24
CA LEU C 134 -54.23 -29.12 -37.32
C LEU C 134 -55.74 -29.25 -37.26
N GLN C 135 -56.25 -30.36 -36.73
CA GLN C 135 -57.68 -30.48 -36.50
C GLN C 135 -58.16 -29.47 -35.45
N ALA C 136 -57.29 -29.10 -34.52
CA ALA C 136 -57.60 -28.08 -33.52
C ALA C 136 -57.34 -26.66 -34.03
N ASN C 137 -57.17 -26.49 -35.35
CA ASN C 137 -56.94 -25.18 -35.96
C ASN C 137 -55.66 -24.54 -35.42
N LYS C 138 -54.63 -25.36 -35.22
CA LYS C 138 -53.33 -24.89 -34.78
C LYS C 138 -52.24 -25.67 -35.50
N ALA C 139 -51.06 -25.07 -35.59
CA ALA C 139 -49.93 -25.70 -36.26
C ALA C 139 -48.64 -25.27 -35.58
N THR C 140 -47.83 -26.25 -35.18
CA THR C 140 -46.55 -25.98 -34.53
C THR C 140 -45.48 -26.90 -35.08
N LEU C 141 -44.39 -26.32 -35.55
CA LEU C 141 -43.23 -27.08 -35.99
C LEU C 141 -42.26 -27.24 -34.82
N VAL C 142 -41.79 -28.46 -34.60
CA VAL C 142 -40.91 -28.78 -33.48
C VAL C 142 -39.58 -29.22 -34.05
N CYS C 143 -38.52 -28.48 -33.73
CA CYS C 143 -37.16 -28.81 -34.14
C CYS C 143 -36.41 -29.41 -32.97
N LEU C 144 -35.94 -30.64 -33.13
CA LEU C 144 -35.28 -31.38 -32.06
C LEU C 144 -33.78 -31.47 -32.35
N ILE C 145 -32.97 -30.93 -31.45
CA ILE C 145 -31.52 -30.98 -31.55
C ILE C 145 -31.01 -31.77 -30.35
N SER C 146 -30.16 -32.77 -30.61
CA SER C 146 -29.77 -33.69 -29.56
C SER C 146 -28.34 -34.18 -29.78
N ASP C 147 -27.70 -34.57 -28.68
CA ASP C 147 -26.42 -35.27 -28.70
C ASP C 147 -25.32 -34.41 -29.31
N PHE C 148 -25.20 -33.18 -28.82
CA PHE C 148 -24.14 -32.28 -29.25
C PHE C 148 -23.34 -31.79 -28.05
N TYR C 149 -22.08 -31.47 -28.29
CA TYR C 149 -21.16 -30.95 -27.29
C TYR C 149 -20.09 -30.11 -28.00
N PRO C 150 -19.78 -28.90 -27.52
CA PRO C 150 -20.32 -28.22 -26.33
C PRO C 150 -21.78 -27.82 -26.47
N GLY C 151 -22.41 -27.47 -25.34
CA GLY C 151 -23.82 -27.10 -25.35
C GLY C 151 -24.07 -25.67 -25.78
N ALA C 152 -23.92 -25.41 -27.07
CA ALA C 152 -24.17 -24.08 -27.63
C ALA C 152 -24.67 -24.24 -29.06
N VAL C 153 -25.85 -23.72 -29.34
CA VAL C 153 -26.47 -23.85 -30.65
C VAL C 153 -27.09 -22.51 -31.06
N THR C 154 -27.08 -22.25 -32.36
CA THR C 154 -27.80 -21.13 -32.95
C THR C 154 -28.90 -21.69 -33.83
N VAL C 155 -30.14 -21.33 -33.56
CA VAL C 155 -31.30 -21.85 -34.27
C VAL C 155 -31.84 -20.77 -35.18
N ALA C 156 -32.04 -21.12 -36.46
CA ALA C 156 -32.58 -20.20 -37.45
C ALA C 156 -33.68 -20.91 -38.24
N TRP C 157 -34.83 -20.25 -38.36
CA TRP C 157 -35.98 -20.79 -39.07
C TRP C 157 -36.13 -20.08 -40.41
N LYS C 158 -36.56 -20.84 -41.42
CA LYS C 158 -36.71 -20.31 -42.77
C LYS C 158 -38.03 -20.79 -43.37
N ALA C 159 -38.76 -19.88 -44.01
CA ALA C 159 -39.98 -20.19 -44.73
C ALA C 159 -39.76 -19.89 -46.21
N ASP C 160 -39.66 -20.95 -47.01
CA ASP C 160 -39.41 -20.83 -48.45
C ASP C 160 -38.16 -20.00 -48.72
N SER C 161 -37.06 -20.43 -48.10
CA SER C 161 -35.74 -19.80 -48.19
C SER C 161 -35.70 -18.40 -47.60
N SER C 162 -36.74 -18.00 -46.86
CA SER C 162 -36.78 -16.69 -46.23
C SER C 162 -36.77 -16.85 -44.72
N PRO C 163 -35.90 -16.14 -44.00
CA PRO C 163 -35.82 -16.32 -42.55
C PRO C 163 -37.07 -15.86 -41.83
N VAL C 164 -37.38 -16.54 -40.73
CA VAL C 164 -38.56 -16.27 -39.92
C VAL C 164 -38.11 -15.92 -38.51
N LYS C 165 -38.63 -14.81 -37.99
CA LYS C 165 -38.35 -14.39 -36.62
C LYS C 165 -39.58 -14.47 -35.72
N ALA C 166 -40.77 -14.23 -36.25
CA ALA C 166 -41.98 -14.20 -35.43
C ALA C 166 -42.47 -15.62 -35.14
N GLY C 167 -42.93 -15.83 -33.91
CA GLY C 167 -43.46 -17.12 -33.52
C GLY C 167 -42.41 -18.19 -33.30
N VAL C 168 -41.23 -17.82 -32.81
CA VAL C 168 -40.14 -18.76 -32.57
C VAL C 168 -39.82 -18.77 -31.09
N GLU C 169 -39.82 -19.96 -30.49
CA GLU C 169 -39.41 -20.15 -29.11
C GLU C 169 -38.37 -21.26 -29.05
N THR C 170 -37.23 -20.98 -28.42
CA THR C 170 -36.13 -21.91 -28.36
C THR C 170 -35.65 -22.05 -26.91
N THR C 171 -35.39 -23.29 -26.50
CA THR C 171 -34.91 -23.58 -25.17
C THR C 171 -33.38 -23.48 -25.10
N THR C 172 -32.89 -23.22 -23.89
CA THR C 172 -31.46 -23.25 -23.67
C THR C 172 -30.97 -24.70 -23.64
N PRO C 173 -29.82 -25.00 -24.25
CA PRO C 173 -29.33 -26.38 -24.26
C PRO C 173 -29.23 -26.97 -22.86
N SER C 174 -29.87 -28.11 -22.67
CA SER C 174 -29.86 -28.83 -21.40
C SER C 174 -29.08 -30.13 -21.54
N LYS C 175 -28.47 -30.56 -20.45
CA LYS C 175 -27.62 -31.75 -20.46
C LYS C 175 -28.47 -33.01 -20.42
N GLN C 176 -28.27 -33.89 -21.39
CA GLN C 176 -28.96 -35.16 -21.44
C GLN C 176 -28.38 -36.12 -20.41
N SER C 177 -29.09 -37.25 -20.21
CA SER C 177 -28.63 -38.25 -19.26
C SER C 177 -27.33 -38.91 -19.70
N ASN C 178 -27.00 -38.86 -20.98
CA ASN C 178 -25.71 -39.33 -21.47
C ASN C 178 -24.65 -38.24 -21.45
N ASN C 179 -24.95 -37.10 -20.83
CA ASN C 179 -24.05 -35.97 -20.63
C ASN C 179 -23.69 -35.25 -21.92
N LYS C 180 -24.43 -35.49 -23.01
CA LYS C 180 -24.41 -34.56 -24.13
C LYS C 180 -25.55 -33.56 -23.95
N TYR C 181 -25.71 -32.65 -24.90
CA TYR C 181 -26.71 -31.60 -24.77
C TYR C 181 -27.82 -31.75 -25.80
N ALA C 182 -28.99 -31.22 -25.44
CA ALA C 182 -30.15 -31.23 -26.32
C ALA C 182 -30.87 -29.89 -26.21
N ALA C 183 -31.53 -29.50 -27.29
CA ALA C 183 -32.28 -28.26 -27.33
C ALA C 183 -33.46 -28.42 -28.27
N SER C 184 -34.54 -27.68 -27.99
CA SER C 184 -35.74 -27.71 -28.80
C SER C 184 -36.09 -26.30 -29.24
N SER C 185 -36.67 -26.20 -30.44
CA SER C 185 -37.12 -24.93 -30.99
C SER C 185 -38.49 -25.12 -31.61
N TYR C 186 -39.38 -24.14 -31.40
CA TYR C 186 -40.76 -24.21 -31.84
C TYR C 186 -41.06 -23.07 -32.79
N LEU C 187 -41.81 -23.36 -33.85
CA LEU C 187 -42.31 -22.35 -34.78
C LEU C 187 -43.82 -22.48 -34.85
N SER C 188 -44.53 -21.49 -34.30
CA SER C 188 -45.98 -21.50 -34.27
C SER C 188 -46.52 -20.85 -35.53
N LEU C 189 -47.44 -21.54 -36.21
CA LEU C 189 -48.06 -21.04 -37.42
C LEU C 189 -49.57 -21.23 -37.35
N THR C 190 -50.27 -20.49 -38.18
CA THR C 190 -51.66 -20.83 -38.44
C THR C 190 -51.71 -22.02 -39.41
N PRO C 191 -52.78 -22.81 -39.37
CA PRO C 191 -52.88 -23.93 -40.32
C PRO C 191 -52.80 -23.49 -41.77
N GLU C 192 -53.21 -22.26 -42.08
CA GLU C 192 -53.08 -21.76 -43.44
C GLU C 192 -51.63 -21.45 -43.79
N GLN C 193 -50.91 -20.81 -42.87
CA GLN C 193 -49.49 -20.52 -43.09
C GLN C 193 -48.70 -21.80 -43.33
N TRP C 194 -49.10 -22.90 -42.70
CA TRP C 194 -48.39 -24.16 -42.85
C TRP C 194 -48.53 -24.72 -44.27
N LYS C 195 -49.75 -24.70 -44.79
CA LYS C 195 -50.02 -25.26 -46.11
C LYS C 195 -49.84 -24.26 -47.24
N SER C 196 -49.72 -22.97 -46.93
CA SER C 196 -49.55 -21.97 -47.99
C SER C 196 -48.14 -21.94 -48.57
N HIS C 197 -47.17 -22.53 -47.88
CA HIS C 197 -45.78 -22.53 -48.32
C HIS C 197 -45.40 -23.89 -48.85
N ARG C 198 -44.27 -23.93 -49.58
CA ARG C 198 -43.78 -25.19 -50.12
C ARG C 198 -43.02 -25.99 -49.05
N SER C 199 -42.27 -25.31 -48.19
CA SER C 199 -41.51 -25.99 -47.16
C SER C 199 -41.10 -25.00 -46.09
N TYR C 200 -40.84 -25.52 -44.89
CA TYR C 200 -40.26 -24.78 -43.79
C TYR C 200 -38.96 -25.47 -43.38
N SER C 201 -37.98 -24.69 -42.93
CA SER C 201 -36.66 -25.21 -42.64
C SER C 201 -36.24 -24.83 -41.22
N CYS C 202 -35.53 -25.75 -40.56
CA CYS C 202 -34.88 -25.49 -39.29
C CYS C 202 -33.37 -25.68 -39.48
N GLN C 203 -32.61 -24.64 -39.16
CA GLN C 203 -31.16 -24.65 -39.33
C GLN C 203 -30.51 -24.38 -37.98
N VAL C 204 -29.71 -25.33 -37.51
CA VAL C 204 -28.95 -25.18 -36.27
C VAL C 204 -27.47 -25.10 -36.62
N THR C 205 -26.74 -24.28 -35.89
CA THR C 205 -25.32 -24.06 -36.11
C THR C 205 -24.55 -24.44 -34.85
N HIS C 206 -23.60 -25.35 -35.00
CA HIS C 206 -22.81 -25.85 -33.88
C HIS C 206 -21.34 -25.83 -34.28
N GLU C 207 -20.54 -25.03 -33.55
CA GLU C 207 -19.11 -24.89 -33.80
C GLU C 207 -18.85 -24.45 -35.23
N GLY C 208 -19.66 -23.51 -35.71
CA GLY C 208 -19.49 -22.92 -37.03
C GLY C 208 -20.00 -23.75 -38.19
N SER C 209 -20.55 -24.93 -37.94
CA SER C 209 -21.08 -25.79 -38.98
C SER C 209 -22.58 -25.95 -38.82
N THR C 210 -23.30 -25.89 -39.94
CA THR C 210 -24.75 -25.82 -39.93
C THR C 210 -25.35 -27.11 -40.51
N VAL C 211 -26.38 -27.61 -39.85
CA VAL C 211 -27.17 -28.73 -40.32
C VAL C 211 -28.61 -28.26 -40.51
N GLU C 212 -29.20 -28.60 -41.65
CA GLU C 212 -30.52 -28.10 -42.03
C GLU C 212 -31.47 -29.25 -42.31
N LYS C 213 -32.67 -29.17 -41.75
CA LYS C 213 -33.76 -30.10 -42.05
C LYS C 213 -34.98 -29.30 -42.49
N THR C 214 -35.70 -29.84 -43.48
CA THR C 214 -36.89 -29.18 -44.00
C THR C 214 -38.04 -30.17 -44.03
N VAL C 215 -39.26 -29.64 -43.85
CA VAL C 215 -40.49 -30.43 -43.93
C VAL C 215 -41.46 -29.69 -44.84
N ALA C 216 -42.38 -30.45 -45.43
CA ALA C 216 -43.36 -29.91 -46.36
C ALA C 216 -44.74 -30.52 -46.07
N PRO C 217 -45.80 -29.71 -46.16
CA PRO C 217 -47.15 -30.27 -45.96
C PRO C 217 -47.59 -31.22 -47.05
N THR C 218 -46.88 -31.29 -48.18
CA THR C 218 -47.28 -32.16 -49.27
C THR C 218 -46.77 -33.58 -49.07
N GLU C 219 -46.99 -34.12 -47.86
CA GLU C 219 -46.68 -35.50 -47.49
C GLU C 219 -46.88 -35.67 -45.98
N GLU D 1 51.21 13.83 -5.49
CA GLU D 1 49.82 13.97 -5.92
C GLU D 1 48.96 14.46 -4.77
N ASP D 2 48.39 15.67 -4.94
CA ASP D 2 47.80 16.38 -3.79
C ASP D 2 46.57 15.67 -3.25
N PRO D 3 45.46 15.53 -3.99
CA PRO D 3 44.27 14.90 -3.38
C PRO D 3 44.38 13.40 -3.29
N HIS D 4 45.27 12.77 -4.05
CA HIS D 4 45.39 11.32 -4.05
C HIS D 4 46.22 10.78 -2.88
N LEU D 5 46.71 11.65 -2.00
CA LEU D 5 47.33 11.18 -0.77
C LEU D 5 46.33 10.48 0.13
N ARG D 6 45.05 10.84 0.00
CA ARG D 6 43.98 10.19 0.76
C ARG D 6 43.56 8.87 0.13
N ASN D 7 44.01 8.57 -1.09
CA ASN D 7 43.82 7.25 -1.70
C ASN D 7 44.89 6.33 -1.12
N ARG D 8 44.56 5.70 -0.01
CA ARG D 8 45.54 5.04 0.84
C ARG D 8 45.94 3.68 0.29
N PRO D 9 47.18 3.25 0.55
CA PRO D 9 47.57 1.88 0.24
C PRO D 9 46.96 0.90 1.23
N GLY D 10 46.85 -0.35 0.79
CA GLY D 10 46.23 -1.36 1.64
C GLY D 10 44.76 -1.05 1.88
N LYS D 11 44.32 -1.26 3.12
CA LYS D 11 42.94 -0.96 3.48
C LYS D 11 42.73 0.52 3.74
N GLY D 12 43.73 1.20 4.30
CA GLY D 12 43.60 2.61 4.60
C GLY D 12 42.88 2.92 5.89
N HIS D 13 42.87 1.98 6.84
CA HIS D 13 42.19 2.18 8.11
C HIS D 13 43.08 3.01 9.04
N ASN D 14 42.55 4.13 9.51
CA ASN D 14 43.28 5.06 10.38
C ASN D 14 42.49 5.31 11.66
N TYR D 15 42.02 4.23 12.28
CA TYR D 15 41.34 4.28 13.55
C TYR D 15 42.07 3.42 14.57
N ILE D 16 41.98 3.79 15.83
CA ILE D 16 42.51 2.96 16.90
C ILE D 16 41.40 2.04 17.39
N ASP D 17 41.79 0.88 17.93
CA ASP D 17 40.85 -0.23 18.09
C ASP D 17 39.70 0.10 19.04
N GLY D 18 39.94 0.96 20.03
CA GLY D 18 38.91 1.28 21.02
C GLY D 18 38.08 2.50 20.73
N MET D 19 38.29 3.16 19.59
CA MET D 19 37.58 4.40 19.26
C MET D 19 37.09 4.28 17.81
N THR D 20 35.82 3.89 17.64
CA THR D 20 35.26 3.59 16.33
C THR D 20 34.21 4.59 15.88
N GLN D 21 34.07 5.72 16.57
CA GLN D 21 33.05 6.70 16.20
C GLN D 21 33.39 7.47 14.93
N GLU D 22 34.61 7.32 14.42
CA GLU D 22 35.03 7.97 13.18
C GLU D 22 35.13 7.00 12.01
N ASP D 23 34.55 5.80 12.14
CA ASP D 23 34.75 4.76 11.14
C ASP D 23 34.22 5.16 9.77
N ALA D 24 33.21 6.05 9.73
CA ALA D 24 32.61 6.43 8.46
C ALA D 24 33.62 7.12 7.55
N THR D 25 34.59 7.83 8.12
CA THR D 25 35.58 8.58 7.34
C THR D 25 37.02 8.16 7.61
N CYS D 26 37.27 7.29 8.59
CA CYS D 26 38.61 6.77 8.84
C CYS D 26 38.76 5.31 8.47
N LYS D 27 37.65 4.60 8.23
CA LYS D 27 37.66 3.18 7.93
C LYS D 27 36.85 2.95 6.65
N PRO D 28 37.46 3.20 5.48
CA PRO D 28 38.83 3.67 5.31
C PRO D 28 38.92 5.19 5.12
N VAL D 29 40.13 5.72 5.15
CA VAL D 29 40.37 7.11 4.74
C VAL D 29 40.34 7.19 3.23
N THR D 30 39.59 8.15 2.69
CA THR D 30 39.46 8.30 1.26
C THR D 30 39.29 9.79 0.95
N TYR D 31 38.86 10.07 -0.29
CA TYR D 31 38.81 11.46 -0.76
C TYR D 31 37.84 12.30 0.06
N ALA D 32 36.74 11.71 0.52
CA ALA D 32 35.72 12.44 1.24
C ALA D 32 35.87 12.26 2.75
N GLY D 33 35.52 13.31 3.48
CA GLY D 33 35.50 13.26 4.92
C GLY D 33 36.81 13.67 5.57
N ALA D 34 36.76 13.83 6.89
CA ALA D 34 37.91 14.18 7.70
C ALA D 34 38.22 13.04 8.67
N CYS D 35 39.47 12.97 9.09
CA CYS D 35 39.94 11.92 10.00
C CYS D 35 40.94 12.54 10.97
N SER D 36 40.58 12.59 12.26
CA SER D 36 41.45 13.20 13.24
C SER D 36 42.74 12.44 13.45
N SER D 37 42.77 11.14 13.12
CA SER D 37 43.99 10.34 13.27
C SER D 37 44.87 10.37 12.03
N PHE D 38 44.42 10.99 10.95
CA PHE D 38 45.15 10.97 9.68
C PHE D 38 45.46 12.36 9.14
N ASP D 39 44.52 13.32 9.27
CA ASP D 39 44.69 14.62 8.63
C ASP D 39 45.88 15.39 9.18
N VAL D 40 46.28 15.12 10.43
CA VAL D 40 47.40 15.82 11.02
C VAL D 40 48.71 15.48 10.31
N LEU D 41 48.78 14.33 9.64
CA LEU D 41 50.00 13.93 8.95
C LEU D 41 50.26 14.72 7.67
N LEU D 42 49.26 15.45 7.16
CA LEU D 42 49.39 16.16 5.90
C LEU D 42 49.45 17.67 6.06
N GLU D 43 49.40 18.18 7.29
CA GLU D 43 49.73 19.59 7.53
C GLU D 43 51.21 19.76 7.26
N LYS D 44 51.56 20.36 6.12
CA LYS D 44 52.97 20.57 5.80
C LYS D 44 53.54 21.62 6.74
N GLY D 45 54.74 21.35 7.24
CA GLY D 45 55.23 21.89 8.48
C GLY D 45 55.21 20.87 9.60
N LYS D 46 54.44 19.81 9.43
CA LYS D 46 54.41 18.66 10.33
C LYS D 46 54.76 17.40 9.55
N PHE D 47 55.35 16.43 10.26
CA PHE D 47 55.68 15.11 9.74
C PHE D 47 56.38 15.17 8.39
N PRO D 48 57.62 15.67 8.31
CA PRO D 48 58.28 15.77 7.00
C PRO D 48 58.60 14.42 6.38
N LEU D 49 59.01 13.44 7.19
CA LEU D 49 59.40 12.15 6.63
C LEU D 49 58.22 11.43 5.99
N PHE D 50 57.08 11.41 6.67
CA PHE D 50 55.91 10.76 6.10
C PHE D 50 55.42 11.49 4.86
N GLN D 51 55.50 12.81 4.85
CA GLN D 51 55.01 13.57 3.71
C GLN D 51 55.86 13.35 2.46
N SER D 52 57.11 12.95 2.62
CA SER D 52 57.94 12.56 1.48
C SER D 52 57.79 11.09 1.12
N TYR D 53 57.05 10.33 1.91
CA TYR D 53 56.73 8.92 1.66
C TYR D 53 55.25 8.68 1.88
N ALA D 54 54.41 9.62 1.44
CA ALA D 54 53.00 9.63 1.83
C ALA D 54 52.24 8.45 1.26
N HIS D 55 52.66 7.92 0.12
CA HIS D 55 51.99 6.78 -0.47
C HIS D 55 52.31 5.47 0.23
N HIS D 56 53.03 5.52 1.34
CA HIS D 56 53.25 4.36 2.19
C HIS D 56 52.31 4.43 3.40
N ARG D 57 52.36 3.40 4.23
CA ARG D 57 51.37 3.23 5.27
C ARG D 57 51.70 4.05 6.51
N THR D 58 50.65 4.50 7.19
CA THR D 58 50.77 5.09 8.52
C THR D 58 50.92 3.96 9.55
N LEU D 59 51.10 4.34 10.81
CA LEU D 59 51.24 3.33 11.86
C LEU D 59 49.94 2.59 12.08
N LEU D 60 48.81 3.31 12.15
CA LEU D 60 47.52 2.65 12.29
C LEU D 60 47.21 1.78 11.08
N GLU D 61 47.53 2.25 9.89
CA GLU D 61 47.29 1.47 8.68
C GLU D 61 48.10 0.16 8.71
N ALA D 62 49.36 0.24 9.12
CA ALA D 62 50.17 -0.97 9.21
C ALA D 62 49.66 -1.93 10.28
N VAL D 63 49.01 -1.41 11.32
CA VAL D 63 48.48 -2.26 12.38
C VAL D 63 47.29 -3.06 11.86
N HIS D 64 46.36 -2.39 11.18
CA HIS D 64 45.19 -3.06 10.64
C HIS D 64 45.49 -3.86 9.37
N ASP D 65 46.67 -3.68 8.79
CA ASP D 65 47.12 -4.49 7.67
C ASP D 65 47.99 -5.67 8.13
N THR D 66 48.00 -5.97 9.43
CA THR D 66 48.76 -7.06 10.04
C THR D 66 50.27 -6.88 9.87
N ILE D 67 50.73 -5.72 9.43
CA ILE D 67 52.17 -5.49 9.30
C ILE D 67 52.79 -5.25 10.66
N ILE D 68 52.12 -4.48 11.52
CA ILE D 68 52.59 -4.18 12.86
C ILE D 68 51.59 -4.72 13.87
N ALA D 69 52.09 -5.32 14.94
CA ALA D 69 51.25 -5.91 15.97
C ALA D 69 51.00 -4.93 17.11
N LYS D 70 49.94 -5.19 17.87
CA LYS D 70 49.55 -4.36 19.00
C LYS D 70 50.25 -4.81 20.27
N ALA D 71 50.39 -3.87 21.21
CA ALA D 71 51.19 -4.08 22.40
C ALA D 71 50.45 -4.96 23.42
N ASP D 72 51.09 -5.17 24.59
CA ASP D 72 50.65 -6.14 25.57
C ASP D 72 49.29 -5.73 26.16
N PRO D 73 49.18 -4.68 26.97
CA PRO D 73 47.99 -3.82 26.87
C PRO D 73 48.07 -2.96 25.63
N PRO D 74 47.01 -2.92 24.82
CA PRO D 74 47.02 -2.04 23.64
C PRO D 74 46.95 -0.56 23.99
N SER D 75 46.70 -0.20 25.25
CA SER D 75 46.58 1.20 25.64
C SER D 75 46.85 1.31 27.13
N CYS D 76 47.70 2.28 27.51
CA CYS D 76 48.00 2.55 28.90
C CYS D 76 47.08 3.64 29.43
N ASP D 77 46.68 3.49 30.70
CA ASP D 77 45.77 4.42 31.35
C ASP D 77 46.58 5.39 32.20
N LEU D 78 46.70 6.64 31.73
CA LEU D 78 47.42 7.66 32.50
C LEU D 78 46.79 7.86 33.87
N GLN D 79 45.46 7.91 33.93
CA GLN D 79 44.74 8.15 35.18
C GLN D 79 44.53 6.84 35.92
N SER D 80 45.64 6.34 36.47
CA SER D 80 45.63 5.09 37.23
C SER D 80 46.70 5.18 38.30
N ALA D 81 46.97 4.06 38.96
CA ALA D 81 48.09 4.02 39.90
C ALA D 81 49.41 4.25 39.18
N HIS D 82 49.59 3.60 38.03
CA HIS D 82 50.85 3.67 37.29
C HIS D 82 50.68 4.23 35.89
N GLY D 83 49.82 3.63 35.08
CA GLY D 83 49.90 3.79 33.64
C GLY D 83 51.26 3.40 33.09
N ASN D 84 51.98 2.52 33.79
CA ASN D 84 53.43 2.39 33.63
C ASN D 84 53.88 1.65 32.38
N PRO D 85 53.22 0.59 31.88
CA PRO D 85 53.76 -0.11 30.69
C PRO D 85 54.22 0.82 29.59
N CYS D 86 53.56 1.98 29.45
CA CYS D 86 54.01 3.03 28.54
C CYS D 86 54.70 4.19 29.26
N MET D 87 54.59 4.28 30.59
CA MET D 87 55.00 5.50 31.29
C MET D 87 56.49 5.77 31.14
N LYS D 88 57.32 4.80 31.53
CA LYS D 88 58.77 4.99 31.43
C LYS D 88 59.24 5.09 29.99
N GLU D 89 58.48 4.52 29.05
CA GLU D 89 58.82 4.67 27.63
C GLU D 89 58.35 6.00 27.07
N LYS D 90 57.25 6.54 27.60
CA LYS D 90 56.75 7.83 27.11
C LYS D 90 57.58 9.00 27.62
N LEU D 91 58.13 8.90 28.84
CA LEU D 91 58.77 10.06 29.45
C LEU D 91 60.11 10.37 28.79
N VAL D 92 60.79 9.37 28.24
CA VAL D 92 62.02 9.60 27.49
C VAL D 92 61.74 10.23 26.14
N MET D 93 60.48 10.26 25.71
CA MET D 93 60.07 10.89 24.47
C MET D 93 59.64 12.32 24.74
N LYS D 94 60.13 13.26 23.93
CA LYS D 94 59.67 14.64 23.96
C LYS D 94 58.66 14.81 22.82
N THR D 95 57.38 14.88 23.18
CA THR D 95 56.30 14.93 22.21
C THR D 95 55.46 16.18 22.44
N HIS D 96 54.61 16.48 21.45
CA HIS D 96 53.72 17.64 21.50
C HIS D 96 52.36 17.20 20.99
N CYS D 97 51.36 17.10 21.91
CA CYS D 97 50.00 16.72 21.53
C CYS D 97 49.12 17.95 21.39
N PRO D 98 48.39 18.10 20.30
CA PRO D 98 47.37 19.16 20.22
C PRO D 98 46.23 18.90 21.20
N ASN D 99 45.34 19.89 21.30
CA ASN D 99 44.25 19.82 22.25
C ASN D 99 43.19 18.82 21.81
N ASP D 100 42.33 18.45 22.77
CA ASP D 100 41.11 17.68 22.54
C ASP D 100 41.36 16.24 22.11
N TYR D 101 42.54 15.69 22.39
CA TYR D 101 42.87 14.33 22.01
C TYR D 101 42.76 13.40 23.21
N GLN D 102 42.04 12.28 23.03
CA GLN D 102 41.89 11.30 24.09
C GLN D 102 42.92 10.19 24.01
N SER D 103 43.54 9.98 22.85
CA SER D 103 44.49 8.89 22.67
C SER D 103 45.65 9.35 21.81
N ALA D 104 46.81 8.74 22.03
CA ALA D 104 47.99 8.97 21.22
C ALA D 104 48.77 7.66 21.13
N HIS D 105 49.21 7.33 19.92
CA HIS D 105 49.86 6.06 19.65
C HIS D 105 51.30 6.28 19.19
N TYR D 106 52.15 5.28 19.43
CA TYR D 106 53.55 5.36 19.06
C TYR D 106 54.08 3.95 18.84
N LEU D 107 55.26 3.87 18.21
CA LEU D 107 55.92 2.59 17.98
C LEU D 107 56.72 2.20 19.21
N ASN D 108 56.47 1.00 19.72
CA ASN D 108 57.13 0.51 20.91
C ASN D 108 58.62 0.30 20.66
N ASN D 109 59.37 0.14 21.74
CA ASN D 109 60.74 -0.36 21.64
C ASN D 109 60.77 -1.82 21.19
N ASP D 110 59.65 -2.52 21.31
CA ASP D 110 59.51 -3.89 20.84
C ASP D 110 59.05 -3.96 19.39
N GLY D 111 58.95 -2.82 18.70
CA GLY D 111 58.45 -2.83 17.34
C GLY D 111 56.96 -3.00 17.22
N LYS D 112 56.21 -2.76 18.29
CA LYS D 112 54.76 -2.87 18.29
C LYS D 112 54.16 -1.49 18.53
N MET D 113 52.82 -1.42 18.52
CA MET D 113 52.11 -0.18 18.71
C MET D 113 51.54 -0.12 20.12
N ALA D 114 52.01 0.84 20.90
CA ALA D 114 51.44 1.14 22.21
C ALA D 114 50.60 2.41 22.11
N SER D 115 49.67 2.55 23.06
CA SER D 115 48.77 3.69 23.09
C SER D 115 48.77 4.32 24.47
N VAL D 116 48.60 5.63 24.50
CA VAL D 116 48.39 6.39 25.72
C VAL D 116 46.99 7.00 25.64
N LYS D 117 46.22 6.89 26.72
CA LYS D 117 44.80 7.18 26.66
C LYS D 117 44.35 7.91 27.93
N CYS D 118 43.23 8.60 27.80
CA CYS D 118 42.61 9.40 28.85
C CYS D 118 41.16 9.00 29.01
N PRO D 119 40.54 9.33 30.15
CA PRO D 119 39.11 9.07 30.33
C PRO D 119 38.26 9.81 29.33
N PRO D 120 36.97 9.47 29.20
CA PRO D 120 36.20 9.90 28.01
C PRO D 120 36.08 11.40 27.80
N LYS D 121 36.26 12.25 28.83
CA LYS D 121 36.25 13.68 28.59
C LYS D 121 37.49 14.36 29.16
N TYR D 122 38.62 13.66 29.13
CA TYR D 122 39.93 14.24 29.42
C TYR D 122 40.72 14.35 28.13
N GLU D 123 41.54 15.39 28.04
CA GLU D 123 42.43 15.58 26.91
C GLU D 123 43.87 15.39 27.36
N LEU D 124 44.71 14.92 26.43
CA LEU D 124 46.12 14.79 26.71
C LEU D 124 46.76 16.17 26.84
N THR D 125 47.66 16.30 27.82
CA THR D 125 48.36 17.57 27.98
C THR D 125 49.29 17.81 26.80
N GLU D 126 49.87 19.01 26.76
CA GLU D 126 50.70 19.41 25.62
C GLU D 126 51.91 18.50 25.43
N ASP D 127 52.33 17.79 26.47
CA ASP D 127 53.46 16.87 26.37
C ASP D 127 53.03 15.41 26.33
N CYS D 128 51.72 15.16 26.24
CA CYS D 128 51.18 13.81 26.16
C CYS D 128 51.54 12.96 27.37
N ASN D 129 51.83 13.59 28.51
CA ASN D 129 52.24 12.89 29.71
C ASN D 129 51.18 12.81 30.78
N PHE D 130 50.14 13.65 30.71
CA PHE D 130 49.10 13.69 31.72
C PHE D 130 47.74 13.86 31.05
N CYS D 131 46.69 13.57 31.81
CA CYS D 131 45.32 13.75 31.36
C CYS D 131 44.74 15.00 32.01
N ARG D 132 44.36 15.98 31.20
CA ARG D 132 43.73 17.20 31.66
C ARG D 132 42.29 17.24 31.20
N GLN D 133 41.39 17.68 32.09
CA GLN D 133 39.98 17.74 31.74
C GLN D 133 39.75 18.69 30.58
N MET D 134 38.85 18.30 29.68
CA MET D 134 38.73 18.95 28.38
C MET D 134 38.27 20.40 28.50
N THR D 135 39.01 21.30 27.85
CA THR D 135 38.61 22.70 27.72
C THR D 135 38.27 23.03 26.27
N GLY D 136 37.71 22.06 25.56
CA GLY D 136 37.05 22.29 24.29
C GLY D 136 35.56 21.99 24.39
N ALA D 137 34.90 22.06 23.24
CA ALA D 137 33.49 21.70 23.20
C ALA D 137 33.30 20.19 23.25
N SER D 138 34.16 19.46 22.56
CA SER D 138 34.09 17.99 22.53
C SER D 138 35.46 17.45 22.16
N LEU D 139 35.65 16.16 22.41
CA LEU D 139 36.89 15.49 22.08
C LEU D 139 36.88 15.02 20.63
N LYS D 140 38.08 14.85 20.07
CA LYS D 140 38.19 14.19 18.78
C LYS D 140 37.90 12.70 18.94
N LYS D 141 37.56 12.06 17.83
CA LYS D 141 37.21 10.64 17.83
C LYS D 141 38.41 9.74 17.60
N GLY D 142 39.59 10.29 17.35
CA GLY D 142 40.73 9.47 16.98
C GLY D 142 41.91 9.54 17.92
N SER D 143 43.08 9.12 17.41
CA SER D 143 44.31 9.08 18.18
C SER D 143 45.39 9.85 17.43
N TYR D 144 46.26 10.54 18.18
CA TYR D 144 47.26 11.39 17.56
C TYR D 144 48.56 10.61 17.36
N PRO D 145 49.15 10.66 16.16
CA PRO D 145 50.44 10.00 15.94
C PRO D 145 51.57 10.78 16.60
N LEU D 146 52.28 10.12 17.53
CA LEU D 146 53.35 10.77 18.26
C LEU D 146 54.64 10.88 17.46
N GLN D 147 54.85 9.99 16.49
CA GLN D 147 56.10 9.93 15.74
C GLN D 147 55.84 10.20 14.26
N ASP D 148 56.87 10.73 13.60
CA ASP D 148 56.85 10.93 12.15
C ASP D 148 57.46 9.68 11.51
N LEU D 149 56.61 8.83 10.94
CA LEU D 149 57.08 7.57 10.40
C LEU D 149 56.20 7.12 9.25
N PHE D 150 56.71 6.16 8.49
CA PHE D 150 55.96 5.45 7.47
C PHE D 150 56.29 3.96 7.58
N CYS D 151 55.40 3.13 7.05
CA CYS D 151 55.54 1.68 7.19
C CYS D 151 55.31 1.00 5.85
N GLN D 152 55.71 -0.26 5.78
CA GLN D 152 55.54 -1.09 4.60
C GLN D 152 55.61 -2.55 5.02
N SER D 153 55.25 -3.44 4.09
CA SER D 153 55.36 -4.87 4.32
C SER D 153 56.76 -5.35 3.98
N SER D 154 57.23 -6.34 4.72
CA SER D 154 58.57 -6.88 4.52
C SER D 154 58.70 -8.22 5.22
N GLU D 155 59.31 -9.18 4.53
CA GLU D 155 59.67 -10.46 5.11
C GLU D 155 61.19 -10.61 5.26
N ASP D 156 61.95 -9.57 4.96
CA ASP D 156 63.37 -9.55 5.28
C ASP D 156 63.53 -9.59 6.79
N ASP D 157 64.35 -10.53 7.28
CA ASP D 157 64.49 -10.77 8.70
C ASP D 157 65.63 -9.94 9.27
N GLY D 158 65.35 -9.21 10.35
CA GLY D 158 66.36 -8.43 11.02
C GLY D 158 66.61 -8.87 12.44
N SER D 159 66.55 -10.19 12.67
CA SER D 159 66.69 -10.71 14.03
C SER D 159 68.07 -10.45 14.62
N LYS D 160 69.08 -10.25 13.79
CA LYS D 160 70.43 -9.93 14.27
C LYS D 160 70.73 -8.44 14.22
N LEU D 161 69.78 -7.61 13.84
CA LEU D 161 69.98 -6.17 13.80
C LEU D 161 69.78 -5.57 15.18
N LYS D 162 70.68 -4.66 15.57
CA LYS D 162 70.56 -3.94 16.83
C LYS D 162 71.22 -2.58 16.71
N THR D 163 70.79 -1.67 17.58
CA THR D 163 71.27 -0.29 17.57
C THR D 163 72.78 -0.23 17.81
N LYS D 164 73.46 0.51 16.94
CA LYS D 164 74.90 0.81 17.10
C LYS D 164 75.10 2.29 16.78
N MET D 165 75.40 3.08 17.79
CA MET D 165 75.64 4.51 17.63
C MET D 165 76.96 4.87 18.29
N LYS D 166 77.74 5.72 17.62
CA LYS D 166 79.09 6.03 18.08
C LYS D 166 79.04 6.91 19.32
N GLY D 167 79.64 6.43 20.40
CA GLY D 167 79.72 7.21 21.63
C GLY D 167 78.42 7.38 22.36
N VAL D 168 77.41 6.57 22.05
CA VAL D 168 76.10 6.66 22.69
C VAL D 168 76.00 5.57 23.75
N CYS D 169 75.53 5.96 24.94
CA CYS D 169 75.35 5.04 26.06
C CYS D 169 73.89 4.73 26.33
N GLU D 170 73.04 5.75 26.32
CA GLU D 170 71.60 5.59 26.46
C GLU D 170 70.91 6.42 25.40
N VAL D 171 70.05 5.79 24.61
CA VAL D 171 69.17 6.49 23.69
C VAL D 171 67.76 5.95 23.93
N GLY D 172 66.94 6.76 24.58
CA GLY D 172 65.61 6.31 24.91
C GLY D 172 65.64 5.29 26.03
N VAL D 173 64.89 4.20 25.85
CA VAL D 173 64.85 3.11 26.83
C VAL D 173 66.05 2.18 26.67
N GLN D 174 66.80 2.31 25.59
CA GLN D 174 67.89 1.38 25.27
C GLN D 174 69.20 1.85 25.88
N ALA D 175 69.90 0.91 26.54
CA ALA D 175 71.23 1.15 27.07
C ALA D 175 72.24 0.39 26.21
N LEU D 176 73.12 1.13 25.54
CA LEU D 176 74.06 0.51 24.60
C LEU D 176 75.34 0.06 25.28
N LYS D 177 75.71 0.70 26.38
CA LYS D 177 77.02 0.54 27.00
C LYS D 177 76.85 0.60 28.50
N LYS D 178 77.94 0.36 29.23
CA LYS D 178 78.00 0.76 30.62
C LYS D 178 78.85 2.03 30.68
N CYS D 179 78.20 3.15 30.42
CA CYS D 179 78.86 4.44 30.46
C CYS D 179 78.98 4.90 31.90
N ASP D 180 80.20 5.21 32.32
CA ASP D 180 80.46 5.45 33.74
C ASP D 180 81.40 6.63 33.95
N GLY D 181 81.52 7.52 32.98
CA GLY D 181 82.08 8.84 33.18
C GLY D 181 80.97 9.84 33.46
N GLN D 182 81.30 11.11 33.30
CA GLN D 182 80.26 12.13 33.24
C GLN D 182 79.84 12.31 31.78
N LEU D 183 78.54 12.37 31.56
CA LEU D 183 77.98 12.25 30.23
C LEU D 183 77.26 13.52 29.81
N SER D 184 76.96 13.60 28.52
CA SER D 184 76.21 14.70 27.93
C SER D 184 74.84 14.18 27.51
N THR D 185 73.79 14.77 28.07
CA THR D 185 72.41 14.38 27.80
C THR D 185 71.70 15.48 27.05
N ALA D 186 70.86 15.09 26.09
CA ALA D 186 70.13 16.07 25.28
C ALA D 186 68.97 15.38 24.58
N HIS D 187 67.99 16.19 24.19
CA HIS D 187 66.86 15.73 23.40
C HIS D 187 67.24 15.82 21.93
N GLU D 188 67.42 14.67 21.29
CA GLU D 188 67.86 14.60 19.90
C GLU D 188 66.80 13.95 19.04
N VAL D 189 66.63 14.45 17.83
CA VAL D 189 65.76 13.82 16.83
C VAL D 189 66.56 12.66 16.22
N VAL D 190 66.23 11.44 16.62
CA VAL D 190 66.99 10.25 16.26
C VAL D 190 66.14 9.42 15.30
N PRO D 191 66.67 9.02 14.15
CA PRO D 191 65.93 8.11 13.26
C PRO D 191 66.00 6.68 13.77
N PHE D 192 64.96 5.91 13.43
CA PHE D 192 64.88 4.52 13.84
C PHE D 192 64.18 3.71 12.77
N ALA D 193 64.26 2.39 12.89
CA ALA D 193 63.61 1.48 11.97
C ALA D 193 63.29 0.18 12.70
N VAL D 194 62.20 -0.45 12.28
CA VAL D 194 61.75 -1.73 12.85
C VAL D 194 61.79 -2.78 11.74
N PHE D 195 62.33 -3.94 12.06
CA PHE D 195 62.44 -5.05 11.12
C PHE D 195 61.61 -6.23 11.61
N LYS D 196 61.57 -7.28 10.80
CA LYS D 196 60.59 -8.35 11.01
C LYS D 196 60.74 -9.00 12.37
N ASN D 197 61.97 -9.37 12.75
CA ASN D 197 62.22 -10.05 14.01
C ASN D 197 63.17 -9.27 14.90
N SER D 198 63.08 -7.94 14.86
CA SER D 198 63.97 -7.08 15.61
C SER D 198 63.18 -6.22 16.60
N LYS D 199 63.93 -5.51 17.44
CA LYS D 199 63.39 -4.44 18.25
C LYS D 199 63.55 -3.12 17.50
N LYS D 200 63.27 -2.01 18.15
CA LYS D 200 63.53 -0.71 17.55
C LYS D 200 65.04 -0.51 17.41
N VAL D 201 65.49 -0.09 16.23
CA VAL D 201 66.90 0.05 15.92
C VAL D 201 67.16 1.53 15.62
N TYR D 202 67.77 2.23 16.58
CA TYR D 202 68.16 3.61 16.36
C TYR D 202 69.41 3.66 15.47
N LEU D 203 69.57 4.80 14.79
CA LEU D 203 70.65 4.95 13.82
C LEU D 203 71.27 6.34 13.94
N ASP D 204 72.58 6.41 13.73
CA ASP D 204 73.26 7.70 13.64
C ASP D 204 72.84 8.47 12.39
N LYS D 205 72.22 7.79 11.42
CA LYS D 205 72.07 8.30 10.07
C LYS D 205 70.87 7.62 9.42
N LEU D 206 70.13 8.37 8.61
CA LEU D 206 68.99 7.85 7.87
C LEU D 206 69.32 7.93 6.39
N ASP D 207 69.67 6.79 5.80
CA ASP D 207 69.95 6.68 4.37
C ASP D 207 68.96 5.68 3.79
N LEU D 208 67.99 6.19 3.03
CA LEU D 208 66.94 5.38 2.44
C LEU D 208 67.02 5.43 0.93
N LYS D 209 66.50 4.38 0.29
CA LYS D 209 66.40 4.31 -1.16
C LYS D 209 65.10 3.63 -1.54
N THR D 210 64.59 4.00 -2.72
CA THR D 210 63.32 3.51 -3.20
C THR D 210 63.51 2.93 -4.60
N GLU D 211 62.97 1.73 -4.82
CA GLU D 211 62.97 1.09 -6.12
C GLU D 211 61.55 1.16 -6.67
N GLU D 212 61.35 1.98 -7.69
CA GLU D 212 60.02 2.11 -8.26
C GLU D 212 59.70 0.91 -9.15
N ASN D 213 58.42 0.72 -9.43
CA ASN D 213 57.95 -0.47 -10.11
C ASN D 213 56.63 -0.15 -10.83
N LEU D 214 56.06 -1.18 -11.45
CA LEU D 214 54.78 -1.05 -12.14
C LEU D 214 53.76 -2.09 -11.65
N LEU D 215 53.92 -2.59 -10.43
CA LEU D 215 52.97 -3.54 -9.86
C LEU D 215 51.75 -2.78 -9.31
N PRO D 216 50.63 -3.47 -9.12
CA PRO D 216 49.36 -2.75 -8.82
C PRO D 216 49.42 -1.75 -7.68
N ASP D 217 50.18 -2.04 -6.61
CA ASP D 217 50.15 -1.17 -5.44
C ASP D 217 50.84 0.16 -5.68
N SER D 218 51.54 0.34 -6.79
CA SER D 218 52.17 1.61 -7.14
C SER D 218 51.27 2.51 -7.97
N PHE D 219 49.96 2.25 -7.99
CA PHE D 219 49.02 3.02 -8.77
C PHE D 219 47.90 3.53 -7.88
N VAL D 220 47.40 4.71 -8.21
CA VAL D 220 46.20 5.28 -7.61
C VAL D 220 45.15 5.41 -8.70
N CYS D 221 44.07 4.66 -8.57
CA CYS D 221 42.98 4.67 -9.54
C CYS D 221 41.79 5.37 -8.91
N PHE D 222 41.20 6.31 -9.64
CA PHE D 222 40.08 7.10 -9.12
C PHE D 222 38.99 7.21 -10.17
N GLU D 223 37.81 7.61 -9.71
CA GLU D 223 36.62 7.72 -10.53
C GLU D 223 35.93 9.04 -10.23
N HIS D 224 35.37 9.67 -11.27
CA HIS D 224 34.64 10.92 -11.13
C HIS D 224 33.15 10.63 -11.07
N LYS D 225 32.46 11.23 -10.10
CA LYS D 225 31.03 11.02 -9.94
C LYS D 225 30.24 12.21 -10.47
N GLU D 240 34.25 15.32 -5.79
CA GLU D 240 33.46 14.28 -6.44
C GLU D 240 34.33 13.11 -6.86
N LEU D 241 35.44 12.92 -6.15
CA LEU D 241 36.40 11.87 -6.47
C LEU D 241 36.15 10.65 -5.59
N LYS D 242 36.32 9.47 -6.19
CA LYS D 242 36.07 8.21 -5.50
C LYS D 242 37.17 7.22 -5.88
N SER D 243 37.71 6.52 -4.89
CA SER D 243 38.79 5.57 -5.13
C SER D 243 38.31 4.42 -6.00
N PHE D 244 39.25 3.83 -6.74
CA PHE D 244 38.93 2.73 -7.65
C PHE D 244 39.96 1.62 -7.49
N ASP D 245 39.46 0.39 -7.51
CA ASP D 245 40.29 -0.80 -7.36
C ASP D 245 40.97 -1.12 -8.69
N ILE D 246 42.30 -1.23 -8.68
CA ILE D 246 42.98 -1.59 -9.92
C ILE D 246 42.85 -3.08 -10.22
N SER D 247 42.45 -3.90 -9.24
CA SER D 247 42.21 -5.30 -9.51
C SER D 247 41.06 -5.51 -10.50
N GLN D 248 40.20 -4.50 -10.67
CA GLN D 248 39.17 -4.56 -11.69
C GLN D 248 39.70 -4.27 -13.09
N CYS D 249 40.93 -3.77 -13.22
CA CYS D 249 41.43 -3.42 -14.54
C CYS D 249 42.12 -4.61 -15.19
N PRO D 250 41.94 -4.80 -16.50
CA PRO D 250 42.63 -5.89 -17.20
C PRO D 250 44.01 -5.47 -17.70
N LYS D 251 45.02 -6.28 -17.42
CA LYS D 251 46.35 -6.03 -17.97
C LYS D 251 46.35 -6.30 -19.47
N ILE D 252 47.46 -5.96 -20.12
CA ILE D 252 47.58 -6.18 -21.55
C ILE D 252 47.55 -7.68 -21.83
N GLY D 253 46.55 -8.12 -22.57
CA GLY D 253 46.32 -9.54 -22.77
C GLY D 253 45.89 -10.20 -21.48
N GLY D 254 44.78 -9.74 -20.91
CA GLY D 254 44.35 -10.23 -19.62
C GLY D 254 42.85 -10.23 -19.39
N HIS D 255 42.45 -10.26 -18.12
CA HIS D 255 41.06 -10.42 -17.71
C HIS D 255 40.69 -9.30 -16.74
N GLY D 256 39.48 -8.74 -16.92
CA GLY D 256 39.03 -7.66 -16.08
C GLY D 256 37.52 -7.60 -15.88
N SER D 257 37.08 -7.42 -14.64
CA SER D 257 35.65 -7.33 -14.35
C SER D 257 35.07 -5.99 -14.80
N LYS D 258 35.91 -4.95 -14.88
CA LYS D 258 35.60 -3.71 -15.58
C LYS D 258 36.88 -3.30 -16.31
N LYS D 259 36.95 -2.08 -16.85
CA LYS D 259 38.09 -1.67 -17.64
C LYS D 259 38.38 -0.19 -17.34
N CYS D 260 39.63 0.20 -17.57
CA CYS D 260 40.15 1.45 -17.05
C CYS D 260 41.02 2.11 -18.11
N THR D 261 41.52 3.30 -17.77
CA THR D 261 42.51 4.02 -18.57
C THR D 261 43.46 4.70 -17.60
N GLY D 262 44.47 5.39 -18.14
CA GLY D 262 45.43 6.07 -17.30
C GLY D 262 46.59 6.73 -18.02
N ASP D 263 47.71 6.87 -17.32
CA ASP D 263 48.87 7.56 -17.86
C ASP D 263 49.75 6.59 -18.63
N ALA D 264 50.95 7.05 -19.02
CA ALA D 264 51.85 6.23 -19.82
C ALA D 264 52.33 5.02 -19.04
N ALA D 265 52.57 5.17 -17.74
CA ALA D 265 53.01 4.03 -16.93
C ALA D 265 51.91 2.99 -16.80
N PHE D 266 50.65 3.44 -16.65
CA PHE D 266 49.55 2.49 -16.52
C PHE D 266 49.25 1.81 -17.83
N CYS D 267 49.28 2.55 -18.94
CA CYS D 267 48.96 1.98 -20.25
C CYS D 267 50.05 1.09 -20.81
N SER D 268 51.27 1.13 -20.24
CA SER D 268 52.35 0.27 -20.69
C SER D 268 52.20 -1.17 -20.19
N ALA D 269 51.42 -1.38 -19.13
CA ALA D 269 51.21 -2.71 -18.57
C ALA D 269 49.75 -3.15 -18.60
N TYR D 270 48.81 -2.24 -18.39
CA TYR D 270 47.39 -2.54 -18.44
C TYR D 270 46.80 -2.05 -19.77
N GLU D 271 45.83 -2.79 -20.28
CA GLU D 271 45.18 -2.39 -21.52
C GLU D 271 44.30 -1.16 -21.25
N CYS D 272 44.67 -0.04 -21.86
CA CYS D 272 43.84 1.15 -21.87
C CYS D 272 43.05 1.24 -23.17
N THR D 273 41.96 2.00 -23.14
CA THR D 273 41.46 2.69 -24.34
C THR D 273 40.43 3.71 -23.88
N ALA D 274 40.59 4.97 -24.27
CA ALA D 274 40.07 6.09 -23.49
C ALA D 274 38.80 6.72 -24.07
N GLN D 275 37.71 5.95 -24.19
CA GLN D 275 36.42 6.61 -24.20
C GLN D 275 35.36 5.95 -23.31
N TYR D 276 35.31 4.61 -23.27
CA TYR D 276 34.33 3.96 -22.41
C TYR D 276 34.76 3.93 -20.95
N ALA D 277 35.84 4.61 -20.60
CA ALA D 277 36.51 4.39 -19.32
C ALA D 277 35.62 4.80 -18.15
N ASN D 278 35.67 4.00 -17.09
CA ASN D 278 34.99 4.31 -15.84
C ASN D 278 35.93 4.75 -14.74
N ALA D 279 37.24 4.68 -14.96
CA ALA D 279 38.22 5.09 -13.96
C ALA D 279 39.51 5.49 -14.66
N TYR D 280 40.38 6.14 -13.89
CA TYR D 280 41.67 6.62 -14.38
C TYR D 280 42.74 6.27 -13.35
N CYS D 281 43.82 5.66 -13.83
CA CYS D 281 44.90 5.20 -12.96
C CYS D 281 46.18 5.96 -13.24
N SER D 282 46.79 6.51 -12.19
CA SER D 282 48.06 7.20 -12.29
C SER D 282 49.08 6.51 -11.40
N HIS D 283 50.34 6.53 -11.85
CA HIS D 283 51.42 5.92 -11.08
C HIS D 283 51.73 6.79 -9.86
N ALA D 284 51.64 6.19 -8.68
CA ALA D 284 51.92 6.91 -7.43
C ALA D 284 53.42 7.14 -7.32
N ASN D 285 53.86 8.33 -7.73
CA ASN D 285 55.29 8.66 -7.66
C ASN D 285 55.73 8.73 -6.21
N GLY D 286 56.82 8.02 -5.89
CA GLY D 286 57.32 7.93 -4.54
C GLY D 286 57.03 6.63 -3.83
N SER D 287 56.15 5.80 -4.39
CA SER D 287 55.76 4.54 -3.78
C SER D 287 56.86 3.50 -4.03
N GLY D 288 56.56 2.25 -3.78
CA GLY D 288 57.47 1.17 -4.11
C GLY D 288 58.26 0.66 -2.91
N ILE D 289 59.29 -0.10 -3.23
CA ILE D 289 60.10 -0.79 -2.22
C ILE D 289 61.11 0.18 -1.64
N VAL D 290 61.11 0.31 -0.31
CA VAL D 290 62.04 1.18 0.42
C VAL D 290 63.01 0.30 1.18
N GLN D 291 64.29 0.64 1.10
CA GLN D 291 65.34 -0.08 1.81
C GLN D 291 66.19 0.89 2.61
N ILE D 292 66.65 0.43 3.77
CA ILE D 292 67.46 1.23 4.68
C ILE D 292 68.78 0.53 4.92
N GLN D 293 69.85 1.31 5.08
CA GLN D 293 71.18 0.77 5.31
C GLN D 293 71.49 0.82 6.80
N VAL D 294 71.68 -0.35 7.40
CA VAL D 294 72.00 -0.47 8.82
C VAL D 294 73.37 -1.14 8.95
N SER D 295 74.31 -0.43 9.56
CA SER D 295 75.68 -0.92 9.75
C SER D 295 76.27 -1.47 8.46
N GLY D 296 76.02 -0.76 7.36
CA GLY D 296 76.60 -1.11 6.07
C GLY D 296 75.90 -2.21 5.31
N VAL D 297 74.61 -2.44 5.56
CA VAL D 297 73.85 -3.48 4.87
C VAL D 297 72.45 -2.95 4.57
N TRP D 298 72.01 -3.13 3.33
CA TRP D 298 70.67 -2.73 2.93
C TRP D 298 69.65 -3.81 3.30
N LYS D 299 68.62 -3.41 4.03
CA LYS D 299 67.56 -4.31 4.43
C LYS D 299 66.22 -3.62 4.26
N LYS D 300 65.17 -4.42 4.06
CA LYS D 300 63.82 -3.90 3.86
C LYS D 300 63.14 -3.76 5.21
N PRO D 301 62.95 -2.56 5.72
CA PRO D 301 62.38 -2.41 7.07
C PRO D 301 60.85 -2.45 7.05
N LEU D 302 60.30 -2.72 8.23
CA LEU D 302 58.85 -2.67 8.39
C LEU D 302 58.36 -1.24 8.54
N CYS D 303 59.05 -0.43 9.33
CA CYS D 303 58.73 0.98 9.52
C CYS D 303 60.01 1.78 9.68
N VAL D 304 59.97 3.03 9.25
CA VAL D 304 61.08 3.97 9.39
C VAL D 304 60.52 5.29 9.91
N GLY D 305 61.18 5.87 10.91
CA GLY D 305 60.67 7.11 11.46
C GLY D 305 61.68 7.86 12.29
N TYR D 306 61.24 9.03 12.75
CA TYR D 306 61.98 9.87 13.68
C TYR D 306 61.22 9.98 14.99
N GLU D 307 61.96 10.28 16.06
CA GLU D 307 61.34 10.65 17.33
C GLU D 307 62.39 11.34 18.19
N ARG D 308 62.02 12.48 18.77
CA ARG D 308 62.92 13.20 19.66
C ARG D 308 62.97 12.47 21.00
N VAL D 309 64.15 12.03 21.40
CA VAL D 309 64.31 11.16 22.56
C VAL D 309 65.55 11.60 23.34
N VAL D 310 65.60 11.19 24.61
CA VAL D 310 66.72 11.52 25.47
C VAL D 310 67.91 10.65 25.09
N VAL D 311 69.03 11.29 24.77
CA VAL D 311 70.26 10.61 24.36
C VAL D 311 71.36 11.04 25.30
N LYS D 312 72.11 10.07 25.83
CA LYS D 312 73.22 10.32 26.73
C LYS D 312 74.50 9.80 26.08
N ARG D 313 75.35 10.72 25.63
CA ARG D 313 76.58 10.38 24.94
C ARG D 313 77.78 10.63 25.85
N GLU D 314 78.79 9.77 25.72
CA GLU D 314 80.02 9.94 26.49
C GLU D 314 80.88 11.04 25.87
N LEU D 315 81.44 11.89 26.73
CA LEU D 315 82.23 13.03 26.28
C LEU D 315 83.72 12.73 26.34
N GLN E 1 20.62 5.73 -5.57
CA GLN E 1 19.51 5.39 -4.69
C GLN E 1 19.51 3.90 -4.36
N VAL E 2 19.59 3.58 -3.07
CA VAL E 2 19.52 2.21 -2.61
C VAL E 2 18.07 1.82 -2.39
N GLN E 3 17.66 0.70 -2.98
CA GLN E 3 16.33 0.15 -2.79
C GLN E 3 16.46 -1.18 -2.08
N LEU E 4 15.77 -1.32 -0.95
CA LEU E 4 15.81 -2.52 -0.13
C LEU E 4 14.43 -3.15 -0.09
N VAL E 5 14.31 -4.35 -0.66
CA VAL E 5 13.04 -5.07 -0.75
C VAL E 5 13.20 -6.39 -0.01
N GLN E 6 12.40 -6.60 1.02
CA GLN E 6 12.42 -7.83 1.79
C GLN E 6 11.36 -8.80 1.27
N SER E 7 11.45 -10.04 1.74
CA SER E 7 10.52 -11.08 1.32
C SER E 7 9.19 -10.93 2.07
N GLY E 8 8.22 -11.77 1.72
CA GLY E 8 6.90 -11.69 2.27
C GLY E 8 6.80 -12.25 3.69
N ALA E 9 5.60 -12.12 4.25
CA ALA E 9 5.35 -12.59 5.61
C ALA E 9 5.49 -14.10 5.68
N GLU E 10 5.80 -14.60 6.88
CA GLU E 10 6.12 -16.00 7.09
C GLU E 10 5.37 -16.56 8.28
N VAL E 11 5.04 -17.85 8.19
CA VAL E 11 4.46 -18.61 9.30
C VAL E 11 5.29 -19.86 9.49
N LYS E 12 5.79 -20.09 10.70
CA LYS E 12 6.65 -21.22 10.98
C LYS E 12 6.36 -21.79 12.36
N LYS E 13 6.35 -23.11 12.44
CA LYS E 13 6.09 -23.80 13.69
C LYS E 13 7.27 -23.63 14.64
N PRO E 14 7.03 -23.65 15.95
CA PRO E 14 8.12 -23.54 16.92
C PRO E 14 9.13 -24.67 16.74
N GLY E 15 10.41 -24.33 16.89
CA GLY E 15 11.50 -25.25 16.71
C GLY E 15 12.14 -25.21 15.33
N ALA E 16 11.43 -24.70 14.33
CA ALA E 16 11.92 -24.63 12.97
C ALA E 16 12.77 -23.37 12.78
N SER E 17 13.07 -23.04 11.53
CA SER E 17 13.89 -21.87 11.20
C SER E 17 13.18 -21.01 10.17
N VAL E 18 13.49 -19.73 10.18
CA VAL E 18 13.00 -18.77 9.19
C VAL E 18 14.19 -18.24 8.41
N LYS E 19 13.96 -17.95 7.13
CA LYS E 19 14.98 -17.39 6.24
C LYS E 19 14.38 -16.16 5.57
N VAL E 20 14.91 -14.98 5.89
CA VAL E 20 14.43 -13.72 5.36
C VAL E 20 15.42 -13.21 4.32
N SER E 21 14.90 -12.58 3.28
CA SER E 21 15.72 -12.02 2.21
C SER E 21 15.66 -10.50 2.23
N CYS E 22 16.71 -9.87 1.71
CA CYS E 22 16.76 -8.42 1.54
C CYS E 22 17.48 -8.16 0.22
N LYS E 23 16.71 -7.87 -0.82
CA LYS E 23 17.23 -7.68 -2.16
C LYS E 23 17.64 -6.23 -2.36
N VAL E 24 18.89 -6.02 -2.76
CA VAL E 24 19.44 -4.67 -2.95
C VAL E 24 19.44 -4.36 -4.45
N SER E 25 18.84 -3.24 -4.81
CA SER E 25 18.83 -2.75 -6.19
C SER E 25 19.21 -1.28 -6.20
N GLY E 26 19.78 -0.83 -7.32
CA GLY E 26 20.33 0.50 -7.40
C GLY E 26 21.71 0.65 -6.80
N TYR E 27 22.26 -0.41 -6.22
CA TYR E 27 23.60 -0.40 -5.64
C TYR E 27 24.10 -1.83 -5.55
N THR E 28 25.41 -1.98 -5.43
CA THR E 28 26.03 -3.29 -5.35
C THR E 28 26.14 -3.72 -3.89
N LEU E 29 25.65 -4.93 -3.59
CA LEU E 29 25.63 -5.42 -2.22
C LEU E 29 27.04 -5.53 -1.64
N THR E 30 28.03 -5.82 -2.48
CA THR E 30 29.41 -6.01 -2.02
C THR E 30 30.09 -4.71 -1.60
N GLU E 31 29.37 -3.60 -1.48
CA GLU E 31 29.89 -2.37 -0.90
C GLU E 31 29.06 -1.88 0.27
N LEU E 32 28.15 -2.71 0.79
CA LEU E 32 27.26 -2.34 1.88
C LEU E 32 27.47 -3.28 3.06
N SER E 33 27.39 -2.72 4.27
CA SER E 33 27.47 -3.49 5.51
C SER E 33 26.05 -3.68 6.01
N MET E 34 25.48 -4.86 5.76
CA MET E 34 24.08 -5.11 6.06
C MET E 34 23.90 -5.50 7.53
N HIS E 35 22.88 -4.93 8.15
CA HIS E 35 22.49 -5.24 9.53
C HIS E 35 21.05 -5.73 9.54
N TRP E 36 20.66 -6.31 10.68
CA TRP E 36 19.32 -6.84 10.85
C TRP E 36 18.77 -6.42 12.20
N VAL E 37 17.58 -5.82 12.20
CA VAL E 37 16.91 -5.35 13.41
C VAL E 37 15.48 -5.86 13.38
N ARG E 38 15.03 -6.42 14.48
CA ARG E 38 13.66 -6.94 14.59
C ARG E 38 12.87 -6.09 15.57
N GLN E 39 11.54 -6.23 15.50
CA GLN E 39 10.64 -5.46 16.36
C GLN E 39 9.41 -6.31 16.63
N ALA E 40 9.28 -6.77 17.87
CA ALA E 40 8.07 -7.47 18.28
C ALA E 40 6.87 -6.53 18.17
N PRO E 41 5.69 -7.05 17.86
CA PRO E 41 4.51 -6.17 17.66
C PRO E 41 4.25 -5.32 18.89
N GLY E 42 4.20 -4.01 18.69
CA GLY E 42 3.99 -3.07 19.77
C GLY E 42 5.15 -2.92 20.72
N LYS E 43 6.33 -3.41 20.37
CA LYS E 43 7.50 -3.33 21.23
C LYS E 43 8.60 -2.52 20.55
N GLY E 44 9.78 -2.49 21.16
CA GLY E 44 10.88 -1.68 20.69
C GLY E 44 11.74 -2.38 19.65
N LEU E 45 12.73 -1.64 19.16
CA LEU E 45 13.66 -2.17 18.16
C LEU E 45 14.78 -2.94 18.85
N GLU E 46 15.23 -4.01 18.19
CA GLU E 46 16.25 -4.88 18.75
C GLU E 46 17.24 -5.29 17.68
N TRP E 47 18.52 -5.04 17.91
CA TRP E 47 19.57 -5.40 16.97
C TRP E 47 19.91 -6.88 17.10
N MET E 48 19.92 -7.58 15.96
CA MET E 48 20.25 -9.00 15.94
C MET E 48 21.68 -9.28 15.49
N GLY E 49 22.20 -8.49 14.56
CA GLY E 49 23.54 -8.72 14.06
C GLY E 49 23.78 -7.91 12.81
N GLY E 50 25.04 -7.92 12.39
CA GLY E 50 25.43 -7.25 11.16
C GLY E 50 26.71 -7.82 10.62
N PHE E 51 27.02 -7.46 9.38
CA PHE E 51 28.24 -7.87 8.71
C PHE E 51 29.08 -6.64 8.39
N ASP E 52 30.35 -6.66 8.80
CA ASP E 52 31.28 -5.57 8.56
C ASP E 52 32.09 -5.92 7.31
N ARG E 53 31.79 -5.25 6.20
CA ARG E 53 32.43 -5.57 4.93
C ARG E 53 33.90 -5.17 4.93
N GLU E 54 34.22 -4.01 5.53
CA GLU E 54 35.62 -3.59 5.63
C GLU E 54 36.42 -4.51 6.52
N ASP E 55 35.77 -5.21 7.45
CA ASP E 55 36.44 -6.20 8.29
C ASP E 55 36.24 -7.62 7.80
N GLY E 56 35.18 -7.88 7.03
CA GLY E 56 34.88 -9.24 6.63
C GLY E 56 34.43 -10.14 7.75
N GLU E 57 33.90 -9.57 8.82
CA GLU E 57 33.51 -10.33 10.00
C GLU E 57 32.01 -10.16 10.25
N THR E 58 31.35 -11.27 10.59
CA THR E 58 29.96 -11.26 11.03
C THR E 58 29.92 -11.28 12.54
N ILE E 59 29.15 -10.37 13.14
CA ILE E 59 29.00 -10.29 14.58
C ILE E 59 27.52 -10.32 14.91
N TYR E 60 27.17 -11.11 15.94
CA TYR E 60 25.79 -11.27 16.37
C TYR E 60 25.63 -10.76 17.79
N ALA E 61 24.37 -10.53 18.18
CA ALA E 61 24.05 -10.26 19.57
C ALA E 61 24.00 -11.57 20.34
N GLN E 62 24.32 -11.48 21.63
CA GLN E 62 24.47 -12.71 22.42
C GLN E 62 23.13 -13.35 22.73
N LYS E 63 22.05 -12.56 22.76
CA LYS E 63 20.73 -13.13 23.03
C LYS E 63 20.34 -14.16 21.97
N PHE E 64 20.85 -14.02 20.75
CA PHE E 64 20.52 -14.92 19.65
C PHE E 64 21.69 -15.82 19.26
N GLN E 65 22.73 -15.92 20.07
CA GLN E 65 23.94 -16.60 19.63
C GLN E 65 23.66 -18.08 19.39
N GLY E 66 24.18 -18.60 18.28
CA GLY E 66 23.89 -19.95 17.85
C GLY E 66 22.64 -20.11 17.03
N ARG E 67 21.71 -19.16 17.09
CA ARG E 67 20.45 -19.23 16.37
C ARG E 67 20.41 -18.38 15.10
N VAL E 68 21.03 -17.21 15.12
CA VAL E 68 20.98 -16.31 13.97
C VAL E 68 22.18 -16.56 13.06
N THR E 69 21.92 -16.67 11.76
CA THR E 69 22.95 -16.89 10.76
C THR E 69 22.68 -15.98 9.58
N MET E 70 23.74 -15.34 9.09
CA MET E 70 23.63 -14.34 8.01
C MET E 70 24.48 -14.77 6.84
N THR E 71 23.86 -14.88 5.66
CA THR E 71 24.53 -15.23 4.43
C THR E 71 24.19 -14.17 3.38
N GLU E 72 24.66 -14.40 2.15
CA GLU E 72 24.40 -13.48 1.05
C GLU E 72 24.64 -14.19 -0.28
N ASP E 73 24.00 -13.66 -1.32
CA ASP E 73 24.20 -14.11 -2.69
C ASP E 73 24.64 -12.89 -3.50
N THR E 74 25.94 -12.81 -3.79
CA THR E 74 26.48 -11.63 -4.46
C THR E 74 25.97 -11.52 -5.90
N SER E 75 25.60 -12.63 -6.52
CA SER E 75 25.13 -12.58 -7.90
C SER E 75 23.77 -11.91 -8.02
N THR E 76 22.95 -11.99 -6.98
CA THR E 76 21.61 -11.39 -6.99
C THR E 76 21.49 -10.18 -6.08
N ASP E 77 22.59 -9.74 -5.46
CA ASP E 77 22.57 -8.61 -4.53
C ASP E 77 21.56 -8.82 -3.41
N THR E 78 21.47 -10.05 -2.91
CA THR E 78 20.48 -10.43 -1.91
C THR E 78 21.19 -10.92 -0.65
N ALA E 79 20.81 -10.36 0.49
CA ALA E 79 21.29 -10.81 1.79
C ALA E 79 20.23 -11.67 2.45
N TYR E 80 20.67 -12.64 3.25
CA TYR E 80 19.78 -13.58 3.91
C TYR E 80 20.05 -13.60 5.41
N MET E 81 18.97 -13.77 6.18
CA MET E 81 19.04 -13.87 7.63
C MET E 81 18.27 -15.10 8.06
N GLU E 82 18.93 -16.00 8.77
CA GLU E 82 18.34 -17.26 9.22
C GLU E 82 18.31 -17.30 10.74
N LEU E 83 17.14 -17.55 11.30
CA LEU E 83 16.95 -17.65 12.75
C LEU E 83 16.50 -19.07 13.08
N SER E 84 17.21 -19.71 13.99
CA SER E 84 16.97 -21.11 14.32
C SER E 84 16.25 -21.26 15.67
N SER E 85 15.73 -22.47 15.89
CA SER E 85 15.09 -22.86 17.14
C SER E 85 14.05 -21.81 17.58
N LEU E 86 13.09 -21.58 16.69
CA LEU E 86 12.13 -20.50 16.87
C LEU E 86 11.26 -20.74 18.09
N ARG E 87 11.13 -19.71 18.92
CA ARG E 87 10.24 -19.70 20.07
C ARG E 87 9.05 -18.78 19.78
N SER E 88 8.03 -18.89 20.64
CA SER E 88 6.85 -18.04 20.51
C SER E 88 7.22 -16.57 20.66
N GLU E 89 8.26 -16.27 21.44
CA GLU E 89 8.70 -14.90 21.65
C GLU E 89 9.40 -14.31 20.43
N ASP E 90 9.68 -15.11 19.40
CA ASP E 90 10.38 -14.64 18.22
C ASP E 90 9.44 -14.01 17.19
N THR E 91 8.14 -13.98 17.46
CA THR E 91 7.20 -13.34 16.54
C THR E 91 7.47 -11.83 16.50
N ALA E 92 7.90 -11.34 15.34
CA ALA E 92 8.30 -9.95 15.20
C ALA E 92 8.36 -9.59 13.71
N VAL E 93 8.58 -8.30 13.46
CA VAL E 93 8.85 -7.80 12.11
C VAL E 93 10.36 -7.62 11.99
N TYR E 94 10.96 -8.26 10.98
CA TYR E 94 12.40 -8.32 10.83
C TYR E 94 12.83 -7.39 9.71
N TYR E 95 13.72 -6.45 10.02
CA TYR E 95 14.19 -5.44 9.08
C TYR E 95 15.65 -5.69 8.71
N CYS E 96 15.98 -5.41 7.45
CA CYS E 96 17.36 -5.24 7.04
C CYS E 96 17.65 -3.74 6.98
N ALA E 97 18.81 -3.34 7.50
CA ALA E 97 19.11 -1.93 7.67
C ALA E 97 20.56 -1.65 7.26
N ILE E 98 20.82 -0.37 6.97
CA ILE E 98 22.14 0.09 6.57
C ILE E 98 22.50 1.31 7.41
N ASP E 99 23.79 1.55 7.56
CA ASP E 99 24.26 2.64 8.41
C ASP E 99 23.93 4.00 7.80
N PRO E 100 23.13 4.84 8.45
CA PRO E 100 22.78 6.13 7.85
C PRO E 100 23.92 7.13 7.81
N ILE E 101 24.92 7.01 8.70
CA ILE E 101 26.02 7.96 8.71
C ILE E 101 27.01 7.67 7.59
N ARG E 102 27.45 6.42 7.48
CA ARG E 102 28.45 6.07 6.47
C ARG E 102 27.92 6.26 5.06
N TYR E 103 26.64 5.95 4.85
CA TYR E 103 26.01 6.01 3.54
C TYR E 103 25.12 7.24 3.39
N ASN E 104 25.55 8.38 3.93
CA ASN E 104 24.78 9.61 3.83
C ASN E 104 24.60 10.10 2.40
N TRP E 105 25.31 9.52 1.44
CA TRP E 105 25.06 9.82 0.03
C TRP E 105 23.76 9.21 -0.46
N ASN E 106 23.22 8.23 0.26
CA ASN E 106 22.03 7.51 -0.18
C ASN E 106 20.79 8.37 0.00
N TYR E 107 20.01 8.50 -1.07
CA TYR E 107 18.75 9.23 -1.07
C TYR E 107 17.55 8.30 -1.13
N GLY E 108 17.77 6.99 -1.14
CA GLY E 108 16.70 6.03 -1.17
C GLY E 108 16.46 5.35 0.16
N ASP E 109 16.44 4.01 0.16
CA ASP E 109 16.10 3.26 1.36
C ASP E 109 17.31 3.06 2.25
N TYR E 110 17.09 3.21 3.56
CA TYR E 110 18.04 2.77 4.57
C TYR E 110 17.57 1.56 5.35
N TRP E 111 16.26 1.29 5.35
CA TRP E 111 15.68 0.10 5.93
C TRP E 111 14.85 -0.63 4.88
N GLY E 112 14.64 -1.92 5.11
CA GLY E 112 13.66 -2.66 4.34
C GLY E 112 12.26 -2.35 4.83
N GLN E 113 11.27 -2.76 4.03
CA GLN E 113 9.89 -2.53 4.41
C GLN E 113 9.48 -3.39 5.61
N GLY E 114 10.20 -4.46 5.88
CA GLY E 114 9.90 -5.32 7.01
C GLY E 114 9.31 -6.66 6.56
N THR E 115 9.57 -7.69 7.36
CA THR E 115 9.07 -9.04 7.10
C THR E 115 8.49 -9.58 8.41
N LEU E 116 7.18 -9.80 8.43
CA LEU E 116 6.52 -10.31 9.62
C LEU E 116 6.64 -11.83 9.68
N VAL E 117 7.12 -12.32 10.82
CA VAL E 117 7.29 -13.75 11.05
C VAL E 117 6.46 -14.13 12.26
N THR E 118 5.50 -15.03 12.06
CA THR E 118 4.62 -15.52 13.12
C THR E 118 5.03 -16.93 13.50
N VAL E 119 5.19 -17.17 14.80
CA VAL E 119 5.58 -18.46 15.33
C VAL E 119 4.35 -19.10 15.95
N SER E 120 3.87 -20.18 15.35
CA SER E 120 2.70 -20.89 15.86
C SER E 120 2.65 -22.27 15.24
N SER E 121 2.10 -23.22 16.00
CA SER E 121 1.95 -24.61 15.55
C SER E 121 0.53 -24.94 15.11
N ALA E 122 -0.37 -23.96 15.12
CA ALA E 122 -1.78 -24.21 14.87
C ALA E 122 -2.04 -24.46 13.38
N SER E 123 -3.26 -24.91 13.08
CA SER E 123 -3.69 -25.16 11.71
C SER E 123 -5.16 -24.75 11.57
N THR E 124 -5.37 -23.46 11.24
CA THR E 124 -6.68 -22.89 10.93
C THR E 124 -7.75 -23.35 11.93
N LYS E 125 -7.65 -22.90 13.17
CA LYS E 125 -8.62 -23.20 14.21
C LYS E 125 -9.79 -22.19 14.16
N GLY E 126 -11.00 -22.68 14.42
CA GLY E 126 -12.17 -21.83 14.49
C GLY E 126 -12.48 -21.36 15.89
N PRO E 127 -12.74 -20.06 16.04
CA PRO E 127 -12.72 -19.43 17.37
C PRO E 127 -13.89 -19.84 18.25
N SER E 128 -13.65 -19.82 19.56
CA SER E 128 -14.69 -19.92 20.56
C SER E 128 -15.07 -18.52 21.03
N VAL E 129 -16.37 -18.29 21.20
CA VAL E 129 -16.90 -16.96 21.51
C VAL E 129 -17.66 -17.04 22.83
N PHE E 130 -17.21 -16.25 23.80
CA PHE E 130 -17.81 -16.18 25.12
C PHE E 130 -18.34 -14.77 25.38
N PRO E 131 -19.46 -14.65 26.10
CA PRO E 131 -20.04 -13.32 26.33
C PRO E 131 -19.40 -12.61 27.50
N LEU E 132 -19.22 -11.30 27.34
CA LEU E 132 -18.76 -10.42 28.42
C LEU E 132 -19.99 -9.69 28.96
N ALA E 133 -20.57 -10.22 30.04
CA ALA E 133 -21.85 -9.77 30.57
C ALA E 133 -21.66 -8.60 31.54
N PRO E 134 -22.48 -7.56 31.42
CA PRO E 134 -22.46 -6.47 32.40
C PRO E 134 -23.45 -6.72 33.53
N SER E 135 -23.00 -6.70 34.79
CA SER E 135 -23.99 -6.84 35.85
C SER E 135 -24.38 -5.47 36.42
N SER E 136 -23.48 -4.85 37.18
CA SER E 136 -23.61 -3.45 37.56
C SER E 136 -22.24 -2.79 37.64
N LYS E 137 -21.18 -3.63 37.64
CA LYS E 137 -19.83 -3.09 37.80
C LYS E 137 -19.37 -2.38 36.53
N SER E 138 -19.81 -2.85 35.37
CA SER E 138 -19.56 -2.14 34.12
C SER E 138 -20.28 -0.79 34.09
N THR E 139 -21.09 -0.48 35.09
CA THR E 139 -21.88 0.73 35.13
C THR E 139 -21.20 1.80 35.97
N SER E 140 -21.20 3.03 35.46
CA SER E 140 -20.92 4.23 36.23
C SER E 140 -22.12 5.14 36.01
N GLY E 141 -23.16 4.95 36.81
CA GLY E 141 -24.33 5.84 36.79
C GLY E 141 -24.87 6.16 35.42
N GLY E 142 -24.97 5.16 34.54
CA GLY E 142 -25.60 5.38 33.25
C GLY E 142 -24.89 4.76 32.07
N THR E 143 -23.60 4.48 32.20
CA THR E 143 -22.88 3.72 31.19
C THR E 143 -22.94 2.24 31.53
N ALA E 144 -22.63 1.42 30.54
CA ALA E 144 -22.44 0.01 30.80
C ALA E 144 -21.61 -0.56 29.68
N ALA E 145 -20.71 -1.47 30.01
CA ALA E 145 -19.82 -2.09 29.04
C ALA E 145 -20.16 -3.57 28.93
N LEU E 146 -20.31 -4.04 27.70
CA LEU E 146 -20.54 -5.46 27.44
C LEU E 146 -19.96 -5.81 26.10
N GLY E 147 -19.50 -7.05 25.97
CA GLY E 147 -18.87 -7.44 24.74
C GLY E 147 -18.85 -8.94 24.53
N CYS E 148 -18.09 -9.35 23.51
CA CYS E 148 -17.89 -10.74 23.17
C CYS E 148 -16.40 -11.04 23.17
N LEU E 149 -16.06 -12.27 23.55
CA LEU E 149 -14.68 -12.71 23.67
C LEU E 149 -14.40 -13.76 22.60
N VAL E 150 -13.78 -13.34 21.50
CA VAL E 150 -13.44 -14.23 20.41
C VAL E 150 -12.08 -14.86 20.74
N LYS E 151 -12.09 -16.15 21.06
CA LYS E 151 -10.93 -16.82 21.64
C LYS E 151 -10.35 -17.86 20.70
N ASP E 152 -9.01 -17.97 20.72
CA ASP E 152 -8.28 -19.15 20.25
C ASP E 152 -8.65 -19.50 18.81
N TYR E 153 -8.26 -18.63 17.90
CA TYR E 153 -8.43 -18.88 16.48
C TYR E 153 -7.12 -18.67 15.74
N PHE E 154 -7.09 -19.16 14.51
CA PHE E 154 -5.95 -19.11 13.60
C PHE E 154 -6.49 -19.51 12.23
N PRO E 155 -6.00 -18.89 11.14
CA PRO E 155 -5.23 -17.66 11.20
C PRO E 155 -6.16 -16.46 11.30
N GLU E 156 -5.61 -15.28 11.19
CA GLU E 156 -6.46 -14.10 11.17
C GLU E 156 -6.86 -13.79 9.73
N PRO E 157 -7.93 -13.00 9.51
CA PRO E 157 -8.72 -12.27 10.51
C PRO E 157 -10.05 -12.90 10.88
N VAL E 158 -10.59 -12.43 12.00
CA VAL E 158 -12.01 -12.47 12.26
C VAL E 158 -12.53 -11.05 12.06
N THR E 159 -13.82 -10.94 11.76
CA THR E 159 -14.54 -9.68 11.73
C THR E 159 -15.92 -9.94 12.31
N VAL E 160 -16.30 -9.15 13.31
CA VAL E 160 -17.56 -9.36 14.03
C VAL E 160 -18.33 -8.05 14.08
N SER E 161 -19.62 -8.11 13.79
CA SER E 161 -20.57 -7.01 13.93
C SER E 161 -21.51 -7.32 15.08
N TRP E 162 -22.40 -6.38 15.38
CA TRP E 162 -23.35 -6.57 16.45
C TRP E 162 -24.73 -6.17 15.95
N ASN E 163 -25.70 -7.07 16.17
CA ASN E 163 -27.05 -6.93 15.63
C ASN E 163 -27.03 -6.92 14.10
N SER E 164 -26.19 -7.78 13.51
CA SER E 164 -26.12 -7.95 12.05
C SER E 164 -25.77 -6.64 11.35
N GLY E 165 -24.88 -5.86 11.95
CA GLY E 165 -24.44 -4.61 11.38
C GLY E 165 -25.29 -3.41 11.69
N ALA E 166 -26.46 -3.59 12.32
CA ALA E 166 -27.32 -2.46 12.64
C ALA E 166 -26.74 -1.61 13.74
N LEU E 167 -26.12 -2.23 14.75
CA LEU E 167 -25.56 -1.51 15.88
C LEU E 167 -24.10 -1.17 15.59
N THR E 168 -23.83 0.12 15.37
CA THR E 168 -22.48 0.62 15.22
C THR E 168 -22.10 1.67 16.24
N SER E 169 -23.07 2.28 16.92
CA SER E 169 -22.76 3.31 17.90
C SER E 169 -22.10 2.70 19.14
N GLY E 170 -21.03 3.35 19.60
CA GLY E 170 -20.34 2.94 20.81
C GLY E 170 -19.64 1.61 20.70
N VAL E 171 -19.52 1.07 19.49
CA VAL E 171 -18.92 -0.24 19.27
C VAL E 171 -17.44 -0.07 18.98
N HIS E 172 -16.62 -0.93 19.58
CA HIS E 172 -15.17 -0.97 19.35
C HIS E 172 -14.70 -2.42 19.39
N THR E 173 -14.06 -2.86 18.30
CA THR E 173 -13.48 -4.19 18.18
C THR E 173 -11.96 -4.05 18.11
N PHE E 174 -11.25 -4.64 19.07
CA PHE E 174 -9.82 -4.39 19.23
C PHE E 174 -8.99 -5.27 18.30
N PRO E 175 -7.73 -4.88 18.03
CA PRO E 175 -6.81 -5.81 17.37
C PRO E 175 -6.56 -7.03 18.24
N ALA E 176 -6.17 -8.11 17.58
CA ALA E 176 -6.04 -9.39 18.27
C ALA E 176 -4.68 -9.51 18.95
N VAL E 177 -4.60 -10.46 19.88
CA VAL E 177 -3.36 -10.84 20.54
C VAL E 177 -3.02 -12.26 20.12
N LEU E 178 -1.73 -12.53 19.94
CA LEU E 178 -1.24 -13.87 19.69
C LEU E 178 -0.67 -14.40 21.00
N GLN E 179 -1.36 -15.38 21.59
CA GLN E 179 -0.98 -15.90 22.89
C GLN E 179 0.20 -16.86 22.76
N SER E 180 0.69 -17.34 23.90
CA SER E 180 1.77 -18.32 23.89
C SER E 180 1.34 -19.62 23.26
N SER E 181 0.04 -19.92 23.29
CA SER E 181 -0.49 -21.13 22.65
C SER E 181 -0.39 -21.09 21.14
N GLY E 182 -0.07 -19.95 20.54
CA GLY E 182 0.00 -19.82 19.11
C GLY E 182 -1.31 -19.51 18.43
N LEU E 183 -2.37 -19.24 19.19
CA LEU E 183 -3.67 -18.94 18.64
C LEU E 183 -4.06 -17.50 18.96
N TYR E 184 -4.76 -16.86 18.03
CA TYR E 184 -5.15 -15.46 18.20
C TYR E 184 -6.37 -15.35 19.12
N SER E 185 -6.67 -14.11 19.50
CA SER E 185 -7.80 -13.82 20.38
C SER E 185 -8.06 -12.33 20.35
N LEU E 186 -9.35 -11.96 20.28
CA LEU E 186 -9.73 -10.56 20.39
C LEU E 186 -11.03 -10.46 21.19
N SER E 187 -11.40 -9.23 21.50
CA SER E 187 -12.66 -8.93 22.16
C SER E 187 -13.30 -7.71 21.52
N SER E 188 -14.60 -7.77 21.31
CA SER E 188 -15.41 -6.66 20.83
C SER E 188 -16.26 -6.12 21.97
N VAL E 189 -16.34 -4.80 22.10
CA VAL E 189 -17.12 -4.20 23.17
C VAL E 189 -17.96 -3.05 22.63
N VAL E 190 -19.15 -2.89 23.20
CA VAL E 190 -20.02 -1.75 22.95
C VAL E 190 -20.48 -1.20 24.28
N THR E 191 -20.42 0.13 24.42
CA THR E 191 -20.84 0.80 25.65
C THR E 191 -22.30 1.22 25.51
N VAL E 192 -23.11 0.92 26.51
CA VAL E 192 -24.56 0.95 26.38
C VAL E 192 -25.20 1.83 27.45
N PRO E 193 -26.36 2.45 27.18
CA PRO E 193 -27.15 3.07 28.24
C PRO E 193 -27.55 2.03 29.28
N SER E 194 -27.25 2.34 30.54
CA SER E 194 -27.42 1.36 31.62
C SER E 194 -28.84 0.83 31.70
N SER E 195 -29.82 1.68 31.42
CA SER E 195 -31.21 1.26 31.51
C SER E 195 -31.67 0.43 30.31
N SER E 196 -31.00 0.57 29.16
CA SER E 196 -31.39 -0.17 27.97
C SER E 196 -31.06 -1.65 28.05
N LEU E 197 -30.45 -2.12 29.15
CA LEU E 197 -30.07 -3.51 29.25
C LEU E 197 -31.29 -4.43 29.29
N GLY E 198 -32.30 -4.06 30.08
CA GLY E 198 -33.54 -4.82 30.10
C GLY E 198 -34.44 -4.60 28.91
N THR E 199 -34.19 -3.55 28.13
CA THR E 199 -35.02 -3.19 26.99
C THR E 199 -34.46 -3.71 25.67
N GLN E 200 -33.17 -3.51 25.43
CA GLN E 200 -32.56 -3.76 24.13
C GLN E 200 -31.94 -5.16 24.07
N THR E 201 -31.58 -5.55 22.85
CA THR E 201 -30.96 -6.84 22.57
C THR E 201 -29.59 -6.62 21.93
N TYR E 202 -28.59 -7.38 22.40
CA TYR E 202 -27.22 -7.24 21.94
C TYR E 202 -26.66 -8.63 21.62
N ILE E 203 -26.37 -8.87 20.35
CA ILE E 203 -25.82 -10.15 19.88
C ILE E 203 -24.69 -9.86 18.91
N CYS E 204 -23.48 -10.29 19.25
CA CYS E 204 -22.33 -10.14 18.36
C CYS E 204 -22.37 -11.19 17.26
N ASN E 205 -21.84 -10.84 16.09
CA ASN E 205 -21.88 -11.72 14.92
C ASN E 205 -20.46 -12.08 14.49
N VAL E 206 -19.96 -13.21 14.95
CA VAL E 206 -18.56 -13.59 14.75
C VAL E 206 -18.39 -14.32 13.43
N ASN E 207 -17.31 -14.02 12.72
CA ASN E 207 -17.08 -14.53 11.37
C ASN E 207 -15.60 -14.84 11.19
N HIS E 208 -15.28 -16.12 11.07
CA HIS E 208 -13.91 -16.59 10.84
C HIS E 208 -13.92 -17.51 9.62
N LYS E 209 -13.58 -16.95 8.46
CA LYS E 209 -13.77 -17.62 7.18
C LYS E 209 -12.70 -18.66 6.83
N PRO E 210 -11.42 -18.47 7.22
CA PRO E 210 -10.44 -19.56 7.04
C PRO E 210 -10.95 -20.93 7.45
N SER E 211 -11.79 -20.97 8.49
CA SER E 211 -12.52 -22.16 8.86
C SER E 211 -14.01 -22.07 8.56
N ASN E 212 -14.46 -20.95 8.00
CA ASN E 212 -15.88 -20.63 7.82
C ASN E 212 -16.67 -20.93 9.10
N THR E 213 -16.29 -20.23 10.16
CA THR E 213 -16.99 -20.28 11.43
C THR E 213 -17.74 -18.98 11.62
N LYS E 214 -19.07 -19.05 11.63
CA LYS E 214 -19.90 -17.90 11.96
C LYS E 214 -20.76 -18.26 13.16
N VAL E 215 -20.47 -17.63 14.30
CA VAL E 215 -21.19 -17.82 15.55
C VAL E 215 -21.68 -16.46 16.03
N ASP E 216 -22.94 -16.41 16.47
CA ASP E 216 -23.54 -15.21 17.04
C ASP E 216 -24.03 -15.52 18.45
N LYS E 217 -23.63 -14.70 19.42
CA LYS E 217 -23.82 -14.99 20.84
C LYS E 217 -24.56 -13.85 21.51
N LYS E 218 -25.72 -14.16 22.09
CA LYS E 218 -26.50 -13.15 22.79
C LYS E 218 -25.84 -12.80 24.12
N VAL E 219 -25.57 -11.51 24.32
CA VAL E 219 -24.91 -11.01 25.52
C VAL E 219 -26.00 -10.52 26.46
N GLU E 220 -26.34 -11.34 27.47
CA GLU E 220 -27.35 -11.09 28.49
C GLU E 220 -26.71 -10.50 29.74
N PRO E 221 -27.46 -9.72 30.52
CA PRO E 221 -27.00 -9.33 31.84
C PRO E 221 -26.88 -10.54 32.75
N LYS E 222 -26.02 -10.41 33.76
CA LYS E 222 -25.71 -11.52 34.65
C LYS E 222 -26.72 -11.60 35.79
N SER E 223 -26.89 -12.82 36.30
CA SER E 223 -27.79 -13.10 37.42
C SER E 223 -27.48 -12.23 38.63
N PRO F 2 24.46 -2.36 27.65
CA PRO F 2 24.06 -1.02 28.10
C PRO F 2 22.61 -0.71 27.74
N VAL F 3 21.85 -0.17 28.69
CA VAL F 3 20.43 0.11 28.51
C VAL F 3 20.24 1.62 28.37
N LEU F 4 19.60 2.04 27.29
CA LEU F 4 19.21 3.43 27.09
C LEU F 4 17.76 3.60 27.48
N THR F 5 17.49 4.50 28.41
CA THR F 5 16.14 4.72 28.94
C THR F 5 15.54 5.97 28.31
N GLN F 6 14.45 5.80 27.58
CA GLN F 6 13.63 6.90 27.07
C GLN F 6 12.30 6.92 27.79
N PRO F 7 11.74 8.10 28.04
CA PRO F 7 10.38 8.17 28.60
C PRO F 7 9.39 7.49 27.67
N PRO F 8 8.51 6.65 28.22
CA PRO F 8 7.59 5.89 27.35
C PRO F 8 6.70 6.79 26.49
N SER F 9 6.37 7.99 26.98
CA SER F 9 5.52 8.89 26.22
C SER F 9 5.89 10.33 26.54
N SER F 10 5.49 11.23 25.64
CA SER F 10 5.70 12.66 25.82
C SER F 10 4.70 13.39 24.93
N SER F 11 4.34 14.61 25.34
CA SER F 11 3.31 15.34 24.62
C SER F 11 3.59 16.83 24.66
N ALA F 12 3.19 17.52 23.60
CA ALA F 12 3.28 18.97 23.49
C ALA F 12 2.27 19.43 22.45
N SER F 13 1.91 20.70 22.54
CA SER F 13 0.90 21.25 21.65
C SER F 13 1.51 21.69 20.32
N PRO F 14 0.71 21.80 19.27
CA PRO F 14 1.24 22.29 17.99
C PRO F 14 1.82 23.68 18.12
N GLY F 15 2.88 23.93 17.36
CA GLY F 15 3.62 25.18 17.41
C GLY F 15 4.63 25.27 18.53
N GLU F 16 4.55 24.42 19.53
CA GLU F 16 5.48 24.42 20.65
C GLU F 16 6.76 23.69 20.25
N SER F 17 7.61 23.41 21.23
CA SER F 17 8.86 22.69 21.02
C SER F 17 8.87 21.45 21.90
N ALA F 18 9.16 20.30 21.30
CA ALA F 18 9.25 19.03 22.02
C ALA F 18 10.70 18.69 22.28
N ARG F 19 10.98 18.18 23.49
CA ARG F 19 12.32 17.83 23.91
C ARG F 19 12.32 16.38 24.38
N LEU F 20 12.88 15.50 23.56
CA LEU F 20 12.95 14.07 23.86
C LEU F 20 14.35 13.71 24.32
N THR F 21 14.44 12.96 25.41
CA THR F 21 15.71 12.66 26.06
C THR F 21 16.07 11.19 25.87
N CYS F 22 17.37 10.92 25.88
CA CYS F 22 17.90 9.55 25.78
C CYS F 22 19.05 9.45 26.78
N THR F 23 18.78 8.86 27.93
CA THR F 23 19.75 8.82 29.03
C THR F 23 20.56 7.54 28.97
N LEU F 24 21.87 7.67 29.13
CA LEU F 24 22.83 6.57 29.09
C LEU F 24 23.18 6.10 30.49
N PRO F 25 23.67 4.87 30.64
CA PRO F 25 24.09 4.39 31.97
C PRO F 25 25.24 5.22 32.52
N SER F 26 25.52 5.01 33.81
CA SER F 26 26.50 5.81 34.52
C SER F 26 27.94 5.45 34.19
N ASP F 27 28.17 4.28 33.58
CA ASP F 27 29.53 3.84 33.29
C ASP F 27 30.00 4.22 31.89
N ILE F 28 29.18 4.94 31.12
CA ILE F 28 29.57 5.48 29.83
C ILE F 28 29.14 6.94 29.77
N SER F 29 29.68 7.66 28.78
CA SER F 29 29.46 9.09 28.65
C SER F 29 28.87 9.41 27.29
N VAL F 30 27.92 10.34 27.26
CA VAL F 30 27.30 10.76 26.00
C VAL F 30 28.31 11.43 25.10
N SER F 31 29.35 12.04 25.68
CA SER F 31 30.34 12.76 24.89
C SER F 31 31.15 11.84 23.97
N SER F 32 31.09 10.53 24.20
CA SER F 32 31.94 9.61 23.46
C SER F 32 31.34 9.15 22.13
N TYR F 33 30.01 9.15 22.00
CA TYR F 33 29.35 8.44 20.93
C TYR F 33 28.55 9.37 20.03
N ASN F 34 28.46 8.98 18.76
CA ASN F 34 27.43 9.51 17.88
C ASN F 34 26.07 9.02 18.35
N ILE F 35 25.09 9.91 18.40
CA ILE F 35 23.76 9.60 18.89
C ILE F 35 22.80 9.67 17.72
N TYR F 36 22.30 8.52 17.30
CA TYR F 36 21.31 8.45 16.23
C TYR F 36 19.92 8.76 16.79
N TRP F 37 19.05 9.27 15.92
CA TRP F 37 17.65 9.49 16.28
C TRP F 37 16.78 9.05 15.12
N TYR F 38 15.75 8.26 15.42
CA TYR F 38 14.86 7.71 14.41
C TYR F 38 13.43 8.11 14.69
N GLN F 39 12.64 8.26 13.63
CA GLN F 39 11.20 8.49 13.73
C GLN F 39 10.51 7.37 12.97
N GLN F 40 9.62 6.65 13.66
CA GLN F 40 8.88 5.56 13.03
C GLN F 40 7.39 5.72 13.32
N LYS F 41 6.59 5.65 12.27
CA LYS F 41 5.15 5.69 12.28
C LYS F 41 4.59 4.31 11.97
N PRO F 42 3.37 4.00 12.41
CA PRO F 42 2.86 2.62 12.27
C PRO F 42 2.86 2.14 10.83
N GLY F 43 3.12 0.85 10.66
CA GLY F 43 3.13 0.22 9.36
C GLY F 43 4.29 0.59 8.47
N SER F 44 5.31 1.26 9.00
CA SER F 44 6.45 1.71 8.22
C SER F 44 7.74 1.48 9.00
N PRO F 45 8.85 1.29 8.32
CA PRO F 45 10.13 1.10 9.02
C PRO F 45 10.59 2.39 9.66
N PRO F 46 11.54 2.32 10.61
CA PRO F 46 12.08 3.54 11.20
C PRO F 46 12.77 4.40 10.14
N ARG F 47 12.67 5.71 10.33
CA ARG F 47 13.25 6.68 9.41
C ARG F 47 14.31 7.49 10.13
N PHE F 48 15.49 7.59 9.51
CA PHE F 48 16.62 8.29 10.12
C PHE F 48 16.35 9.79 10.13
N LEU F 49 16.36 10.39 11.32
CA LEU F 49 16.19 11.83 11.45
C LEU F 49 17.52 12.56 11.36
N LEU F 50 18.44 12.26 12.26
CA LEU F 50 19.75 12.91 12.29
C LEU F 50 20.63 12.16 13.27
N TYR F 51 21.91 12.55 13.29
CA TYR F 51 22.85 12.09 14.30
C TYR F 51 23.57 13.29 14.88
N TYR F 52 23.93 13.19 16.16
CA TYR F 52 24.62 14.28 16.83
C TYR F 52 25.75 13.73 17.68
N TYR F 53 26.95 14.24 17.45
CA TYR F 53 28.10 14.03 18.33
C TYR F 53 28.59 15.33 18.95
N SER F 54 28.62 16.40 18.18
CA SER F 54 28.96 17.72 18.68
C SER F 54 28.44 18.74 17.68
N ASP F 55 28.71 20.02 17.94
CA ASP F 55 28.28 21.07 17.04
C ASP F 55 29.07 21.11 15.75
N SER F 56 30.20 20.41 15.69
CA SER F 56 31.00 20.31 14.46
C SER F 56 30.97 18.92 13.85
N ASP F 57 30.54 17.91 14.58
CA ASP F 57 30.38 16.55 14.07
C ASP F 57 28.90 16.17 14.22
N LYS F 58 28.12 16.51 13.21
CA LYS F 58 26.69 16.21 13.21
C LYS F 58 26.21 16.14 11.78
N GLY F 59 25.08 15.49 11.58
CA GLY F 59 24.54 15.31 10.24
C GLY F 59 23.04 15.18 10.30
N GLN F 60 22.39 15.61 9.21
CA GLN F 60 20.94 15.60 9.08
C GLN F 60 20.51 14.56 8.06
N GLY F 61 19.38 13.93 8.32
CA GLY F 61 18.88 12.92 7.41
C GLY F 61 18.37 13.52 6.11
N SER F 62 18.16 12.65 5.13
CA SER F 62 17.66 13.08 3.84
C SER F 62 16.18 13.46 3.96
N GLY F 63 15.86 14.70 3.58
CA GLY F 63 14.48 15.13 3.56
C GLY F 63 13.85 15.35 4.91
N VAL F 64 14.64 15.47 5.98
CA VAL F 64 14.12 15.79 7.30
C VAL F 64 14.28 17.29 7.51
N PRO F 65 13.24 18.00 7.93
CA PRO F 65 13.34 19.45 8.05
C PRO F 65 14.26 19.86 9.20
N SER F 66 14.71 21.11 9.13
CA SER F 66 15.61 21.64 10.15
C SER F 66 14.92 21.90 11.49
N ARG F 67 13.60 21.67 11.57
CA ARG F 67 12.94 21.70 12.87
C ARG F 67 13.54 20.67 13.81
N PHE F 68 13.97 19.52 13.28
CA PHE F 68 14.61 18.49 14.08
C PHE F 68 16.09 18.83 14.28
N SER F 69 16.52 18.86 15.53
CA SER F 69 17.91 19.12 15.86
C SER F 69 18.28 18.31 17.09
N GLY F 70 19.58 18.07 17.25
CA GLY F 70 20.07 17.26 18.34
C GLY F 70 21.10 18.00 19.17
N SER F 71 21.27 17.51 20.41
CA SER F 71 22.24 18.07 21.33
C SER F 71 22.49 17.05 22.44
N LYS F 72 23.42 17.36 23.33
CA LYS F 72 23.74 16.53 24.48
C LYS F 72 23.72 17.38 25.74
N ASP F 73 23.48 16.70 26.87
CA ASP F 73 23.56 17.31 28.19
C ASP F 73 24.47 16.44 29.04
N ALA F 74 25.68 16.94 29.34
CA ALA F 74 26.67 16.12 30.02
C ALA F 74 26.30 15.87 31.48
N SER F 75 25.73 16.86 32.16
CA SER F 75 25.41 16.71 33.57
C SER F 75 24.40 15.59 33.79
N ASP F 76 23.45 15.44 32.87
CA ASP F 76 22.45 14.38 32.96
C ASP F 76 22.81 13.15 32.14
N ASN F 77 23.90 13.21 31.37
CA ASN F 77 24.35 12.08 30.54
C ASN F 77 23.26 11.65 29.55
N THR F 78 22.67 12.65 28.88
CA THR F 78 21.50 12.45 28.04
C THR F 78 21.78 12.90 26.62
N GLY F 79 21.30 12.10 25.66
CA GLY F 79 21.16 12.55 24.29
C GLY F 79 19.78 13.16 24.10
N ILE F 80 19.74 14.27 23.36
CA ILE F 80 18.53 15.09 23.28
C ILE F 80 18.17 15.31 21.82
N LEU F 81 16.90 15.11 21.50
CA LEU F 81 16.32 15.47 20.20
C LEU F 81 15.31 16.59 20.43
N LEU F 82 15.54 17.73 19.78
CA LEU F 82 14.68 18.90 19.93
C LEU F 82 13.89 19.10 18.63
N ILE F 83 12.57 19.16 18.75
CA ILE F 83 11.68 19.41 17.63
C ILE F 83 10.96 20.72 17.91
N SER F 84 11.35 21.78 17.20
CA SER F 84 10.76 23.09 17.36
C SER F 84 9.70 23.32 16.28
N GLY F 85 8.70 24.13 16.63
CA GLY F 85 7.56 24.33 15.74
C GLY F 85 6.84 23.02 15.49
N LEU F 86 6.39 22.38 16.57
CA LEU F 86 5.80 21.05 16.48
C LEU F 86 4.58 21.05 15.56
N GLN F 87 4.51 20.05 14.69
CA GLN F 87 3.43 19.90 13.74
C GLN F 87 2.71 18.57 13.97
N SER F 88 1.50 18.48 13.41
CA SER F 88 0.75 17.23 13.51
C SER F 88 1.47 16.09 12.83
N GLU F 89 2.32 16.39 11.85
CA GLU F 89 3.08 15.37 11.15
C GLU F 89 4.08 14.65 12.06
N ASP F 90 4.43 15.25 13.20
CA ASP F 90 5.50 14.75 14.04
C ASP F 90 5.03 13.75 15.11
N GLU F 91 3.74 13.46 15.17
CA GLU F 91 3.24 12.45 16.12
C GLU F 91 3.67 11.07 15.66
N ALA F 92 4.65 10.48 16.36
CA ALA F 92 5.18 9.17 16.02
C ALA F 92 6.03 8.69 17.19
N ASP F 93 6.64 7.53 17.00
CA ASP F 93 7.61 7.00 17.97
C ASP F 93 9.01 7.47 17.60
N TYR F 94 9.82 7.70 18.63
CA TYR F 94 11.17 8.22 18.44
C TYR F 94 12.16 7.35 19.22
N TYR F 95 13.15 6.83 18.52
CA TYR F 95 14.17 5.96 19.11
C TYR F 95 15.54 6.63 19.02
N CYS F 96 16.36 6.42 20.04
CA CYS F 96 17.75 6.80 20.02
C CYS F 96 18.63 5.56 19.89
N MET F 97 19.84 5.76 19.38
CA MET F 97 20.74 4.64 19.15
C MET F 97 22.19 5.10 19.29
N ILE F 98 23.00 4.28 19.94
CA ILE F 98 24.43 4.50 20.04
C ILE F 98 25.14 3.24 19.57
N TRP F 99 26.35 3.42 19.00
CA TRP F 99 27.12 2.35 18.40
C TRP F 99 28.49 2.28 19.07
N PRO F 100 28.54 1.83 20.33
CA PRO F 100 29.82 1.84 21.06
C PRO F 100 30.74 0.70 20.67
N SER F 101 30.15 -0.45 20.39
CA SER F 101 30.88 -1.66 20.04
C SER F 101 30.11 -2.32 18.91
N ASN F 102 30.39 -3.60 18.65
CA ASN F 102 29.69 -4.30 17.57
C ASN F 102 28.26 -4.60 18.00
N ALA F 103 27.44 -3.56 18.12
CA ALA F 103 26.04 -3.69 18.51
C ALA F 103 25.32 -2.36 18.31
N TRP F 104 24.11 -2.42 17.77
CA TRP F 104 23.22 -1.26 17.73
C TRP F 104 22.35 -1.29 18.98
N VAL F 105 22.55 -0.32 19.86
CA VAL F 105 21.82 -0.26 21.13
C VAL F 105 20.75 0.81 21.02
N PHE F 106 19.49 0.38 21.08
CA PHE F 106 18.35 1.29 20.95
C PHE F 106 17.74 1.59 22.31
N GLY F 107 17.21 2.79 22.44
CA GLY F 107 16.37 3.12 23.57
C GLY F 107 14.99 2.48 23.42
N GLY F 108 14.24 2.49 24.52
CA GLY F 108 12.92 1.87 24.52
C GLY F 108 11.94 2.53 23.58
N GLY F 109 12.18 3.76 23.18
CA GLY F 109 11.26 4.47 22.32
C GLY F 109 10.33 5.38 23.10
N THR F 110 9.97 6.50 22.47
CA THR F 110 9.10 7.50 23.09
C THR F 110 7.95 7.81 22.14
N LYS F 111 6.72 7.59 22.60
CA LYS F 111 5.53 7.94 21.83
C LYS F 111 5.24 9.42 22.05
N LEU F 112 5.55 10.24 21.06
CA LEU F 112 5.31 11.68 21.14
C LEU F 112 3.93 11.99 20.56
N THR F 113 3.09 12.63 21.36
CA THR F 113 1.74 13.01 20.96
C THR F 113 1.69 14.52 20.79
N VAL F 114 1.48 14.97 19.55
CA VAL F 114 1.14 16.37 19.33
C VAL F 114 -0.27 16.59 19.84
N LEU F 115 -0.41 17.44 20.87
CA LEU F 115 -1.67 17.54 21.59
C LEU F 115 -2.74 18.19 20.73
N GLY F 116 -3.54 17.37 20.04
CA GLY F 116 -4.62 17.87 19.23
C GLY F 116 -5.75 18.45 20.04
N GLN F 117 -6.44 17.59 20.79
CA GLN F 117 -7.58 17.97 21.61
C GLN F 117 -7.52 17.20 22.93
N PRO F 118 -8.01 17.81 24.03
CA PRO F 118 -7.34 17.66 25.32
C PRO F 118 -7.71 16.42 26.13
N LYS F 119 -6.73 15.52 26.28
CA LYS F 119 -6.34 14.91 27.55
C LYS F 119 -7.53 14.41 28.40
N ALA F 120 -8.16 13.34 27.92
CA ALA F 120 -9.14 12.63 28.74
C ALA F 120 -8.49 11.50 29.53
N ALA F 121 -9.04 11.24 30.73
CA ALA F 121 -8.59 10.14 31.59
C ALA F 121 -9.33 8.86 31.21
N PRO F 122 -8.72 7.70 31.45
CA PRO F 122 -9.30 6.45 30.95
C PRO F 122 -10.40 5.87 31.83
N SER F 123 -11.32 5.17 31.20
CA SER F 123 -12.36 4.42 31.87
C SER F 123 -12.03 2.93 31.80
N VAL F 124 -12.01 2.27 32.95
CA VAL F 124 -11.58 0.88 33.07
C VAL F 124 -12.76 0.01 33.43
N THR F 125 -12.88 -1.14 32.76
CA THR F 125 -13.88 -2.14 33.08
C THR F 125 -13.21 -3.50 33.02
N LEU F 126 -13.26 -4.24 34.12
CA LEU F 126 -12.66 -5.57 34.21
C LEU F 126 -13.77 -6.62 34.24
N PHE F 127 -13.68 -7.58 33.32
CA PHE F 127 -14.70 -8.62 33.24
C PHE F 127 -14.18 -9.92 33.82
N PRO F 128 -14.90 -10.54 34.74
CA PRO F 128 -14.52 -11.88 35.22
C PRO F 128 -14.78 -12.91 34.15
N PRO F 129 -14.30 -14.15 34.34
CA PRO F 129 -14.63 -15.21 33.37
C PRO F 129 -16.12 -15.48 33.34
N SER F 130 -16.68 -15.51 32.14
CA SER F 130 -18.07 -15.92 31.98
C SER F 130 -18.21 -17.40 32.33
N SER F 131 -19.41 -17.77 32.77
CA SER F 131 -19.64 -19.15 33.17
C SER F 131 -19.49 -20.12 32.01
N GLU F 132 -19.76 -19.66 30.78
CA GLU F 132 -19.60 -20.53 29.62
C GLU F 132 -18.14 -20.87 29.39
N GLU F 133 -17.24 -19.91 29.59
CA GLU F 133 -15.81 -20.19 29.45
C GLU F 133 -15.31 -21.08 30.57
N LEU F 134 -15.83 -20.88 31.80
CA LEU F 134 -15.42 -21.70 32.92
C LEU F 134 -15.83 -23.15 32.72
N GLN F 135 -17.00 -23.38 32.14
CA GLN F 135 -17.44 -24.74 31.83
C GLN F 135 -16.62 -25.35 30.71
N ALA F 136 -15.99 -24.53 29.86
CA ALA F 136 -15.02 -25.00 28.89
C ALA F 136 -13.65 -25.23 29.50
N ASN F 137 -13.55 -25.21 30.83
CA ASN F 137 -12.29 -25.42 31.56
C ASN F 137 -11.25 -24.37 31.18
N LYS F 138 -11.69 -23.13 30.98
CA LYS F 138 -10.80 -22.01 30.70
C LYS F 138 -11.29 -20.80 31.48
N ALA F 139 -10.38 -19.84 31.66
CA ALA F 139 -10.69 -18.63 32.41
C ALA F 139 -9.83 -17.49 31.88
N THR F 140 -10.47 -16.43 31.39
CA THR F 140 -9.78 -15.26 30.89
C THR F 140 -10.39 -14.01 31.48
N LEU F 141 -9.56 -13.17 32.09
CA LEU F 141 -9.97 -11.85 32.56
C LEU F 141 -9.75 -10.84 31.45
N VAL F 142 -10.74 -9.98 31.23
CA VAL F 142 -10.69 -8.99 30.16
C VAL F 142 -10.74 -7.60 30.79
N CYS F 143 -9.68 -6.83 30.59
CA CYS F 143 -9.60 -5.46 31.07
C CYS F 143 -9.76 -4.52 29.89
N LEU F 144 -10.77 -3.65 29.96
CA LEU F 144 -11.13 -2.78 28.85
C LEU F 144 -10.91 -1.33 29.24
N ILE F 145 -9.99 -0.67 28.55
CA ILE F 145 -9.64 0.73 28.79
C ILE F 145 -10.12 1.54 27.60
N SER F 146 -10.86 2.62 27.86
CA SER F 146 -11.49 3.36 26.79
C SER F 146 -11.53 4.85 27.13
N ASP F 147 -11.62 5.65 26.07
CA ASP F 147 -11.86 7.09 26.17
C ASP F 147 -10.75 7.80 26.94
N PHE F 148 -9.51 7.60 26.52
CA PHE F 148 -8.36 8.27 27.11
C PHE F 148 -7.51 8.92 26.03
N TYR F 149 -6.80 9.98 26.42
CA TYR F 149 -5.95 10.75 25.54
C TYR F 149 -4.94 11.42 26.44
N PRO F 150 -3.64 11.40 26.09
CA PRO F 150 -3.01 10.78 24.92
C PRO F 150 -3.11 9.26 24.92
N GLY F 151 -2.84 8.65 23.76
CA GLY F 151 -2.95 7.21 23.62
C GLY F 151 -1.75 6.45 24.13
N ALA F 152 -1.52 6.49 25.45
CA ALA F 152 -0.41 5.78 26.06
C ALA F 152 -0.87 5.28 27.42
N VAL F 153 -0.74 3.97 27.66
CA VAL F 153 -1.20 3.35 28.89
C VAL F 153 -0.20 2.30 29.34
N THR F 154 -0.09 2.14 30.66
CA THR F 154 0.70 1.07 31.27
C THR F 154 -0.26 0.15 32.01
N VAL F 155 -0.26 -1.13 31.65
CA VAL F 155 -1.19 -2.11 32.21
C VAL F 155 -0.41 -3.02 33.15
N ALA F 156 -0.91 -3.18 34.37
CA ALA F 156 -0.31 -4.05 35.37
C ALA F 156 -1.40 -4.92 35.98
N TRP F 157 -1.12 -6.22 36.08
CA TRP F 157 -2.04 -7.18 36.67
C TRP F 157 -1.52 -7.62 38.03
N LYS F 158 -2.45 -7.84 38.96
CA LYS F 158 -2.10 -8.25 40.32
C LYS F 158 -3.04 -9.35 40.78
N ALA F 159 -2.48 -10.41 41.37
CA ALA F 159 -3.24 -11.49 41.99
C ALA F 159 -3.02 -11.41 43.49
N ASP F 160 -4.07 -11.03 44.23
CA ASP F 160 -3.99 -10.84 45.67
C ASP F 160 -2.85 -9.87 46.03
N SER F 161 -2.89 -8.70 45.40
CA SER F 161 -1.94 -7.59 45.60
C SER F 161 -0.51 -7.97 45.26
N SER F 162 -0.28 -9.06 44.55
CA SER F 162 1.04 -9.40 44.05
C SER F 162 1.04 -9.38 42.54
N PRO F 163 2.02 -8.76 41.89
CA PRO F 163 1.95 -8.55 40.44
C PRO F 163 2.05 -9.86 39.67
N VAL F 164 1.36 -9.90 38.53
CA VAL F 164 1.35 -11.06 37.64
C VAL F 164 1.91 -10.63 36.30
N LYS F 165 2.87 -11.39 35.79
CA LYS F 165 3.45 -11.16 34.48
C LYS F 165 3.11 -12.22 33.45
N ALA F 166 2.98 -13.47 33.87
CA ALA F 166 2.72 -14.57 32.95
C ALA F 166 1.25 -14.58 32.52
N GLY F 167 1.03 -14.89 31.25
CA GLY F 167 -0.31 -15.00 30.73
C GLY F 167 -1.02 -13.69 30.47
N VAL F 168 -0.26 -12.62 30.22
CA VAL F 168 -0.83 -11.30 29.99
C VAL F 168 -0.64 -10.92 28.54
N GLU F 169 -1.72 -10.54 27.88
CA GLU F 169 -1.68 -10.02 26.52
C GLU F 169 -2.37 -8.66 26.51
N THR F 170 -1.68 -7.66 25.95
CA THR F 170 -2.20 -6.30 25.90
C THR F 170 -2.03 -5.74 24.49
N THR F 171 -3.07 -5.08 24.00
CA THR F 171 -3.05 -4.49 22.67
C THR F 171 -2.51 -3.06 22.72
N THR F 172 -2.00 -2.62 21.58
CA THR F 172 -1.58 -1.23 21.46
C THR F 172 -2.80 -0.32 21.46
N PRO F 173 -2.75 0.84 22.14
CA PRO F 173 -3.88 1.77 22.10
C PRO F 173 -4.31 2.12 20.68
N SER F 174 -5.58 1.86 20.36
CA SER F 174 -6.15 2.20 19.08
C SER F 174 -7.19 3.30 19.26
N LYS F 175 -7.37 4.10 18.22
CA LYS F 175 -8.25 5.25 18.29
C LYS F 175 -9.67 4.84 17.90
N GLN F 176 -10.60 5.02 18.82
CA GLN F 176 -12.00 4.75 18.54
C GLN F 176 -12.62 5.91 17.75
N SER F 177 -13.86 5.71 17.29
CA SER F 177 -14.55 6.71 16.48
C SER F 177 -14.73 8.04 17.20
N ASN F 178 -14.53 8.08 18.52
CA ASN F 178 -14.55 9.33 19.26
C ASN F 178 -13.26 10.13 19.10
N ASN F 179 -12.22 9.54 18.50
CA ASN F 179 -10.87 10.08 18.47
C ASN F 179 -10.29 10.22 19.88
N LYS F 180 -10.78 9.42 20.82
CA LYS F 180 -10.05 9.04 22.01
C LYS F 180 -9.49 7.64 21.77
N TYR F 181 -8.73 7.13 22.73
CA TYR F 181 -8.07 5.84 22.53
C TYR F 181 -8.69 4.77 23.40
N ALA F 182 -8.54 3.52 22.94
CA ALA F 182 -9.05 2.36 23.65
C ALA F 182 -8.00 1.26 23.59
N ALA F 183 -7.90 0.49 24.67
CA ALA F 183 -6.95 -0.60 24.76
C ALA F 183 -7.57 -1.75 25.55
N SER F 184 -7.09 -2.96 25.29
CA SER F 184 -7.59 -4.16 25.95
C SER F 184 -6.43 -5.00 26.44
N SER F 185 -6.59 -5.56 27.64
CA SER F 185 -5.60 -6.46 28.22
C SER F 185 -6.30 -7.69 28.76
N TYR F 186 -5.68 -8.85 28.58
CA TYR F 186 -6.26 -10.13 28.98
C TYR F 186 -5.24 -10.91 29.79
N LEU F 187 -5.72 -11.52 30.88
CA LEU F 187 -4.92 -12.40 31.72
C LEU F 187 -5.56 -13.79 31.70
N SER F 188 -4.85 -14.75 31.11
CA SER F 188 -5.36 -16.11 30.99
C SER F 188 -5.03 -16.89 32.26
N LEU F 189 -6.04 -17.57 32.80
CA LEU F 189 -5.88 -18.37 34.00
C LEU F 189 -6.52 -19.74 33.79
N THR F 190 -6.06 -20.71 34.58
CA THR F 190 -6.82 -21.94 34.74
C THR F 190 -8.04 -21.66 35.62
N PRO F 191 -9.12 -22.42 35.45
CA PRO F 191 -10.28 -22.24 36.34
C PRO F 191 -9.93 -22.40 37.80
N GLU F 192 -8.89 -23.17 38.12
CA GLU F 192 -8.46 -23.32 39.50
C GLU F 192 -7.81 -22.05 40.01
N GLN F 193 -6.91 -21.46 39.21
CA GLN F 193 -6.26 -20.21 39.61
C GLN F 193 -7.28 -19.12 39.87
N TRP F 194 -8.37 -19.08 39.08
CA TRP F 194 -9.37 -18.04 39.26
C TRP F 194 -10.08 -18.18 40.60
N LYS F 195 -10.54 -19.38 40.94
CA LYS F 195 -11.24 -19.60 42.20
C LYS F 195 -10.31 -19.72 43.40
N SER F 196 -9.00 -19.89 43.18
CA SER F 196 -8.07 -20.07 44.28
C SER F 196 -7.72 -18.77 44.99
N HIS F 197 -7.95 -17.63 44.36
CA HIS F 197 -7.57 -16.34 44.92
C HIS F 197 -8.79 -15.58 45.40
N ARG F 198 -8.54 -14.57 46.24
CA ARG F 198 -9.62 -13.72 46.72
C ARG F 198 -10.05 -12.71 45.67
N SER F 199 -9.10 -12.15 44.93
CA SER F 199 -9.42 -11.15 43.92
C SER F 199 -8.27 -11.01 42.96
N TYR F 200 -8.59 -10.61 41.73
CA TYR F 200 -7.62 -10.20 40.74
C TYR F 200 -7.86 -8.74 40.39
N SER F 201 -6.80 -8.04 40.02
CA SER F 201 -6.87 -6.61 39.78
C SER F 201 -6.24 -6.24 38.44
N CYS F 202 -6.78 -5.20 37.82
CA CYS F 202 -6.22 -4.60 36.61
C CYS F 202 -5.91 -3.14 36.91
N GLN F 203 -4.65 -2.76 36.78
CA GLN F 203 -4.19 -1.40 37.03
C GLN F 203 -3.66 -0.81 35.73
N VAL F 204 -4.26 0.31 35.31
CA VAL F 204 -3.79 1.05 34.15
C VAL F 204 -3.28 2.40 34.62
N THR F 205 -2.18 2.85 34.01
CA THR F 205 -1.55 4.12 34.36
C THR F 205 -1.60 5.04 33.14
N HIS F 206 -2.10 6.26 33.35
CA HIS F 206 -2.23 7.23 32.27
C HIS F 206 -1.84 8.59 32.80
N GLU F 207 -0.79 9.18 32.22
CA GLU F 207 -0.28 10.50 32.63
C GLU F 207 0.07 10.51 34.11
N GLY F 208 0.77 9.46 34.55
CA GLY F 208 1.23 9.36 35.92
C GLY F 208 0.17 8.99 36.94
N SER F 209 -1.09 8.92 36.54
CA SER F 209 -2.18 8.58 37.46
C SER F 209 -2.69 7.18 37.16
N THR F 210 -3.02 6.45 38.22
CA THR F 210 -3.43 5.06 38.12
C THR F 210 -4.87 4.89 38.61
N VAL F 211 -5.65 4.08 37.89
CA VAL F 211 -6.99 3.70 38.29
C VAL F 211 -7.07 2.18 38.26
N GLU F 212 -7.59 1.59 39.33
CA GLU F 212 -7.56 0.15 39.52
C GLU F 212 -8.96 -0.42 39.66
N LYS F 213 -9.21 -1.55 39.00
CA LYS F 213 -10.46 -2.29 39.11
C LYS F 213 -10.15 -3.73 39.49
N THR F 214 -10.94 -4.27 40.41
CA THR F 214 -10.75 -5.63 40.90
C THR F 214 -12.06 -6.40 40.79
N VAL F 215 -11.94 -7.70 40.47
CA VAL F 215 -13.06 -8.61 40.45
C VAL F 215 -12.72 -9.81 41.33
N ALA F 216 -13.77 -10.49 41.79
CA ALA F 216 -13.61 -11.64 42.66
C ALA F 216 -14.55 -12.75 42.21
N PRO F 217 -14.13 -14.00 42.30
CA PRO F 217 -15.05 -15.12 42.03
C PRO F 217 -16.16 -15.25 43.05
N THR F 218 -16.16 -14.45 44.11
CA THR F 218 -17.17 -14.52 45.16
C THR F 218 -18.38 -13.64 44.83
N GLU F 219 -18.87 -13.77 43.61
CA GLU F 219 -20.07 -13.07 43.10
C GLU F 219 -20.18 -13.27 41.59
#